data_4UNV
# 
_entry.id   4UNV 
# 
_audit_conform.dict_name       mmcif_pdbx.dic 
_audit_conform.dict_version    5.398 
_audit_conform.dict_location   http://mmcif.pdb.org/dictionaries/ascii/mmcif_pdbx.dic 
# 
loop_
_database_2.database_id 
_database_2.database_code 
_database_2.pdbx_database_accession 
_database_2.pdbx_DOI 
PDB   4UNV         pdb_00004unv 10.2210/pdb4unv/pdb 
PDBE  EBI-58158    ?            ?                   
WWPDB D_1290058158 ?            ?                   
# 
loop_
_pdbx_audit_revision_history.ordinal 
_pdbx_audit_revision_history.data_content_type 
_pdbx_audit_revision_history.major_revision 
_pdbx_audit_revision_history.minor_revision 
_pdbx_audit_revision_history.revision_date 
1 'Structure model' 1 0 2014-08-27 
2 'Structure model' 1 1 2014-09-03 
3 'Structure model' 1 2 2014-10-15 
4 'Structure model' 1 3 2024-01-10 
5 'Structure model' 1 4 2024-11-13 
# 
_pdbx_audit_revision_details.ordinal             1 
_pdbx_audit_revision_details.revision_ordinal    1 
_pdbx_audit_revision_details.data_content_type   'Structure model' 
_pdbx_audit_revision_details.provider            repository 
_pdbx_audit_revision_details.type                'Initial release' 
_pdbx_audit_revision_details.description         ? 
_pdbx_audit_revision_details.details             ? 
# 
loop_
_pdbx_audit_revision_group.ordinal 
_pdbx_audit_revision_group.revision_ordinal 
_pdbx_audit_revision_group.data_content_type 
_pdbx_audit_revision_group.group 
1 2 'Structure model' 'Database references'    
2 3 'Structure model' 'Database references'    
3 4 'Structure model' 'Data collection'        
4 4 'Structure model' 'Database references'    
5 4 'Structure model' 'Derived calculations'   
6 4 'Structure model' Other                    
7 4 'Structure model' 'Refinement description' 
8 5 'Structure model' 'Structure summary'      
# 
loop_
_pdbx_audit_revision_category.ordinal 
_pdbx_audit_revision_category.revision_ordinal 
_pdbx_audit_revision_category.data_content_type 
_pdbx_audit_revision_category.category 
1 4 'Structure model' chem_comp_atom                
2 4 'Structure model' chem_comp_bond                
3 4 'Structure model' database_2                    
4 4 'Structure model' pdbx_database_status          
5 4 'Structure model' pdbx_initial_refinement_model 
6 4 'Structure model' struct_site                   
7 5 'Structure model' pdbx_entry_details            
8 5 'Structure model' pdbx_modification_feature     
# 
loop_
_pdbx_audit_revision_item.ordinal 
_pdbx_audit_revision_item.revision_ordinal 
_pdbx_audit_revision_item.data_content_type 
_pdbx_audit_revision_item.item 
1 4 'Structure model' '_database_2.pdbx_DOI'                 
2 4 'Structure model' '_database_2.pdbx_database_accession'  
3 4 'Structure model' '_pdbx_database_status.status_code_sf' 
4 4 'Structure model' '_struct_site.pdbx_auth_asym_id'       
5 4 'Structure model' '_struct_site.pdbx_auth_comp_id'       
6 4 'Structure model' '_struct_site.pdbx_auth_seq_id'        
# 
_pdbx_database_status.status_code                     REL 
_pdbx_database_status.entry_id                        4UNV 
_pdbx_database_status.deposit_site                    PDBE 
_pdbx_database_status.process_site                    PDBE 
_pdbx_database_status.SG_entry                        . 
_pdbx_database_status.recvd_initial_deposition_date   2014-05-30 
_pdbx_database_status.pdb_format_compatible           Y 
_pdbx_database_status.status_code_sf                  REL 
_pdbx_database_status.status_code_mr                  ? 
_pdbx_database_status.status_code_cs                  ? 
_pdbx_database_status.methods_development_category    ? 
_pdbx_database_status.status_code_nmr_data            ? 
# 
loop_
_pdbx_database_related.db_name 
_pdbx_database_related.db_id 
_pdbx_database_related.content_type 
_pdbx_database_related.details 
PDB 4UNT unspecified 'INDUCED MONOMER OF THE MCG VARIABLE DOMAIN' 
PDB 4UNU unspecified 'MCG - A DIMER OF LAMBDA VARIABLE DOMAINS'   
# 
loop_
_audit_author.name 
_audit_author.pdbx_ordinal 
'Brumshtein, B.'  1 
'Esswein, S.'     2 
'Landau, M.'      3 
'Ryan, C.'        4 
'Whitelegge, J.'  5 
'Sawaya, M.'      6 
'Eisenberg, D.S.' 7 
# 
_citation.id                        primary 
_citation.title                     'Formation of Amyloid Fibers by Monomeric Light-Chain Variable Domains.' 
_citation.journal_abbrev            J.Biol.Chem. 
_citation.journal_volume            289 
_citation.page_first                27513 
_citation.page_last                 ? 
_citation.year                      2014 
_citation.journal_id_ASTM           JBCHA3 
_citation.country                   US 
_citation.journal_id_ISSN           0021-9258 
_citation.journal_id_CSD            0071 
_citation.book_publisher            ? 
_citation.pdbx_database_id_PubMed   25138218 
_citation.pdbx_database_id_DOI      10.1074/JBC.M114.585638 
# 
loop_
_citation_author.citation_id 
_citation_author.name 
_citation_author.ordinal 
_citation_author.identifier_ORCID 
primary 'Brumshtein, B.'   1 ? 
primary 'Esswein, S.R.'    2 ? 
primary 'Landau, M.'       3 ? 
primary 'Ryan, C.M.'       4 ? 
primary 'Whitelegge, J.P.' 5 ? 
primary 'Phillips, M.L.'   6 ? 
primary 'Cascio, D.'       7 ? 
primary 'Sawaya, M.R.'     8 ? 
primary 'Eisenberg, D.S.'  9 ? 
# 
loop_
_entity.id 
_entity.type 
_entity.src_method 
_entity.pdbx_description 
_entity.formula_weight 
_entity.pdbx_number_of_molecules 
_entity.pdbx_ec 
_entity.pdbx_mutation 
_entity.pdbx_fragment 
_entity.details 
1 polymer     man 'IG LAMBDA CHAIN V-II REGION MGC' 11553.544 1   ? YES 'LIGHT-CHAIN VARIABLE DOMAIN, RESIDUES 1-110' ? 
2 non-polymer syn 'SULFATE ION'                     96.063    2   ? ?   ?                                             ? 
3 water       nat water                             18.015    113 ? ?   ?                                             ? 
# 
_entity_poly.entity_id                      1 
_entity_poly.type                           'polypeptide(L)' 
_entity_poly.nstd_linkage                   no 
_entity_poly.nstd_monomer                   no 
_entity_poly.pdbx_seq_one_letter_code       
;GQSALTQPPSASGSLGQSVTISCTGTSSDVGGYNYVSWYQQHAGKCPKVIIYEVNKRPSGVPDRFSGSKSGNTASLTVSG
LQAEDEADYYCSSYEGSDNFVCGTGTKVTVL
;
_entity_poly.pdbx_seq_one_letter_code_can   
;GQSALTQPPSASGSLGQSVTISCTGTSSDVGGYNYVSWYQQHAGKCPKVIIYEVNKRPSGVPDRFSGSKSGNTASLTVSG
LQAEDEADYYCSSYEGSDNFVCGTGTKVTVL
;
_entity_poly.pdbx_strand_id                 A 
_entity_poly.pdbx_target_identifier         ? 
# 
loop_
_pdbx_entity_nonpoly.entity_id 
_pdbx_entity_nonpoly.name 
_pdbx_entity_nonpoly.comp_id 
2 'SULFATE ION' SO4 
3 water         HOH 
# 
loop_
_entity_poly_seq.entity_id 
_entity_poly_seq.num 
_entity_poly_seq.mon_id 
_entity_poly_seq.hetero 
1 1   GLY n 
1 2   GLN n 
1 3   SER n 
1 4   ALA n 
1 5   LEU n 
1 6   THR n 
1 7   GLN n 
1 8   PRO n 
1 9   PRO n 
1 10  SER n 
1 11  ALA n 
1 12  SER n 
1 13  GLY n 
1 14  SER n 
1 15  LEU n 
1 16  GLY n 
1 17  GLN n 
1 18  SER n 
1 19  VAL n 
1 20  THR n 
1 21  ILE n 
1 22  SER n 
1 23  CYS n 
1 24  THR n 
1 25  GLY n 
1 26  THR n 
1 27  SER n 
1 28  SER n 
1 29  ASP n 
1 30  VAL n 
1 31  GLY n 
1 32  GLY n 
1 33  TYR n 
1 34  ASN n 
1 35  TYR n 
1 36  VAL n 
1 37  SER n 
1 38  TRP n 
1 39  TYR n 
1 40  GLN n 
1 41  GLN n 
1 42  HIS n 
1 43  ALA n 
1 44  GLY n 
1 45  LYS n 
1 46  CYS n 
1 47  PRO n 
1 48  LYS n 
1 49  VAL n 
1 50  ILE n 
1 51  ILE n 
1 52  TYR n 
1 53  GLU n 
1 54  VAL n 
1 55  ASN n 
1 56  LYS n 
1 57  ARG n 
1 58  PRO n 
1 59  SER n 
1 60  GLY n 
1 61  VAL n 
1 62  PRO n 
1 63  ASP n 
1 64  ARG n 
1 65  PHE n 
1 66  SER n 
1 67  GLY n 
1 68  SER n 
1 69  LYS n 
1 70  SER n 
1 71  GLY n 
1 72  ASN n 
1 73  THR n 
1 74  ALA n 
1 75  SER n 
1 76  LEU n 
1 77  THR n 
1 78  VAL n 
1 79  SER n 
1 80  GLY n 
1 81  LEU n 
1 82  GLN n 
1 83  ALA n 
1 84  GLU n 
1 85  ASP n 
1 86  GLU n 
1 87  ALA n 
1 88  ASP n 
1 89  TYR n 
1 90  TYR n 
1 91  CYS n 
1 92  SER n 
1 93  SER n 
1 94  TYR n 
1 95  GLU n 
1 96  GLY n 
1 97  SER n 
1 98  ASP n 
1 99  ASN n 
1 100 PHE n 
1 101 VAL n 
1 102 CYS n 
1 103 GLY n 
1 104 THR n 
1 105 GLY n 
1 106 THR n 
1 107 LYS n 
1 108 VAL n 
1 109 THR n 
1 110 VAL n 
1 111 LEU n 
# 
_entity_src_gen.entity_id                          1 
_entity_src_gen.pdbx_src_id                        1 
_entity_src_gen.pdbx_alt_source_flag               sample 
_entity_src_gen.pdbx_seq_type                      ? 
_entity_src_gen.pdbx_beg_seq_num                   ? 
_entity_src_gen.pdbx_end_seq_num                   ? 
_entity_src_gen.gene_src_common_name               HUMAN 
_entity_src_gen.gene_src_genus                     ? 
_entity_src_gen.pdbx_gene_src_gene                 ? 
_entity_src_gen.gene_src_species                   ? 
_entity_src_gen.gene_src_strain                    ? 
_entity_src_gen.gene_src_tissue                    BLOOD 
_entity_src_gen.gene_src_tissue_fraction           ? 
_entity_src_gen.gene_src_details                   ? 
_entity_src_gen.pdbx_gene_src_fragment             ? 
_entity_src_gen.pdbx_gene_src_scientific_name      'HOMO SAPIENS' 
_entity_src_gen.pdbx_gene_src_ncbi_taxonomy_id     9606 
_entity_src_gen.pdbx_gene_src_variant              ? 
_entity_src_gen.pdbx_gene_src_cell_line            ? 
_entity_src_gen.pdbx_gene_src_atcc                 ? 
_entity_src_gen.pdbx_gene_src_organ                ? 
_entity_src_gen.pdbx_gene_src_organelle            ? 
_entity_src_gen.pdbx_gene_src_cell                 ? 
_entity_src_gen.pdbx_gene_src_cellular_location    ? 
_entity_src_gen.host_org_common_name               ? 
_entity_src_gen.pdbx_host_org_scientific_name      'ESCHERICHIA COLI' 
_entity_src_gen.pdbx_host_org_ncbi_taxonomy_id     469008 
_entity_src_gen.host_org_genus                     ? 
_entity_src_gen.pdbx_host_org_gene                 ? 
_entity_src_gen.pdbx_host_org_organ                ? 
_entity_src_gen.host_org_species                   ? 
_entity_src_gen.pdbx_host_org_tissue               ? 
_entity_src_gen.pdbx_host_org_tissue_fraction      ? 
_entity_src_gen.pdbx_host_org_strain               'BL21(DE3)' 
_entity_src_gen.pdbx_host_org_variant              ? 
_entity_src_gen.pdbx_host_org_cell_line            ? 
_entity_src_gen.pdbx_host_org_atcc                 ? 
_entity_src_gen.pdbx_host_org_culture_collection   ? 
_entity_src_gen.pdbx_host_org_cell                 ? 
_entity_src_gen.pdbx_host_org_organelle            ? 
_entity_src_gen.pdbx_host_org_cellular_location    ? 
_entity_src_gen.pdbx_host_org_vector_type          PLASMID 
_entity_src_gen.pdbx_host_org_vector               PET26B 
_entity_src_gen.host_org_details                   ? 
_entity_src_gen.expression_system_id               ? 
_entity_src_gen.plasmid_name                       ? 
_entity_src_gen.plasmid_details                    ? 
_entity_src_gen.pdbx_description                   ? 
# 
loop_
_chem_comp.id 
_chem_comp.type 
_chem_comp.mon_nstd_flag 
_chem_comp.name 
_chem_comp.pdbx_synonyms 
_chem_comp.formula 
_chem_comp.formula_weight 
ALA 'L-peptide linking' y ALANINE         ? 'C3 H7 N O2'     89.093  
ARG 'L-peptide linking' y ARGININE        ? 'C6 H15 N4 O2 1' 175.209 
ASN 'L-peptide linking' y ASPARAGINE      ? 'C4 H8 N2 O3'    132.118 
ASP 'L-peptide linking' y 'ASPARTIC ACID' ? 'C4 H7 N O4'     133.103 
CYS 'L-peptide linking' y CYSTEINE        ? 'C3 H7 N O2 S'   121.158 
GLN 'L-peptide linking' y GLUTAMINE       ? 'C5 H10 N2 O3'   146.144 
GLU 'L-peptide linking' y 'GLUTAMIC ACID' ? 'C5 H9 N O4'     147.129 
GLY 'peptide linking'   y GLYCINE         ? 'C2 H5 N O2'     75.067  
HIS 'L-peptide linking' y HISTIDINE       ? 'C6 H10 N3 O2 1' 156.162 
HOH non-polymer         . WATER           ? 'H2 O'           18.015  
ILE 'L-peptide linking' y ISOLEUCINE      ? 'C6 H13 N O2'    131.173 
LEU 'L-peptide linking' y LEUCINE         ? 'C6 H13 N O2'    131.173 
LYS 'L-peptide linking' y LYSINE          ? 'C6 H15 N2 O2 1' 147.195 
PHE 'L-peptide linking' y PHENYLALANINE   ? 'C9 H11 N O2'    165.189 
PRO 'L-peptide linking' y PROLINE         ? 'C5 H9 N O2'     115.130 
SER 'L-peptide linking' y SERINE          ? 'C3 H7 N O3'     105.093 
SO4 non-polymer         . 'SULFATE ION'   ? 'O4 S -2'        96.063  
THR 'L-peptide linking' y THREONINE       ? 'C4 H9 N O3'     119.119 
TRP 'L-peptide linking' y TRYPTOPHAN      ? 'C11 H12 N2 O2'  204.225 
TYR 'L-peptide linking' y TYROSINE        ? 'C9 H11 N O3'    181.189 
VAL 'L-peptide linking' y VALINE          ? 'C5 H11 N O2'    117.146 
# 
loop_
_pdbx_poly_seq_scheme.asym_id 
_pdbx_poly_seq_scheme.entity_id 
_pdbx_poly_seq_scheme.seq_id 
_pdbx_poly_seq_scheme.mon_id 
_pdbx_poly_seq_scheme.ndb_seq_num 
_pdbx_poly_seq_scheme.pdb_seq_num 
_pdbx_poly_seq_scheme.auth_seq_num 
_pdbx_poly_seq_scheme.pdb_mon_id 
_pdbx_poly_seq_scheme.auth_mon_id 
_pdbx_poly_seq_scheme.pdb_strand_id 
_pdbx_poly_seq_scheme.pdb_ins_code 
_pdbx_poly_seq_scheme.hetero 
A 1 1   GLY 1   0   ?   ?   ?   A . n 
A 1 2   GLN 2   1   ?   ?   ?   A . n 
A 1 3   SER 3   2   ?   ?   ?   A . n 
A 1 4   ALA 4   3   3   ALA ALA A . n 
A 1 5   LEU 5   4   4   LEU LEU A . n 
A 1 6   THR 6   5   5   THR THR A . n 
A 1 7   GLN 7   6   6   GLN GLN A . n 
A 1 8   PRO 8   7   7   PRO PRO A . n 
A 1 9   PRO 9   8   8   PRO PRO A . n 
A 1 10  SER 10  9   9   SER SER A . n 
A 1 11  ALA 11  10  10  ALA ALA A . n 
A 1 12  SER 12  11  11  SER SER A . n 
A 1 13  GLY 13  12  12  GLY GLY A . n 
A 1 14  SER 14  13  13  SER SER A . n 
A 1 15  LEU 15  14  14  LEU LEU A . n 
A 1 16  GLY 16  15  15  GLY GLY A . n 
A 1 17  GLN 17  16  16  GLN GLN A . n 
A 1 18  SER 18  17  17  SER SER A . n 
A 1 19  VAL 19  18  18  VAL VAL A . n 
A 1 20  THR 20  19  19  THR THR A . n 
A 1 21  ILE 21  20  20  ILE ILE A . n 
A 1 22  SER 22  21  21  SER SER A . n 
A 1 23  CYS 23  22  22  CYS CYS A . n 
A 1 24  THR 24  23  23  THR THR A . n 
A 1 25  GLY 25  24  24  GLY GLY A . n 
A 1 26  THR 26  25  25  THR THR A . n 
A 1 27  SER 27  26  26  SER SER A . n 
A 1 28  SER 28  27  27  SER SER A . n 
A 1 29  ASP 29  28  28  ASP ASP A . n 
A 1 30  VAL 30  29  29  VAL VAL A . n 
A 1 31  GLY 31  30  30  GLY GLY A . n 
A 1 32  GLY 32  31  31  GLY GLY A . n 
A 1 33  TYR 33  32  32  TYR TYR A . n 
A 1 34  ASN 34  33  33  ASN ASN A . n 
A 1 35  TYR 35  34  34  TYR TYR A . n 
A 1 36  VAL 36  35  35  VAL VAL A . n 
A 1 37  SER 37  36  36  SER SER A . n 
A 1 38  TRP 38  37  37  TRP TRP A . n 
A 1 39  TYR 39  38  38  TYR TYR A . n 
A 1 40  GLN 40  39  39  GLN GLN A . n 
A 1 41  GLN 41  40  40  GLN GLN A . n 
A 1 42  HIS 42  41  41  HIS HIS A . n 
A 1 43  ALA 43  42  42  ALA ALA A . n 
A 1 44  GLY 44  43  43  GLY GLY A . n 
A 1 45  LYS 45  44  44  LYS LYS A . n 
A 1 46  CYS 46  45  45  CYS CYS A . n 
A 1 47  PRO 47  46  46  PRO PRO A . n 
A 1 48  LYS 48  47  47  LYS LYS A . n 
A 1 49  VAL 49  48  48  VAL VAL A . n 
A 1 50  ILE 50  49  49  ILE ILE A . n 
A 1 51  ILE 51  50  50  ILE ILE A . n 
A 1 52  TYR 52  51  51  TYR TYR A . n 
A 1 53  GLU 53  52  52  GLU GLU A . n 
A 1 54  VAL 54  53  53  VAL VAL A . n 
A 1 55  ASN 55  54  54  ASN ASN A . n 
A 1 56  LYS 56  55  55  LYS LYS A . n 
A 1 57  ARG 57  56  56  ARG ARG A . n 
A 1 58  PRO 58  57  57  PRO PRO A . n 
A 1 59  SER 59  58  58  SER SER A . n 
A 1 60  GLY 60  59  59  GLY GLY A . n 
A 1 61  VAL 61  60  60  VAL VAL A . n 
A 1 62  PRO 62  61  61  PRO PRO A . n 
A 1 63  ASP 63  62  62  ASP ASP A . n 
A 1 64  ARG 64  63  63  ARG ARG A . n 
A 1 65  PHE 65  64  64  PHE PHE A . n 
A 1 66  SER 66  65  65  SER SER A . n 
A 1 67  GLY 67  66  66  GLY GLY A . n 
A 1 68  SER 68  67  67  SER SER A . n 
A 1 69  LYS 69  68  68  LYS LYS A . n 
A 1 70  SER 70  69  69  SER SER A . n 
A 1 71  GLY 71  70  70  GLY GLY A . n 
A 1 72  ASN 72  71  71  ASN ASN A . n 
A 1 73  THR 73  72  72  THR THR A . n 
A 1 74  ALA 74  73  73  ALA ALA A . n 
A 1 75  SER 75  74  74  SER SER A . n 
A 1 76  LEU 76  75  75  LEU LEU A . n 
A 1 77  THR 77  76  76  THR THR A . n 
A 1 78  VAL 78  77  77  VAL VAL A . n 
A 1 79  SER 79  78  78  SER SER A . n 
A 1 80  GLY 80  79  79  GLY GLY A . n 
A 1 81  LEU 81  80  80  LEU LEU A . n 
A 1 82  GLN 82  81  81  GLN GLN A . n 
A 1 83  ALA 83  82  82  ALA ALA A . n 
A 1 84  GLU 84  83  83  GLU GLU A . n 
A 1 85  ASP 85  84  84  ASP ASP A . n 
A 1 86  GLU 86  85  85  GLU GLU A . n 
A 1 87  ALA 87  86  86  ALA ALA A . n 
A 1 88  ASP 88  87  87  ASP ASP A . n 
A 1 89  TYR 89  88  88  TYR TYR A . n 
A 1 90  TYR 90  89  89  TYR TYR A . n 
A 1 91  CYS 91  90  90  CYS CYS A . n 
A 1 92  SER 92  91  91  SER SER A . n 
A 1 93  SER 93  92  92  SER SER A . n 
A 1 94  TYR 94  93  93  TYR TYR A . n 
A 1 95  GLU 95  94  94  GLU GLU A . n 
A 1 96  GLY 96  95  95  GLY GLY A . n 
A 1 97  SER 97  96  96  SER SER A . n 
A 1 98  ASP 98  97  97  ASP ASP A . n 
A 1 99  ASN 99  98  98  ASN ASN A . n 
A 1 100 PHE 100 99  99  PHE PHE A . n 
A 1 101 VAL 101 100 100 VAL VAL A . n 
A 1 102 CYS 102 101 101 CYS CYS A . n 
A 1 103 GLY 103 102 102 GLY GLY A . n 
A 1 104 THR 104 103 103 THR THR A . n 
A 1 105 GLY 105 104 104 GLY GLY A . n 
A 1 106 THR 106 105 105 THR THR A . n 
A 1 107 LYS 107 106 106 LYS LYS A . n 
A 1 108 VAL 108 107 107 VAL VAL A . n 
A 1 109 THR 109 108 108 THR THR A . n 
A 1 110 VAL 110 109 109 VAL VAL A . n 
A 1 111 LEU 111 110 110 LEU LEU A . n 
# 
loop_
_pdbx_nonpoly_scheme.asym_id 
_pdbx_nonpoly_scheme.entity_id 
_pdbx_nonpoly_scheme.mon_id 
_pdbx_nonpoly_scheme.ndb_seq_num 
_pdbx_nonpoly_scheme.pdb_seq_num 
_pdbx_nonpoly_scheme.auth_seq_num 
_pdbx_nonpoly_scheme.pdb_mon_id 
_pdbx_nonpoly_scheme.auth_mon_id 
_pdbx_nonpoly_scheme.pdb_strand_id 
_pdbx_nonpoly_scheme.pdb_ins_code 
B 2 SO4 1   1111 1111 SO4 SO4 A . 
C 2 SO4 1   1112 1112 SO4 SO4 A . 
D 3 HOH 1   2001 2001 HOH HOH A . 
D 3 HOH 2   2002 2002 HOH HOH A . 
D 3 HOH 3   2003 2003 HOH HOH A . 
D 3 HOH 4   2004 2004 HOH HOH A . 
D 3 HOH 5   2005 2005 HOH HOH A . 
D 3 HOH 6   2006 2006 HOH HOH A . 
D 3 HOH 7   2007 2007 HOH HOH A . 
D 3 HOH 8   2008 2008 HOH HOH A . 
D 3 HOH 9   2009 2009 HOH HOH A . 
D 3 HOH 10  2010 2010 HOH HOH A . 
D 3 HOH 11  2011 2011 HOH HOH A . 
D 3 HOH 12  2012 2012 HOH HOH A . 
D 3 HOH 13  2013 2013 HOH HOH A . 
D 3 HOH 14  2014 2014 HOH HOH A . 
D 3 HOH 15  2015 2015 HOH HOH A . 
D 3 HOH 16  2016 2016 HOH HOH A . 
D 3 HOH 17  2017 2017 HOH HOH A . 
D 3 HOH 18  2018 2018 HOH HOH A . 
D 3 HOH 19  2019 2019 HOH HOH A . 
D 3 HOH 20  2020 2020 HOH HOH A . 
D 3 HOH 21  2021 2021 HOH HOH A . 
D 3 HOH 22  2022 2022 HOH HOH A . 
D 3 HOH 23  2023 2023 HOH HOH A . 
D 3 HOH 24  2024 2024 HOH HOH A . 
D 3 HOH 25  2025 2025 HOH HOH A . 
D 3 HOH 26  2026 2026 HOH HOH A . 
D 3 HOH 27  2027 2027 HOH HOH A . 
D 3 HOH 28  2028 2028 HOH HOH A . 
D 3 HOH 29  2029 2029 HOH HOH A . 
D 3 HOH 30  2030 2030 HOH HOH A . 
D 3 HOH 31  2031 2031 HOH HOH A . 
D 3 HOH 32  2032 2032 HOH HOH A . 
D 3 HOH 33  2033 2033 HOH HOH A . 
D 3 HOH 34  2034 2034 HOH HOH A . 
D 3 HOH 35  2035 2035 HOH HOH A . 
D 3 HOH 36  2036 2036 HOH HOH A . 
D 3 HOH 37  2037 2037 HOH HOH A . 
D 3 HOH 38  2038 2038 HOH HOH A . 
D 3 HOH 39  2039 2039 HOH HOH A . 
D 3 HOH 40  2040 2040 HOH HOH A . 
D 3 HOH 41  2041 2041 HOH HOH A . 
D 3 HOH 42  2042 2042 HOH HOH A . 
D 3 HOH 43  2043 2043 HOH HOH A . 
D 3 HOH 44  2044 2044 HOH HOH A . 
D 3 HOH 45  2045 2045 HOH HOH A . 
D 3 HOH 46  2046 2046 HOH HOH A . 
D 3 HOH 47  2047 2047 HOH HOH A . 
D 3 HOH 48  2048 2048 HOH HOH A . 
D 3 HOH 49  2049 2049 HOH HOH A . 
D 3 HOH 50  2050 2050 HOH HOH A . 
D 3 HOH 51  2051 2051 HOH HOH A . 
D 3 HOH 52  2052 2052 HOH HOH A . 
D 3 HOH 53  2053 2053 HOH HOH A . 
D 3 HOH 54  2054 2054 HOH HOH A . 
D 3 HOH 55  2055 2055 HOH HOH A . 
D 3 HOH 56  2056 2056 HOH HOH A . 
D 3 HOH 57  2057 2057 HOH HOH A . 
D 3 HOH 58  2058 2058 HOH HOH A . 
D 3 HOH 59  2059 2059 HOH HOH A . 
D 3 HOH 60  2060 2060 HOH HOH A . 
D 3 HOH 61  2061 2061 HOH HOH A . 
D 3 HOH 62  2062 2062 HOH HOH A . 
D 3 HOH 63  2063 2063 HOH HOH A . 
D 3 HOH 64  2064 2064 HOH HOH A . 
D 3 HOH 65  2065 2065 HOH HOH A . 
D 3 HOH 66  2066 2066 HOH HOH A . 
D 3 HOH 67  2067 2067 HOH HOH A . 
D 3 HOH 68  2068 2068 HOH HOH A . 
D 3 HOH 69  2069 2069 HOH HOH A . 
D 3 HOH 70  2070 2070 HOH HOH A . 
D 3 HOH 71  2071 2071 HOH HOH A . 
D 3 HOH 72  2072 2072 HOH HOH A . 
D 3 HOH 73  2073 2073 HOH HOH A . 
D 3 HOH 74  2074 2074 HOH HOH A . 
D 3 HOH 75  2075 2075 HOH HOH A . 
D 3 HOH 76  2076 2076 HOH HOH A . 
D 3 HOH 77  2077 2077 HOH HOH A . 
D 3 HOH 78  2078 2078 HOH HOH A . 
D 3 HOH 79  2079 2079 HOH HOH A . 
D 3 HOH 80  2080 2080 HOH HOH A . 
D 3 HOH 81  2081 2081 HOH HOH A . 
D 3 HOH 82  2082 2082 HOH HOH A . 
D 3 HOH 83  2083 2083 HOH HOH A . 
D 3 HOH 84  2084 2084 HOH HOH A . 
D 3 HOH 85  2085 2085 HOH HOH A . 
D 3 HOH 86  2086 2086 HOH HOH A . 
D 3 HOH 87  2087 2087 HOH HOH A . 
D 3 HOH 88  2088 2088 HOH HOH A . 
D 3 HOH 89  2089 2089 HOH HOH A . 
D 3 HOH 90  2090 2090 HOH HOH A . 
D 3 HOH 91  2091 2091 HOH HOH A . 
D 3 HOH 92  2092 2092 HOH HOH A . 
D 3 HOH 93  2093 2093 HOH HOH A . 
D 3 HOH 94  2094 2094 HOH HOH A . 
D 3 HOH 95  2095 2095 HOH HOH A . 
D 3 HOH 96  2096 2096 HOH HOH A . 
D 3 HOH 97  2097 2097 HOH HOH A . 
D 3 HOH 98  2098 2098 HOH HOH A . 
D 3 HOH 99  2099 2099 HOH HOH A . 
D 3 HOH 100 2100 2100 HOH HOH A . 
D 3 HOH 101 2101 2101 HOH HOH A . 
D 3 HOH 102 2102 2102 HOH HOH A . 
D 3 HOH 103 2103 2103 HOH HOH A . 
D 3 HOH 104 2104 2104 HOH HOH A . 
D 3 HOH 105 2105 2105 HOH HOH A . 
D 3 HOH 106 2106 2106 HOH HOH A . 
D 3 HOH 107 2107 2107 HOH HOH A . 
D 3 HOH 108 2108 2108 HOH HOH A . 
D 3 HOH 109 2109 2109 HOH HOH A . 
D 3 HOH 110 2110 2110 HOH HOH A . 
D 3 HOH 111 2111 2111 HOH HOH A . 
D 3 HOH 112 2112 2112 HOH HOH A . 
D 3 HOH 113 2113 2113 HOH HOH A . 
# 
loop_
_pdbx_unobs_or_zero_occ_atoms.id 
_pdbx_unobs_or_zero_occ_atoms.PDB_model_num 
_pdbx_unobs_or_zero_occ_atoms.polymer_flag 
_pdbx_unobs_or_zero_occ_atoms.occupancy_flag 
_pdbx_unobs_or_zero_occ_atoms.auth_asym_id 
_pdbx_unobs_or_zero_occ_atoms.auth_comp_id 
_pdbx_unobs_or_zero_occ_atoms.auth_seq_id 
_pdbx_unobs_or_zero_occ_atoms.PDB_ins_code 
_pdbx_unobs_or_zero_occ_atoms.auth_atom_id 
_pdbx_unobs_or_zero_occ_atoms.label_alt_id 
_pdbx_unobs_or_zero_occ_atoms.label_asym_id 
_pdbx_unobs_or_zero_occ_atoms.label_comp_id 
_pdbx_unobs_or_zero_occ_atoms.label_seq_id 
_pdbx_unobs_or_zero_occ_atoms.label_atom_id 
1 1 Y 1 A GLN 16  ? CD  ? A GLN 17  CD  
2 1 Y 1 A GLN 16  ? OE1 ? A GLN 17  OE1 
3 1 Y 1 A GLN 16  ? NE2 ? A GLN 17  NE2 
4 1 Y 1 A LYS 44  ? CE  ? A LYS 45  CE  
5 1 Y 1 A LYS 44  ? NZ  ? A LYS 45  NZ  
6 1 Y 1 A LYS 47  ? NZ  ? A LYS 48  NZ  
7 1 Y 1 A LYS 106 ? CE  ? A LYS 107 CE  
8 1 Y 1 A LYS 106 ? NZ  ? A LYS 107 NZ  
# 
loop_
_software.name 
_software.classification 
_software.version 
_software.citation_id 
_software.pdbx_ordinal 
REFMAC    refinement       5.7.0032 ? 1 
DENZO     'data reduction' .        ? 2 
SCALEPACK 'data scaling'   .        ? 3 
PHASER    phasing          .        ? 4 
# 
_cell.entry_id           4UNV 
_cell.length_a           37.417 
_cell.length_b           60.212 
_cell.length_c           79.417 
_cell.angle_alpha        90.00 
_cell.angle_beta         90.00 
_cell.angle_gamma        90.00 
_cell.Z_PDB              8 
_cell.pdbx_unique_axis   ? 
# 
_symmetry.entry_id                         4UNV 
_symmetry.space_group_name_H-M             'C 2 2 21' 
_symmetry.pdbx_full_space_group_name_H-M   ? 
_symmetry.cell_setting                     ? 
_symmetry.Int_Tables_number                20 
# 
_exptl.entry_id          4UNV 
_exptl.method            'X-RAY DIFFRACTION' 
_exptl.crystals_number   1 
# 
_exptl_crystal.id                    1 
_exptl_crystal.density_meas          ? 
_exptl_crystal.density_Matthews      1.8 
_exptl_crystal.density_percent_sol   31 
_exptl_crystal.description           NONE 
# 
_exptl_crystal_grow.crystal_id      1 
_exptl_crystal_grow.method          ? 
_exptl_crystal_grow.temp            ? 
_exptl_crystal_grow.temp_details    ? 
_exptl_crystal_grow.pH              4.6 
_exptl_crystal_grow.pdbx_pH_range   ? 
_exptl_crystal_grow.pdbx_details    '0.1M CH3COONA PH4.6, 2M (NH4)2SO4' 
# 
_diffrn.id                     1 
_diffrn.ambient_temp           100 
_diffrn.ambient_temp_details   ? 
_diffrn.crystal_id             1 
# 
_diffrn_detector.diffrn_id              1 
_diffrn_detector.detector               CCD 
_diffrn_detector.type                   'RIGAKU CCD' 
_diffrn_detector.pdbx_collection_date   2013-05-03 
_diffrn_detector.details                MIRRORS 
# 
_diffrn_radiation.diffrn_id                        1 
_diffrn_radiation.wavelength_id                    1 
_diffrn_radiation.pdbx_monochromatic_or_laue_m_l   M 
_diffrn_radiation.monochromator                    ? 
_diffrn_radiation.pdbx_diffrn_protocol             'SINGLE WAVELENGTH' 
_diffrn_radiation.pdbx_scattering_type             x-ray 
# 
_diffrn_radiation_wavelength.id           1 
_diffrn_radiation_wavelength.wavelength   1.54 
_diffrn_radiation_wavelength.wt           1.0 
# 
_diffrn_source.diffrn_id                   1 
_diffrn_source.source                      'ROTATING ANODE' 
_diffrn_source.type                        RIGAKU 
_diffrn_source.pdbx_synchrotron_site       ? 
_diffrn_source.pdbx_synchrotron_beamline   ? 
_diffrn_source.pdbx_wavelength             1.54 
_diffrn_source.pdbx_wavelength_list        ? 
# 
_reflns.pdbx_diffrn_id               1 
_reflns.pdbx_ordinal                 1 
_reflns.entry_id                     4UNV 
_reflns.observed_criterion_sigma_I   3.0 
_reflns.observed_criterion_sigma_F   ? 
_reflns.d_resolution_low             30.00 
_reflns.d_resolution_high            1.60 
_reflns.number_obs                   11350 
_reflns.number_all                   ? 
_reflns.percent_possible_obs         98.0 
_reflns.pdbx_Rmerge_I_obs            0.06 
_reflns.pdbx_Rsym_value              ? 
_reflns.pdbx_netI_over_sigmaI        39.00 
_reflns.B_iso_Wilson_estimate        ? 
_reflns.pdbx_redundancy              7 
# 
_reflns_shell.pdbx_diffrn_id         1 
_reflns_shell.pdbx_ordinal           1 
_reflns_shell.d_res_high             1.60 
_reflns_shell.d_res_low              1.64 
_reflns_shell.percent_possible_all   86.0 
_reflns_shell.Rmerge_I_obs           0.40 
_reflns_shell.pdbx_Rsym_value        ? 
_reflns_shell.meanI_over_sigI_obs    4.20 
_reflns_shell.pdbx_redundancy        3.6 
# 
_refine.pdbx_refine_id                           'X-RAY DIFFRACTION' 
_refine.entry_id                                 4UNV 
_refine.pdbx_diffrn_id                           1 
_refine.pdbx_TLS_residual_ADP_flag               ? 
_refine.ls_number_reflns_obs                     11350 
_refine.ls_number_reflns_all                     ? 
_refine.pdbx_ls_sigma_I                          ? 
_refine.pdbx_ls_sigma_F                          . 
_refine.pdbx_data_cutoff_high_absF               ? 
_refine.pdbx_data_cutoff_low_absF                ? 
_refine.pdbx_data_cutoff_high_rms_absF           ? 
_refine.ls_d_res_low                             30.11 
_refine.ls_d_res_high                            1.60 
_refine.ls_percent_reflns_obs                    97.73 
_refine.ls_R_factor_obs                          0.19612 
_refine.ls_R_factor_all                          ? 
_refine.ls_R_factor_R_work                       0.19290 
_refine.ls_R_factor_R_free                       0.25793 
_refine.ls_R_factor_R_free_error                 ? 
_refine.ls_R_factor_R_free_error_details         ? 
_refine.ls_percent_reflns_R_free                 4.8 
_refine.ls_number_reflns_R_free                  568 
_refine.ls_number_parameters                     ? 
_refine.ls_number_restraints                     ? 
_refine.occupancy_min                            ? 
_refine.occupancy_max                            ? 
_refine.correlation_coeff_Fo_to_Fc               0.959 
_refine.correlation_coeff_Fo_to_Fc_free          0.928 
_refine.B_iso_mean                               22.659 
_refine.aniso_B[1][1]                            0.00 
_refine.aniso_B[2][2]                            0.00 
_refine.aniso_B[3][3]                            0.00 
_refine.aniso_B[1][2]                            0.00 
_refine.aniso_B[1][3]                            0.00 
_refine.aniso_B[2][3]                            0.00 
_refine.solvent_model_details                    MASK 
_refine.solvent_model_param_ksol                 ? 
_refine.solvent_model_param_bsol                 ? 
_refine.pdbx_solvent_vdw_probe_radii             1.20 
_refine.pdbx_solvent_ion_probe_radii             0.80 
_refine.pdbx_solvent_shrinkage_radii             0.80 
_refine.pdbx_ls_cross_valid_method               THROUGHOUT 
_refine.details                                  'HYDROGENS HAVE BEEN ADDED IN THE RIDING POSITIONS.' 
_refine.pdbx_starting_model                      'PDB ENTRY 3MCG' 
_refine.pdbx_method_to_determine_struct          'MOLECULAR REPLACEMENT' 
_refine.pdbx_isotropic_thermal_model             ? 
_refine.pdbx_stereochemistry_target_values       'MAXIMUM LIKELIHOOD' 
_refine.pdbx_stereochem_target_val_spec_case     ? 
_refine.pdbx_R_Free_selection_details            RANDOM 
_refine.pdbx_overall_ESU_R                       0.109 
_refine.pdbx_overall_ESU_R_Free                  0.120 
_refine.overall_SU_ML                            0.084 
_refine.pdbx_overall_phase_error                 ? 
_refine.overall_SU_B                             2.372 
_refine.overall_SU_R_Cruickshank_DPI             ? 
_refine.pdbx_overall_SU_R_free_Cruickshank_DPI   ? 
_refine.pdbx_overall_SU_R_Blow_DPI               ? 
_refine.pdbx_overall_SU_R_free_Blow_DPI          ? 
# 
_refine_hist.pdbx_refine_id                   'X-RAY DIFFRACTION' 
_refine_hist.cycle_id                         LAST 
_refine_hist.pdbx_number_atoms_protein        783 
_refine_hist.pdbx_number_atoms_nucleic_acid   0 
_refine_hist.pdbx_number_atoms_ligand         10 
_refine_hist.number_atoms_solvent             113 
_refine_hist.number_atoms_total               906 
_refine_hist.d_res_high                       1.60 
_refine_hist.d_res_low                        30.11 
# 
loop_
_refine_ls_restr.type 
_refine_ls_restr.dev_ideal 
_refine_ls_restr.dev_ideal_target 
_refine_ls_restr.weight 
_refine_ls_restr.number 
_refine_ls_restr.pdbx_refine_id 
_refine_ls_restr.pdbx_restraint_function 
r_bond_refined_d             0.018  0.020  ? 821  'X-RAY DIFFRACTION' ? 
r_bond_other_d               0.001  0.020  ? 711  'X-RAY DIFFRACTION' ? 
r_angle_refined_deg          1.962  1.963  ? 1123 'X-RAY DIFFRACTION' ? 
r_angle_other_deg            0.924  3.002  ? 1647 'X-RAY DIFFRACTION' ? 
r_dihedral_angle_1_deg       6.589  5.000  ? 111  'X-RAY DIFFRACTION' ? 
r_dihedral_angle_2_deg       30.178 24.516 ? 31   'X-RAY DIFFRACTION' ? 
r_dihedral_angle_3_deg       14.803 15.000 ? 118  'X-RAY DIFFRACTION' ? 
r_dihedral_angle_4_deg       18.968 15.000 ? 3    'X-RAY DIFFRACTION' ? 
r_chiral_restr               0.119  0.200  ? 126  'X-RAY DIFFRACTION' ? 
r_gen_planes_refined         0.010  0.021  ? 957  'X-RAY DIFFRACTION' ? 
r_gen_planes_other           0.001  0.020  ? 180  'X-RAY DIFFRACTION' ? 
r_nbd_refined                ?      ?      ? ?    'X-RAY DIFFRACTION' ? 
r_nbd_other                  ?      ?      ? ?    'X-RAY DIFFRACTION' ? 
r_nbtor_refined              ?      ?      ? ?    'X-RAY DIFFRACTION' ? 
r_nbtor_other                ?      ?      ? ?    'X-RAY DIFFRACTION' ? 
r_xyhbond_nbd_refined        ?      ?      ? ?    'X-RAY DIFFRACTION' ? 
r_xyhbond_nbd_other          ?      ?      ? ?    'X-RAY DIFFRACTION' ? 
r_metal_ion_refined          ?      ?      ? ?    'X-RAY DIFFRACTION' ? 
r_metal_ion_other            ?      ?      ? ?    'X-RAY DIFFRACTION' ? 
r_symmetry_vdw_refined       ?      ?      ? ?    'X-RAY DIFFRACTION' ? 
r_symmetry_vdw_other         ?      ?      ? ?    'X-RAY DIFFRACTION' ? 
r_symmetry_hbond_refined     ?      ?      ? ?    'X-RAY DIFFRACTION' ? 
r_symmetry_hbond_other       ?      ?      ? ?    'X-RAY DIFFRACTION' ? 
r_symmetry_metal_ion_refined ?      ?      ? ?    'X-RAY DIFFRACTION' ? 
r_symmetry_metal_ion_other   ?      ?      ? ?    'X-RAY DIFFRACTION' ? 
r_mcbond_it                  2.000  2.066  ? 435  'X-RAY DIFFRACTION' ? 
r_mcbond_other               1.986  2.064  ? 434  'X-RAY DIFFRACTION' ? 
r_mcangle_it                 2.795  3.098  ? 543  'X-RAY DIFFRACTION' ? 
r_mcangle_other              ?      ?      ? ?    'X-RAY DIFFRACTION' ? 
r_scbond_it                  2.858  2.342  ? 386  'X-RAY DIFFRACTION' ? 
r_scbond_other               ?      ?      ? ?    'X-RAY DIFFRACTION' ? 
r_scangle_it                 ?      ?      ? ?    'X-RAY DIFFRACTION' ? 
r_scangle_other              ?      ?      ? ?    'X-RAY DIFFRACTION' ? 
r_long_range_B_refined       ?      ?      ? ?    'X-RAY DIFFRACTION' ? 
r_long_range_B_other         ?      ?      ? ?    'X-RAY DIFFRACTION' ? 
r_rigid_bond_restr           ?      ?      ? ?    'X-RAY DIFFRACTION' ? 
r_sphericity_free            ?      ?      ? ?    'X-RAY DIFFRACTION' ? 
r_sphericity_bonded          ?      ?      ? ?    'X-RAY DIFFRACTION' ? 
# 
_refine_ls_shell.pdbx_refine_id                   'X-RAY DIFFRACTION' 
_refine_ls_shell.pdbx_total_number_of_bins_used   20 
_refine_ls_shell.d_res_high                       1.600 
_refine_ls_shell.d_res_low                        1.641 
_refine_ls_shell.number_reflns_R_work             695 
_refine_ls_shell.R_factor_R_work                  0.323 
_refine_ls_shell.percent_reflns_obs               82.27 
_refine_ls_shell.R_factor_R_free                  0.425 
_refine_ls_shell.R_factor_R_free_error            ? 
_refine_ls_shell.percent_reflns_R_free            ? 
_refine_ls_shell.number_reflns_R_free             24 
_refine_ls_shell.number_reflns_all                ? 
_refine_ls_shell.R_factor_all                     ? 
# 
_struct.entry_id                  4UNV 
_struct.title                     'Covalent dimer of lambda variable domains' 
_struct.pdbx_model_details        ? 
_struct.pdbx_CASP_flag            ? 
_struct.pdbx_model_type_details   ? 
# 
_struct_keywords.entry_id        4UNV 
_struct_keywords.pdbx_keywords   'IMMUNE SYSTEM' 
_struct_keywords.text            'IMMUNE SYSTEM, BENCE-JONES, IMMUNOGLOBULIN, AMYLOID' 
# 
loop_
_struct_asym.id 
_struct_asym.pdbx_blank_PDB_chainid_flag 
_struct_asym.pdbx_modified 
_struct_asym.entity_id 
_struct_asym.details 
A N N 1 ? 
B N N 2 ? 
C N N 2 ? 
D N N 3 ? 
# 
_struct_ref.id                         1 
_struct_ref.db_name                    UNP 
_struct_ref.db_code                    LV206_HUMAN 
_struct_ref.entity_id                  1 
_struct_ref.pdbx_seq_one_letter_code   ? 
_struct_ref.pdbx_align_begin           ? 
_struct_ref.pdbx_db_accession          P01709 
_struct_ref.pdbx_db_isoform            ? 
# 
_struct_ref_seq.align_id                      1 
_struct_ref_seq.ref_id                        1 
_struct_ref_seq.pdbx_PDB_id_code              4UNV 
_struct_ref_seq.pdbx_strand_id                A 
_struct_ref_seq.seq_align_beg                 2 
_struct_ref_seq.pdbx_seq_align_beg_ins_code   ? 
_struct_ref_seq.seq_align_end                 111 
_struct_ref_seq.pdbx_seq_align_end_ins_code   ? 
_struct_ref_seq.pdbx_db_accession             P01709 
_struct_ref_seq.db_align_beg                  1 
_struct_ref_seq.pdbx_db_align_beg_ins_code    ? 
_struct_ref_seq.db_align_end                  110 
_struct_ref_seq.pdbx_db_align_end_ins_code    ? 
_struct_ref_seq.pdbx_auth_seq_align_beg       1 
_struct_ref_seq.pdbx_auth_seq_align_end       110 
# 
loop_
_struct_ref_seq_dif.align_id 
_struct_ref_seq_dif.pdbx_pdb_id_code 
_struct_ref_seq_dif.mon_id 
_struct_ref_seq_dif.pdbx_pdb_strand_id 
_struct_ref_seq_dif.seq_num 
_struct_ref_seq_dif.pdbx_pdb_ins_code 
_struct_ref_seq_dif.pdbx_seq_db_name 
_struct_ref_seq_dif.pdbx_seq_db_accession_code 
_struct_ref_seq_dif.db_mon_id 
_struct_ref_seq_dif.pdbx_seq_db_seq_num 
_struct_ref_seq_dif.details 
_struct_ref_seq_dif.pdbx_auth_seq_num 
_struct_ref_seq_dif.pdbx_ordinal 
1 4UNV GLY A 1   ? UNP P01709 ?   ?   'expression tag'      0   1 
1 4UNV CYS A 46  ? UNP P01709 ALA 45  'engineered mutation' 45  2 
1 4UNV CYS A 102 ? UNP P01709 PHE 101 'engineered mutation' 101 3 
# 
_pdbx_struct_assembly.id                   1 
_pdbx_struct_assembly.details              author_and_software_defined_assembly 
_pdbx_struct_assembly.method_details       PISA 
_pdbx_struct_assembly.oligomeric_details   dimeric 
_pdbx_struct_assembly.oligomeric_count     2 
# 
loop_
_pdbx_struct_assembly_prop.biol_id 
_pdbx_struct_assembly_prop.type 
_pdbx_struct_assembly_prop.value 
_pdbx_struct_assembly_prop.details 
1 'ABSA (A^2)' 1100  ? 
1 MORE         -46.7 ? 
1 'SSA (A^2)'  10750 ? 
# 
_pdbx_struct_assembly_gen.assembly_id       1 
_pdbx_struct_assembly_gen.oper_expression   1,2 
_pdbx_struct_assembly_gen.asym_id_list      A,B,C,D 
# 
loop_
_pdbx_struct_oper_list.id 
_pdbx_struct_oper_list.type 
_pdbx_struct_oper_list.name 
_pdbx_struct_oper_list.symmetry_operation 
_pdbx_struct_oper_list.matrix[1][1] 
_pdbx_struct_oper_list.matrix[1][2] 
_pdbx_struct_oper_list.matrix[1][3] 
_pdbx_struct_oper_list.vector[1] 
_pdbx_struct_oper_list.matrix[2][1] 
_pdbx_struct_oper_list.matrix[2][2] 
_pdbx_struct_oper_list.matrix[2][3] 
_pdbx_struct_oper_list.vector[2] 
_pdbx_struct_oper_list.matrix[3][1] 
_pdbx_struct_oper_list.matrix[3][2] 
_pdbx_struct_oper_list.matrix[3][3] 
_pdbx_struct_oper_list.vector[3] 
1 'identity operation'         1_555 x,y,z       1.0000000000  0.0000000000 0.0000000000 0.0000000000   0.0000000000 1.0000000000 0.0000000000 0.0000000000 0.0000000000 0.0000000000 1.0000000000  0.0000000000  
2 'crystal symmetry operation' 3_555 -x,y,-z+1/2 -0.8190608210 0.5587305610 0.1302287667 -23.7306482762 0.5587305610 0.7253302549 0.4021395051 8.7152484392 0.1302287667 0.4021395051 -0.9062694339 -4.4204644546 
# 
_struct_biol.id   1 
# 
_struct_conf.conf_type_id            HELX_P 
_struct_conf.id                      HELX_P1 
_struct_conf.pdbx_PDB_helix_id       1 
_struct_conf.beg_label_comp_id       GLN 
_struct_conf.beg_label_asym_id       A 
_struct_conf.beg_label_seq_id        82 
_struct_conf.pdbx_beg_PDB_ins_code   ? 
_struct_conf.end_label_comp_id       GLU 
_struct_conf.end_label_asym_id       A 
_struct_conf.end_label_seq_id        86 
_struct_conf.pdbx_end_PDB_ins_code   ? 
_struct_conf.beg_auth_comp_id        GLN 
_struct_conf.beg_auth_asym_id        A 
_struct_conf.beg_auth_seq_id         81 
_struct_conf.end_auth_comp_id        GLU 
_struct_conf.end_auth_asym_id        A 
_struct_conf.end_auth_seq_id         85 
_struct_conf.pdbx_PDB_helix_class    5 
_struct_conf.details                 ? 
_struct_conf.pdbx_PDB_helix_length   5 
# 
_struct_conf_type.id          HELX_P 
_struct_conf_type.criteria    ? 
_struct_conf_type.reference   ? 
# 
loop_
_struct_conn.id 
_struct_conn.conn_type_id 
_struct_conn.pdbx_leaving_atom_flag 
_struct_conn.pdbx_PDB_id 
_struct_conn.ptnr1_label_asym_id 
_struct_conn.ptnr1_label_comp_id 
_struct_conn.ptnr1_label_seq_id 
_struct_conn.ptnr1_label_atom_id 
_struct_conn.pdbx_ptnr1_label_alt_id 
_struct_conn.pdbx_ptnr1_PDB_ins_code 
_struct_conn.pdbx_ptnr1_standard_comp_id 
_struct_conn.ptnr1_symmetry 
_struct_conn.ptnr2_label_asym_id 
_struct_conn.ptnr2_label_comp_id 
_struct_conn.ptnr2_label_seq_id 
_struct_conn.ptnr2_label_atom_id 
_struct_conn.pdbx_ptnr2_label_alt_id 
_struct_conn.pdbx_ptnr2_PDB_ins_code 
_struct_conn.ptnr1_auth_asym_id 
_struct_conn.ptnr1_auth_comp_id 
_struct_conn.ptnr1_auth_seq_id 
_struct_conn.ptnr2_auth_asym_id 
_struct_conn.ptnr2_auth_comp_id 
_struct_conn.ptnr2_auth_seq_id 
_struct_conn.ptnr2_symmetry 
_struct_conn.pdbx_ptnr3_label_atom_id 
_struct_conn.pdbx_ptnr3_label_seq_id 
_struct_conn.pdbx_ptnr3_label_comp_id 
_struct_conn.pdbx_ptnr3_label_asym_id 
_struct_conn.pdbx_ptnr3_label_alt_id 
_struct_conn.pdbx_ptnr3_PDB_ins_code 
_struct_conn.details 
_struct_conn.pdbx_dist_value 
_struct_conn.pdbx_value_order 
_struct_conn.pdbx_role 
disulf1 disulf ? ? A CYS 23 SG ? ? ? 1_555 A CYS 91  SG ? ? A CYS 22 A CYS 90  1_555 ? ? ? ? ? ? ? 2.035 ? ? 
disulf2 disulf ? ? A CYS 46 SG ? ? ? 1_555 A CYS 102 SG ? ? A CYS 45 A CYS 101 3_555 ? ? ? ? ? ? ? 2.038 ? ? 
# 
_struct_conn_type.id          disulf 
_struct_conn_type.criteria    ? 
_struct_conn_type.reference   ? 
# 
loop_
_pdbx_modification_feature.ordinal 
_pdbx_modification_feature.label_comp_id 
_pdbx_modification_feature.label_asym_id 
_pdbx_modification_feature.label_seq_id 
_pdbx_modification_feature.label_alt_id 
_pdbx_modification_feature.modified_residue_label_comp_id 
_pdbx_modification_feature.modified_residue_label_asym_id 
_pdbx_modification_feature.modified_residue_label_seq_id 
_pdbx_modification_feature.modified_residue_label_alt_id 
_pdbx_modification_feature.auth_comp_id 
_pdbx_modification_feature.auth_asym_id 
_pdbx_modification_feature.auth_seq_id 
_pdbx_modification_feature.PDB_ins_code 
_pdbx_modification_feature.symmetry 
_pdbx_modification_feature.modified_residue_auth_comp_id 
_pdbx_modification_feature.modified_residue_auth_asym_id 
_pdbx_modification_feature.modified_residue_auth_seq_id 
_pdbx_modification_feature.modified_residue_PDB_ins_code 
_pdbx_modification_feature.modified_residue_symmetry 
_pdbx_modification_feature.comp_id_linking_atom 
_pdbx_modification_feature.modified_residue_id_linking_atom 
_pdbx_modification_feature.modified_residue_id 
_pdbx_modification_feature.ref_pcm_id 
_pdbx_modification_feature.ref_comp_id 
_pdbx_modification_feature.type 
_pdbx_modification_feature.category 
1 CYS A 23 ? CYS A 91  ? CYS A 22 ? 1_555 CYS A 90  ? 1_555 SG SG . . . None 'Disulfide bridge' 
2 CYS A 46 ? CYS A 102 ? CYS A 45 ? 1_555 CYS A 101 ? 3_555 SG SG . . . None 'Disulfide bridge' 
# 
loop_
_struct_sheet.id 
_struct_sheet.type 
_struct_sheet.number_strands 
_struct_sheet.details 
AA ? 4 ? 
AB ? 5 ? 
AC ? 2 ? 
AD ? 3 ? 
# 
loop_
_struct_sheet_order.sheet_id 
_struct_sheet_order.range_id_1 
_struct_sheet_order.range_id_2 
_struct_sheet_order.offset 
_struct_sheet_order.sense 
AA 1 2 ? parallel      
AA 2 3 ? anti-parallel 
AA 3 4 ? parallel      
AB 1 2 ? parallel      
AB 2 3 ? anti-parallel 
AB 3 4 ? anti-parallel 
AB 4 5 ? anti-parallel 
AC 1 2 ? parallel      
AD 1 2 ? anti-parallel 
AD 2 3 ? anti-parallel 
# 
loop_
_struct_sheet_range.sheet_id 
_struct_sheet_range.id 
_struct_sheet_range.beg_label_comp_id 
_struct_sheet_range.beg_label_asym_id 
_struct_sheet_range.beg_label_seq_id 
_struct_sheet_range.pdbx_beg_PDB_ins_code 
_struct_sheet_range.end_label_comp_id 
_struct_sheet_range.end_label_asym_id 
_struct_sheet_range.end_label_seq_id 
_struct_sheet_range.pdbx_end_PDB_ins_code 
_struct_sheet_range.beg_auth_comp_id 
_struct_sheet_range.beg_auth_asym_id 
_struct_sheet_range.beg_auth_seq_id 
_struct_sheet_range.end_auth_comp_id 
_struct_sheet_range.end_auth_asym_id 
_struct_sheet_range.end_auth_seq_id 
AA 1 SER A 10  ? SER A 14  ? SER A 9   SER A 13  
AA 2 THR A 106 ? LEU A 111 ? THR A 105 LEU A 110 
AA 3 ALA A 87  ? TYR A 94  ? ALA A 86  TYR A 93  
AA 4 PHE A 100 ? CYS A 102 ? PHE A 99  CYS A 101 
AB 1 SER A 10  ? SER A 14  ? SER A 9   SER A 13  
AB 2 THR A 106 ? LEU A 111 ? THR A 105 LEU A 110 
AB 3 ALA A 87  ? TYR A 94  ? ALA A 86  TYR A 93  
AB 4 VAL A 36  ? GLN A 41  ? VAL A 35  GLN A 40  
AB 5 LYS A 48  ? ILE A 51  ? LYS A 47  ILE A 50  
AC 1 PHE A 100 ? CYS A 102 ? PHE A 99  CYS A 101 
AC 2 ALA A 87  ? TYR A 94  ? ALA A 86  TYR A 93  
AD 1 VAL A 19  ? THR A 24  ? VAL A 18  THR A 23  
AD 2 THR A 73  ? VAL A 78  ? THR A 72  VAL A 77  
AD 3 PHE A 65  ? SER A 70  ? PHE A 64  SER A 69  
# 
loop_
_pdbx_struct_sheet_hbond.sheet_id 
_pdbx_struct_sheet_hbond.range_id_1 
_pdbx_struct_sheet_hbond.range_id_2 
_pdbx_struct_sheet_hbond.range_1_label_atom_id 
_pdbx_struct_sheet_hbond.range_1_label_comp_id 
_pdbx_struct_sheet_hbond.range_1_label_asym_id 
_pdbx_struct_sheet_hbond.range_1_label_seq_id 
_pdbx_struct_sheet_hbond.range_1_PDB_ins_code 
_pdbx_struct_sheet_hbond.range_1_auth_atom_id 
_pdbx_struct_sheet_hbond.range_1_auth_comp_id 
_pdbx_struct_sheet_hbond.range_1_auth_asym_id 
_pdbx_struct_sheet_hbond.range_1_auth_seq_id 
_pdbx_struct_sheet_hbond.range_2_label_atom_id 
_pdbx_struct_sheet_hbond.range_2_label_comp_id 
_pdbx_struct_sheet_hbond.range_2_label_asym_id 
_pdbx_struct_sheet_hbond.range_2_label_seq_id 
_pdbx_struct_sheet_hbond.range_2_PDB_ins_code 
_pdbx_struct_sheet_hbond.range_2_auth_atom_id 
_pdbx_struct_sheet_hbond.range_2_auth_comp_id 
_pdbx_struct_sheet_hbond.range_2_auth_asym_id 
_pdbx_struct_sheet_hbond.range_2_auth_seq_id 
AA 1 2 N ALA A 11  ? N ALA A 10  O LYS A 107 ? O LYS A 106 
AA 2 3 N VAL A 108 ? N VAL A 107 O ALA A 87  ? O ALA A 86  
AA 3 4 N SER A 93  ? N SER A 92  O VAL A 101 ? O VAL A 100 
AB 1 2 N ALA A 11  ? N ALA A 10  O LYS A 107 ? O LYS A 106 
AB 2 3 N VAL A 108 ? N VAL A 107 O ALA A 87  ? O ALA A 86  
AB 3 4 N SER A 92  ? N SER A 91  O SER A 37  ? O SER A 36  
AB 4 5 N GLN A 40  ? N GLN A 39  O LYS A 48  ? O LYS A 47  
AC 1 2 N VAL A 101 ? N VAL A 100 O SER A 93  ? O SER A 92  
AD 1 2 N CYS A 23  ? N CYS A 22  O ALA A 74  ? O ALA A 73  
AD 2 3 N THR A 77  ? N THR A 76  O SER A 66  ? O SER A 65  
# 
loop_
_struct_site.id 
_struct_site.pdbx_evidence_code 
_struct_site.pdbx_auth_asym_id 
_struct_site.pdbx_auth_comp_id 
_struct_site.pdbx_auth_seq_id 
_struct_site.pdbx_auth_ins_code 
_struct_site.pdbx_num_residues 
_struct_site.details 
AC1 Software A SO4 1111 ? 7 'BINDING SITE FOR RESIDUE SO4 A 1111' 
AC2 Software A SO4 1112 ? 7 'BINDING SITE FOR RESIDUE SO4 A 1112' 
# 
loop_
_struct_site_gen.id 
_struct_site_gen.site_id 
_struct_site_gen.pdbx_num_res 
_struct_site_gen.label_comp_id 
_struct_site_gen.label_asym_id 
_struct_site_gen.label_seq_id 
_struct_site_gen.pdbx_auth_ins_code 
_struct_site_gen.auth_comp_id 
_struct_site_gen.auth_asym_id 
_struct_site_gen.auth_seq_id 
_struct_site_gen.label_atom_id 
_struct_site_gen.label_alt_id 
_struct_site_gen.symmetry 
_struct_site_gen.details 
1  AC1 7 ALA A 11 ? ALA A 10   . ? 1_555 ? 
2  AC1 7 SER A 12 ? SER A 11   . ? 1_555 ? 
3  AC1 7 TYR A 33 ? TYR A 32   . ? 5_455 ? 
4  AC1 7 SER A 68 ? SER A 67   . ? 4_555 ? 
5  AC1 7 HOH D .  ? HOH A 2011 . ? 1_555 ? 
6  AC1 7 HOH D .  ? HOH A 2039 . ? 5_455 ? 
7  AC1 7 HOH D .  ? HOH A 2100 . ? 5_455 ? 
8  AC2 7 THR A 26 ? THR A 25   . ? 8_445 ? 
9  AC2 7 SER A 27 ? SER A 26   . ? 8_445 ? 
10 AC2 7 LYS A 56 ? LYS A 55   . ? 1_555 ? 
11 AC2 7 ASN A 72 ? ASN A 71   . ? 8_445 ? 
12 AC2 7 HOH D .  ? HOH A 2017 . ? 5_545 ? 
13 AC2 7 HOH D .  ? HOH A 2070 . ? 1_555 ? 
14 AC2 7 HOH D .  ? HOH A 2113 . ? 1_555 ? 
# 
_pdbx_entry_details.entry_id                   4UNV 
_pdbx_entry_details.compound_details           ? 
_pdbx_entry_details.source_details             ? 
_pdbx_entry_details.nonpolymer_details         ? 
_pdbx_entry_details.sequence_details           ? 
_pdbx_entry_details.has_ligand_of_interest     ? 
_pdbx_entry_details.has_protein_modification   Y 
# 
loop_
_pdbx_validate_close_contact.id 
_pdbx_validate_close_contact.PDB_model_num 
_pdbx_validate_close_contact.auth_atom_id_1 
_pdbx_validate_close_contact.auth_asym_id_1 
_pdbx_validate_close_contact.auth_comp_id_1 
_pdbx_validate_close_contact.auth_seq_id_1 
_pdbx_validate_close_contact.PDB_ins_code_1 
_pdbx_validate_close_contact.label_alt_id_1 
_pdbx_validate_close_contact.auth_atom_id_2 
_pdbx_validate_close_contact.auth_asym_id_2 
_pdbx_validate_close_contact.auth_comp_id_2 
_pdbx_validate_close_contact.auth_seq_id_2 
_pdbx_validate_close_contact.PDB_ins_code_2 
_pdbx_validate_close_contact.label_alt_id_2 
_pdbx_validate_close_contact.dist 
1 1 O A HOH 2047 ? ? O A HOH 2048 ? ? 1.03 
2 1 O A HOH 2025 ? ? O A HOH 2026 ? ? 1.13 
3 1 O A HOH 2067 ? ? O A HOH 2068 ? ? 1.25 
4 1 O A HOH 2053 ? ? O A HOH 2054 ? ? 1.36 
5 1 O A HOH 2063 ? ? O A HOH 2064 ? ? 1.51 
6 1 O A HOH 2109 ? ? O A HOH 2110 ? ? 1.88 
7 1 O A HOH 2043 ? ? O A HOH 2066 ? ? 1.91 
8 1 O A HOH 2069 ? ? O A HOH 2085 ? ? 2.01 
9 1 O A HOH 2016 ? ? O A HOH 2017 ? ? 2.02 
# 
loop_
_pdbx_validate_symm_contact.id 
_pdbx_validate_symm_contact.PDB_model_num 
_pdbx_validate_symm_contact.auth_atom_id_1 
_pdbx_validate_symm_contact.auth_asym_id_1 
_pdbx_validate_symm_contact.auth_comp_id_1 
_pdbx_validate_symm_contact.auth_seq_id_1 
_pdbx_validate_symm_contact.PDB_ins_code_1 
_pdbx_validate_symm_contact.label_alt_id_1 
_pdbx_validate_symm_contact.site_symmetry_1 
_pdbx_validate_symm_contact.auth_atom_id_2 
_pdbx_validate_symm_contact.auth_asym_id_2 
_pdbx_validate_symm_contact.auth_comp_id_2 
_pdbx_validate_symm_contact.auth_seq_id_2 
_pdbx_validate_symm_contact.PDB_ins_code_2 
_pdbx_validate_symm_contact.label_alt_id_2 
_pdbx_validate_symm_contact.site_symmetry_2 
_pdbx_validate_symm_contact.dist 
1 1 O A HOH 2028 ? ? 1_555 O A HOH 2028 ? ? 4_555 1.65 
2 1 O A HOH 2058 ? ? 1_555 O A HOH 2111 ? ? 3_555 1.89 
# 
loop_
_pdbx_validate_torsion.id 
_pdbx_validate_torsion.PDB_model_num 
_pdbx_validate_torsion.auth_comp_id 
_pdbx_validate_torsion.auth_asym_id 
_pdbx_validate_torsion.auth_seq_id 
_pdbx_validate_torsion.PDB_ins_code 
_pdbx_validate_torsion.label_alt_id 
_pdbx_validate_torsion.phi 
_pdbx_validate_torsion.psi 
1 1 GLN A 16 ? ? -104.93 -167.91 
2 1 ASP A 28 ? ? -130.78 -94.55  
3 1 ASN A 33 ? ? -103.11 47.24   
4 1 VAL A 53 ? ? 72.04   -45.90  
5 1 ASN A 54 ? ? -143.53 11.91   
# 
_pdbx_struct_special_symmetry.id              1 
_pdbx_struct_special_symmetry.PDB_model_num   1 
_pdbx_struct_special_symmetry.auth_asym_id    A 
_pdbx_struct_special_symmetry.auth_comp_id    HOH 
_pdbx_struct_special_symmetry.auth_seq_id     2060 
_pdbx_struct_special_symmetry.PDB_ins_code    ? 
_pdbx_struct_special_symmetry.label_asym_id   D 
_pdbx_struct_special_symmetry.label_comp_id   HOH 
_pdbx_struct_special_symmetry.label_seq_id    . 
# 
loop_
_pdbx_unobs_or_zero_occ_residues.id 
_pdbx_unobs_or_zero_occ_residues.PDB_model_num 
_pdbx_unobs_or_zero_occ_residues.polymer_flag 
_pdbx_unobs_or_zero_occ_residues.occupancy_flag 
_pdbx_unobs_or_zero_occ_residues.auth_asym_id 
_pdbx_unobs_or_zero_occ_residues.auth_comp_id 
_pdbx_unobs_or_zero_occ_residues.auth_seq_id 
_pdbx_unobs_or_zero_occ_residues.PDB_ins_code 
_pdbx_unobs_or_zero_occ_residues.label_asym_id 
_pdbx_unobs_or_zero_occ_residues.label_comp_id 
_pdbx_unobs_or_zero_occ_residues.label_seq_id 
1 1 Y 1 A GLY 0 ? A GLY 1 
2 1 Y 1 A GLN 1 ? A GLN 2 
3 1 Y 1 A SER 2 ? A SER 3 
# 
loop_
_chem_comp_atom.comp_id 
_chem_comp_atom.atom_id 
_chem_comp_atom.type_symbol 
_chem_comp_atom.pdbx_aromatic_flag 
_chem_comp_atom.pdbx_stereo_config 
_chem_comp_atom.pdbx_ordinal 
ALA N    N N N 1   
ALA CA   C N S 2   
ALA C    C N N 3   
ALA O    O N N 4   
ALA CB   C N N 5   
ALA OXT  O N N 6   
ALA H    H N N 7   
ALA H2   H N N 8   
ALA HA   H N N 9   
ALA HB1  H N N 10  
ALA HB2  H N N 11  
ALA HB3  H N N 12  
ALA HXT  H N N 13  
ARG N    N N N 14  
ARG CA   C N S 15  
ARG C    C N N 16  
ARG O    O N N 17  
ARG CB   C N N 18  
ARG CG   C N N 19  
ARG CD   C N N 20  
ARG NE   N N N 21  
ARG CZ   C N N 22  
ARG NH1  N N N 23  
ARG NH2  N N N 24  
ARG OXT  O N N 25  
ARG H    H N N 26  
ARG H2   H N N 27  
ARG HA   H N N 28  
ARG HB2  H N N 29  
ARG HB3  H N N 30  
ARG HG2  H N N 31  
ARG HG3  H N N 32  
ARG HD2  H N N 33  
ARG HD3  H N N 34  
ARG HE   H N N 35  
ARG HH11 H N N 36  
ARG HH12 H N N 37  
ARG HH21 H N N 38  
ARG HH22 H N N 39  
ARG HXT  H N N 40  
ASN N    N N N 41  
ASN CA   C N S 42  
ASN C    C N N 43  
ASN O    O N N 44  
ASN CB   C N N 45  
ASN CG   C N N 46  
ASN OD1  O N N 47  
ASN ND2  N N N 48  
ASN OXT  O N N 49  
ASN H    H N N 50  
ASN H2   H N N 51  
ASN HA   H N N 52  
ASN HB2  H N N 53  
ASN HB3  H N N 54  
ASN HD21 H N N 55  
ASN HD22 H N N 56  
ASN HXT  H N N 57  
ASP N    N N N 58  
ASP CA   C N S 59  
ASP C    C N N 60  
ASP O    O N N 61  
ASP CB   C N N 62  
ASP CG   C N N 63  
ASP OD1  O N N 64  
ASP OD2  O N N 65  
ASP OXT  O N N 66  
ASP H    H N N 67  
ASP H2   H N N 68  
ASP HA   H N N 69  
ASP HB2  H N N 70  
ASP HB3  H N N 71  
ASP HD2  H N N 72  
ASP HXT  H N N 73  
CYS N    N N N 74  
CYS CA   C N R 75  
CYS C    C N N 76  
CYS O    O N N 77  
CYS CB   C N N 78  
CYS SG   S N N 79  
CYS OXT  O N N 80  
CYS H    H N N 81  
CYS H2   H N N 82  
CYS HA   H N N 83  
CYS HB2  H N N 84  
CYS HB3  H N N 85  
CYS HG   H N N 86  
CYS HXT  H N N 87  
GLN N    N N N 88  
GLN CA   C N S 89  
GLN C    C N N 90  
GLN O    O N N 91  
GLN CB   C N N 92  
GLN CG   C N N 93  
GLN CD   C N N 94  
GLN OE1  O N N 95  
GLN NE2  N N N 96  
GLN OXT  O N N 97  
GLN H    H N N 98  
GLN H2   H N N 99  
GLN HA   H N N 100 
GLN HB2  H N N 101 
GLN HB3  H N N 102 
GLN HG2  H N N 103 
GLN HG3  H N N 104 
GLN HE21 H N N 105 
GLN HE22 H N N 106 
GLN HXT  H N N 107 
GLU N    N N N 108 
GLU CA   C N S 109 
GLU C    C N N 110 
GLU O    O N N 111 
GLU CB   C N N 112 
GLU CG   C N N 113 
GLU CD   C N N 114 
GLU OE1  O N N 115 
GLU OE2  O N N 116 
GLU OXT  O N N 117 
GLU H    H N N 118 
GLU H2   H N N 119 
GLU HA   H N N 120 
GLU HB2  H N N 121 
GLU HB3  H N N 122 
GLU HG2  H N N 123 
GLU HG3  H N N 124 
GLU HE2  H N N 125 
GLU HXT  H N N 126 
GLY N    N N N 127 
GLY CA   C N N 128 
GLY C    C N N 129 
GLY O    O N N 130 
GLY OXT  O N N 131 
GLY H    H N N 132 
GLY H2   H N N 133 
GLY HA2  H N N 134 
GLY HA3  H N N 135 
GLY HXT  H N N 136 
HIS N    N N N 137 
HIS CA   C N S 138 
HIS C    C N N 139 
HIS O    O N N 140 
HIS CB   C N N 141 
HIS CG   C Y N 142 
HIS ND1  N Y N 143 
HIS CD2  C Y N 144 
HIS CE1  C Y N 145 
HIS NE2  N Y N 146 
HIS OXT  O N N 147 
HIS H    H N N 148 
HIS H2   H N N 149 
HIS HA   H N N 150 
HIS HB2  H N N 151 
HIS HB3  H N N 152 
HIS HD1  H N N 153 
HIS HD2  H N N 154 
HIS HE1  H N N 155 
HIS HE2  H N N 156 
HIS HXT  H N N 157 
HOH O    O N N 158 
HOH H1   H N N 159 
HOH H2   H N N 160 
ILE N    N N N 161 
ILE CA   C N S 162 
ILE C    C N N 163 
ILE O    O N N 164 
ILE CB   C N S 165 
ILE CG1  C N N 166 
ILE CG2  C N N 167 
ILE CD1  C N N 168 
ILE OXT  O N N 169 
ILE H    H N N 170 
ILE H2   H N N 171 
ILE HA   H N N 172 
ILE HB   H N N 173 
ILE HG12 H N N 174 
ILE HG13 H N N 175 
ILE HG21 H N N 176 
ILE HG22 H N N 177 
ILE HG23 H N N 178 
ILE HD11 H N N 179 
ILE HD12 H N N 180 
ILE HD13 H N N 181 
ILE HXT  H N N 182 
LEU N    N N N 183 
LEU CA   C N S 184 
LEU C    C N N 185 
LEU O    O N N 186 
LEU CB   C N N 187 
LEU CG   C N N 188 
LEU CD1  C N N 189 
LEU CD2  C N N 190 
LEU OXT  O N N 191 
LEU H    H N N 192 
LEU H2   H N N 193 
LEU HA   H N N 194 
LEU HB2  H N N 195 
LEU HB3  H N N 196 
LEU HG   H N N 197 
LEU HD11 H N N 198 
LEU HD12 H N N 199 
LEU HD13 H N N 200 
LEU HD21 H N N 201 
LEU HD22 H N N 202 
LEU HD23 H N N 203 
LEU HXT  H N N 204 
LYS N    N N N 205 
LYS CA   C N S 206 
LYS C    C N N 207 
LYS O    O N N 208 
LYS CB   C N N 209 
LYS CG   C N N 210 
LYS CD   C N N 211 
LYS CE   C N N 212 
LYS NZ   N N N 213 
LYS OXT  O N N 214 
LYS H    H N N 215 
LYS H2   H N N 216 
LYS HA   H N N 217 
LYS HB2  H N N 218 
LYS HB3  H N N 219 
LYS HG2  H N N 220 
LYS HG3  H N N 221 
LYS HD2  H N N 222 
LYS HD3  H N N 223 
LYS HE2  H N N 224 
LYS HE3  H N N 225 
LYS HZ1  H N N 226 
LYS HZ2  H N N 227 
LYS HZ3  H N N 228 
LYS HXT  H N N 229 
PHE N    N N N 230 
PHE CA   C N S 231 
PHE C    C N N 232 
PHE O    O N N 233 
PHE CB   C N N 234 
PHE CG   C Y N 235 
PHE CD1  C Y N 236 
PHE CD2  C Y N 237 
PHE CE1  C Y N 238 
PHE CE2  C Y N 239 
PHE CZ   C Y N 240 
PHE OXT  O N N 241 
PHE H    H N N 242 
PHE H2   H N N 243 
PHE HA   H N N 244 
PHE HB2  H N N 245 
PHE HB3  H N N 246 
PHE HD1  H N N 247 
PHE HD2  H N N 248 
PHE HE1  H N N 249 
PHE HE2  H N N 250 
PHE HZ   H N N 251 
PHE HXT  H N N 252 
PRO N    N N N 253 
PRO CA   C N S 254 
PRO C    C N N 255 
PRO O    O N N 256 
PRO CB   C N N 257 
PRO CG   C N N 258 
PRO CD   C N N 259 
PRO OXT  O N N 260 
PRO H    H N N 261 
PRO HA   H N N 262 
PRO HB2  H N N 263 
PRO HB3  H N N 264 
PRO HG2  H N N 265 
PRO HG3  H N N 266 
PRO HD2  H N N 267 
PRO HD3  H N N 268 
PRO HXT  H N N 269 
SER N    N N N 270 
SER CA   C N S 271 
SER C    C N N 272 
SER O    O N N 273 
SER CB   C N N 274 
SER OG   O N N 275 
SER OXT  O N N 276 
SER H    H N N 277 
SER H2   H N N 278 
SER HA   H N N 279 
SER HB2  H N N 280 
SER HB3  H N N 281 
SER HG   H N N 282 
SER HXT  H N N 283 
SO4 S    S N N 284 
SO4 O1   O N N 285 
SO4 O2   O N N 286 
SO4 O3   O N N 287 
SO4 O4   O N N 288 
THR N    N N N 289 
THR CA   C N S 290 
THR C    C N N 291 
THR O    O N N 292 
THR CB   C N R 293 
THR OG1  O N N 294 
THR CG2  C N N 295 
THR OXT  O N N 296 
THR H    H N N 297 
THR H2   H N N 298 
THR HA   H N N 299 
THR HB   H N N 300 
THR HG1  H N N 301 
THR HG21 H N N 302 
THR HG22 H N N 303 
THR HG23 H N N 304 
THR HXT  H N N 305 
TRP N    N N N 306 
TRP CA   C N S 307 
TRP C    C N N 308 
TRP O    O N N 309 
TRP CB   C N N 310 
TRP CG   C Y N 311 
TRP CD1  C Y N 312 
TRP CD2  C Y N 313 
TRP NE1  N Y N 314 
TRP CE2  C Y N 315 
TRP CE3  C Y N 316 
TRP CZ2  C Y N 317 
TRP CZ3  C Y N 318 
TRP CH2  C Y N 319 
TRP OXT  O N N 320 
TRP H    H N N 321 
TRP H2   H N N 322 
TRP HA   H N N 323 
TRP HB2  H N N 324 
TRP HB3  H N N 325 
TRP HD1  H N N 326 
TRP HE1  H N N 327 
TRP HE3  H N N 328 
TRP HZ2  H N N 329 
TRP HZ3  H N N 330 
TRP HH2  H N N 331 
TRP HXT  H N N 332 
TYR N    N N N 333 
TYR CA   C N S 334 
TYR C    C N N 335 
TYR O    O N N 336 
TYR CB   C N N 337 
TYR CG   C Y N 338 
TYR CD1  C Y N 339 
TYR CD2  C Y N 340 
TYR CE1  C Y N 341 
TYR CE2  C Y N 342 
TYR CZ   C Y N 343 
TYR OH   O N N 344 
TYR OXT  O N N 345 
TYR H    H N N 346 
TYR H2   H N N 347 
TYR HA   H N N 348 
TYR HB2  H N N 349 
TYR HB3  H N N 350 
TYR HD1  H N N 351 
TYR HD2  H N N 352 
TYR HE1  H N N 353 
TYR HE2  H N N 354 
TYR HH   H N N 355 
TYR HXT  H N N 356 
VAL N    N N N 357 
VAL CA   C N S 358 
VAL C    C N N 359 
VAL O    O N N 360 
VAL CB   C N N 361 
VAL CG1  C N N 362 
VAL CG2  C N N 363 
VAL OXT  O N N 364 
VAL H    H N N 365 
VAL H2   H N N 366 
VAL HA   H N N 367 
VAL HB   H N N 368 
VAL HG11 H N N 369 
VAL HG12 H N N 370 
VAL HG13 H N N 371 
VAL HG21 H N N 372 
VAL HG22 H N N 373 
VAL HG23 H N N 374 
VAL HXT  H N N 375 
# 
loop_
_chem_comp_bond.comp_id 
_chem_comp_bond.atom_id_1 
_chem_comp_bond.atom_id_2 
_chem_comp_bond.value_order 
_chem_comp_bond.pdbx_aromatic_flag 
_chem_comp_bond.pdbx_stereo_config 
_chem_comp_bond.pdbx_ordinal 
ALA N   CA   sing N N 1   
ALA N   H    sing N N 2   
ALA N   H2   sing N N 3   
ALA CA  C    sing N N 4   
ALA CA  CB   sing N N 5   
ALA CA  HA   sing N N 6   
ALA C   O    doub N N 7   
ALA C   OXT  sing N N 8   
ALA CB  HB1  sing N N 9   
ALA CB  HB2  sing N N 10  
ALA CB  HB3  sing N N 11  
ALA OXT HXT  sing N N 12  
ARG N   CA   sing N N 13  
ARG N   H    sing N N 14  
ARG N   H2   sing N N 15  
ARG CA  C    sing N N 16  
ARG CA  CB   sing N N 17  
ARG CA  HA   sing N N 18  
ARG C   O    doub N N 19  
ARG C   OXT  sing N N 20  
ARG CB  CG   sing N N 21  
ARG CB  HB2  sing N N 22  
ARG CB  HB3  sing N N 23  
ARG CG  CD   sing N N 24  
ARG CG  HG2  sing N N 25  
ARG CG  HG3  sing N N 26  
ARG CD  NE   sing N N 27  
ARG CD  HD2  sing N N 28  
ARG CD  HD3  sing N N 29  
ARG NE  CZ   sing N N 30  
ARG NE  HE   sing N N 31  
ARG CZ  NH1  sing N N 32  
ARG CZ  NH2  doub N N 33  
ARG NH1 HH11 sing N N 34  
ARG NH1 HH12 sing N N 35  
ARG NH2 HH21 sing N N 36  
ARG NH2 HH22 sing N N 37  
ARG OXT HXT  sing N N 38  
ASN N   CA   sing N N 39  
ASN N   H    sing N N 40  
ASN N   H2   sing N N 41  
ASN CA  C    sing N N 42  
ASN CA  CB   sing N N 43  
ASN CA  HA   sing N N 44  
ASN C   O    doub N N 45  
ASN C   OXT  sing N N 46  
ASN CB  CG   sing N N 47  
ASN CB  HB2  sing N N 48  
ASN CB  HB3  sing N N 49  
ASN CG  OD1  doub N N 50  
ASN CG  ND2  sing N N 51  
ASN ND2 HD21 sing N N 52  
ASN ND2 HD22 sing N N 53  
ASN OXT HXT  sing N N 54  
ASP N   CA   sing N N 55  
ASP N   H    sing N N 56  
ASP N   H2   sing N N 57  
ASP CA  C    sing N N 58  
ASP CA  CB   sing N N 59  
ASP CA  HA   sing N N 60  
ASP C   O    doub N N 61  
ASP C   OXT  sing N N 62  
ASP CB  CG   sing N N 63  
ASP CB  HB2  sing N N 64  
ASP CB  HB3  sing N N 65  
ASP CG  OD1  doub N N 66  
ASP CG  OD2  sing N N 67  
ASP OD2 HD2  sing N N 68  
ASP OXT HXT  sing N N 69  
CYS N   CA   sing N N 70  
CYS N   H    sing N N 71  
CYS N   H2   sing N N 72  
CYS CA  C    sing N N 73  
CYS CA  CB   sing N N 74  
CYS CA  HA   sing N N 75  
CYS C   O    doub N N 76  
CYS C   OXT  sing N N 77  
CYS CB  SG   sing N N 78  
CYS CB  HB2  sing N N 79  
CYS CB  HB3  sing N N 80  
CYS SG  HG   sing N N 81  
CYS OXT HXT  sing N N 82  
GLN N   CA   sing N N 83  
GLN N   H    sing N N 84  
GLN N   H2   sing N N 85  
GLN CA  C    sing N N 86  
GLN CA  CB   sing N N 87  
GLN CA  HA   sing N N 88  
GLN C   O    doub N N 89  
GLN C   OXT  sing N N 90  
GLN CB  CG   sing N N 91  
GLN CB  HB2  sing N N 92  
GLN CB  HB3  sing N N 93  
GLN CG  CD   sing N N 94  
GLN CG  HG2  sing N N 95  
GLN CG  HG3  sing N N 96  
GLN CD  OE1  doub N N 97  
GLN CD  NE2  sing N N 98  
GLN NE2 HE21 sing N N 99  
GLN NE2 HE22 sing N N 100 
GLN OXT HXT  sing N N 101 
GLU N   CA   sing N N 102 
GLU N   H    sing N N 103 
GLU N   H2   sing N N 104 
GLU CA  C    sing N N 105 
GLU CA  CB   sing N N 106 
GLU CA  HA   sing N N 107 
GLU C   O    doub N N 108 
GLU C   OXT  sing N N 109 
GLU CB  CG   sing N N 110 
GLU CB  HB2  sing N N 111 
GLU CB  HB3  sing N N 112 
GLU CG  CD   sing N N 113 
GLU CG  HG2  sing N N 114 
GLU CG  HG3  sing N N 115 
GLU CD  OE1  doub N N 116 
GLU CD  OE2  sing N N 117 
GLU OE2 HE2  sing N N 118 
GLU OXT HXT  sing N N 119 
GLY N   CA   sing N N 120 
GLY N   H    sing N N 121 
GLY N   H2   sing N N 122 
GLY CA  C    sing N N 123 
GLY CA  HA2  sing N N 124 
GLY CA  HA3  sing N N 125 
GLY C   O    doub N N 126 
GLY C   OXT  sing N N 127 
GLY OXT HXT  sing N N 128 
HIS N   CA   sing N N 129 
HIS N   H    sing N N 130 
HIS N   H2   sing N N 131 
HIS CA  C    sing N N 132 
HIS CA  CB   sing N N 133 
HIS CA  HA   sing N N 134 
HIS C   O    doub N N 135 
HIS C   OXT  sing N N 136 
HIS CB  CG   sing N N 137 
HIS CB  HB2  sing N N 138 
HIS CB  HB3  sing N N 139 
HIS CG  ND1  sing Y N 140 
HIS CG  CD2  doub Y N 141 
HIS ND1 CE1  doub Y N 142 
HIS ND1 HD1  sing N N 143 
HIS CD2 NE2  sing Y N 144 
HIS CD2 HD2  sing N N 145 
HIS CE1 NE2  sing Y N 146 
HIS CE1 HE1  sing N N 147 
HIS NE2 HE2  sing N N 148 
HIS OXT HXT  sing N N 149 
HOH O   H1   sing N N 150 
HOH O   H2   sing N N 151 
ILE N   CA   sing N N 152 
ILE N   H    sing N N 153 
ILE N   H2   sing N N 154 
ILE CA  C    sing N N 155 
ILE CA  CB   sing N N 156 
ILE CA  HA   sing N N 157 
ILE C   O    doub N N 158 
ILE C   OXT  sing N N 159 
ILE CB  CG1  sing N N 160 
ILE CB  CG2  sing N N 161 
ILE CB  HB   sing N N 162 
ILE CG1 CD1  sing N N 163 
ILE CG1 HG12 sing N N 164 
ILE CG1 HG13 sing N N 165 
ILE CG2 HG21 sing N N 166 
ILE CG2 HG22 sing N N 167 
ILE CG2 HG23 sing N N 168 
ILE CD1 HD11 sing N N 169 
ILE CD1 HD12 sing N N 170 
ILE CD1 HD13 sing N N 171 
ILE OXT HXT  sing N N 172 
LEU N   CA   sing N N 173 
LEU N   H    sing N N 174 
LEU N   H2   sing N N 175 
LEU CA  C    sing N N 176 
LEU CA  CB   sing N N 177 
LEU CA  HA   sing N N 178 
LEU C   O    doub N N 179 
LEU C   OXT  sing N N 180 
LEU CB  CG   sing N N 181 
LEU CB  HB2  sing N N 182 
LEU CB  HB3  sing N N 183 
LEU CG  CD1  sing N N 184 
LEU CG  CD2  sing N N 185 
LEU CG  HG   sing N N 186 
LEU CD1 HD11 sing N N 187 
LEU CD1 HD12 sing N N 188 
LEU CD1 HD13 sing N N 189 
LEU CD2 HD21 sing N N 190 
LEU CD2 HD22 sing N N 191 
LEU CD2 HD23 sing N N 192 
LEU OXT HXT  sing N N 193 
LYS N   CA   sing N N 194 
LYS N   H    sing N N 195 
LYS N   H2   sing N N 196 
LYS CA  C    sing N N 197 
LYS CA  CB   sing N N 198 
LYS CA  HA   sing N N 199 
LYS C   O    doub N N 200 
LYS C   OXT  sing N N 201 
LYS CB  CG   sing N N 202 
LYS CB  HB2  sing N N 203 
LYS CB  HB3  sing N N 204 
LYS CG  CD   sing N N 205 
LYS CG  HG2  sing N N 206 
LYS CG  HG3  sing N N 207 
LYS CD  CE   sing N N 208 
LYS CD  HD2  sing N N 209 
LYS CD  HD3  sing N N 210 
LYS CE  NZ   sing N N 211 
LYS CE  HE2  sing N N 212 
LYS CE  HE3  sing N N 213 
LYS NZ  HZ1  sing N N 214 
LYS NZ  HZ2  sing N N 215 
LYS NZ  HZ3  sing N N 216 
LYS OXT HXT  sing N N 217 
PHE N   CA   sing N N 218 
PHE N   H    sing N N 219 
PHE N   H2   sing N N 220 
PHE CA  C    sing N N 221 
PHE CA  CB   sing N N 222 
PHE CA  HA   sing N N 223 
PHE C   O    doub N N 224 
PHE C   OXT  sing N N 225 
PHE CB  CG   sing N N 226 
PHE CB  HB2  sing N N 227 
PHE CB  HB3  sing N N 228 
PHE CG  CD1  doub Y N 229 
PHE CG  CD2  sing Y N 230 
PHE CD1 CE1  sing Y N 231 
PHE CD1 HD1  sing N N 232 
PHE CD2 CE2  doub Y N 233 
PHE CD2 HD2  sing N N 234 
PHE CE1 CZ   doub Y N 235 
PHE CE1 HE1  sing N N 236 
PHE CE2 CZ   sing Y N 237 
PHE CE2 HE2  sing N N 238 
PHE CZ  HZ   sing N N 239 
PHE OXT HXT  sing N N 240 
PRO N   CA   sing N N 241 
PRO N   CD   sing N N 242 
PRO N   H    sing N N 243 
PRO CA  C    sing N N 244 
PRO CA  CB   sing N N 245 
PRO CA  HA   sing N N 246 
PRO C   O    doub N N 247 
PRO C   OXT  sing N N 248 
PRO CB  CG   sing N N 249 
PRO CB  HB2  sing N N 250 
PRO CB  HB3  sing N N 251 
PRO CG  CD   sing N N 252 
PRO CG  HG2  sing N N 253 
PRO CG  HG3  sing N N 254 
PRO CD  HD2  sing N N 255 
PRO CD  HD3  sing N N 256 
PRO OXT HXT  sing N N 257 
SER N   CA   sing N N 258 
SER N   H    sing N N 259 
SER N   H2   sing N N 260 
SER CA  C    sing N N 261 
SER CA  CB   sing N N 262 
SER CA  HA   sing N N 263 
SER C   O    doub N N 264 
SER C   OXT  sing N N 265 
SER CB  OG   sing N N 266 
SER CB  HB2  sing N N 267 
SER CB  HB3  sing N N 268 
SER OG  HG   sing N N 269 
SER OXT HXT  sing N N 270 
SO4 S   O1   doub N N 271 
SO4 S   O2   doub N N 272 
SO4 S   O3   sing N N 273 
SO4 S   O4   sing N N 274 
THR N   CA   sing N N 275 
THR N   H    sing N N 276 
THR N   H2   sing N N 277 
THR CA  C    sing N N 278 
THR CA  CB   sing N N 279 
THR CA  HA   sing N N 280 
THR C   O    doub N N 281 
THR C   OXT  sing N N 282 
THR CB  OG1  sing N N 283 
THR CB  CG2  sing N N 284 
THR CB  HB   sing N N 285 
THR OG1 HG1  sing N N 286 
THR CG2 HG21 sing N N 287 
THR CG2 HG22 sing N N 288 
THR CG2 HG23 sing N N 289 
THR OXT HXT  sing N N 290 
TRP N   CA   sing N N 291 
TRP N   H    sing N N 292 
TRP N   H2   sing N N 293 
TRP CA  C    sing N N 294 
TRP CA  CB   sing N N 295 
TRP CA  HA   sing N N 296 
TRP C   O    doub N N 297 
TRP C   OXT  sing N N 298 
TRP CB  CG   sing N N 299 
TRP CB  HB2  sing N N 300 
TRP CB  HB3  sing N N 301 
TRP CG  CD1  doub Y N 302 
TRP CG  CD2  sing Y N 303 
TRP CD1 NE1  sing Y N 304 
TRP CD1 HD1  sing N N 305 
TRP CD2 CE2  doub Y N 306 
TRP CD2 CE3  sing Y N 307 
TRP NE1 CE2  sing Y N 308 
TRP NE1 HE1  sing N N 309 
TRP CE2 CZ2  sing Y N 310 
TRP CE3 CZ3  doub Y N 311 
TRP CE3 HE3  sing N N 312 
TRP CZ2 CH2  doub Y N 313 
TRP CZ2 HZ2  sing N N 314 
TRP CZ3 CH2  sing Y N 315 
TRP CZ3 HZ3  sing N N 316 
TRP CH2 HH2  sing N N 317 
TRP OXT HXT  sing N N 318 
TYR N   CA   sing N N 319 
TYR N   H    sing N N 320 
TYR N   H2   sing N N 321 
TYR CA  C    sing N N 322 
TYR CA  CB   sing N N 323 
TYR CA  HA   sing N N 324 
TYR C   O    doub N N 325 
TYR C   OXT  sing N N 326 
TYR CB  CG   sing N N 327 
TYR CB  HB2  sing N N 328 
TYR CB  HB3  sing N N 329 
TYR CG  CD1  doub Y N 330 
TYR CG  CD2  sing Y N 331 
TYR CD1 CE1  sing Y N 332 
TYR CD1 HD1  sing N N 333 
TYR CD2 CE2  doub Y N 334 
TYR CD2 HD2  sing N N 335 
TYR CE1 CZ   doub Y N 336 
TYR CE1 HE1  sing N N 337 
TYR CE2 CZ   sing Y N 338 
TYR CE2 HE2  sing N N 339 
TYR CZ  OH   sing N N 340 
TYR OH  HH   sing N N 341 
TYR OXT HXT  sing N N 342 
VAL N   CA   sing N N 343 
VAL N   H    sing N N 344 
VAL N   H2   sing N N 345 
VAL CA  C    sing N N 346 
VAL CA  CB   sing N N 347 
VAL CA  HA   sing N N 348 
VAL C   O    doub N N 349 
VAL C   OXT  sing N N 350 
VAL CB  CG1  sing N N 351 
VAL CB  CG2  sing N N 352 
VAL CB  HB   sing N N 353 
VAL CG1 HG11 sing N N 354 
VAL CG1 HG12 sing N N 355 
VAL CG1 HG13 sing N N 356 
VAL CG2 HG21 sing N N 357 
VAL CG2 HG22 sing N N 358 
VAL CG2 HG23 sing N N 359 
VAL OXT HXT  sing N N 360 
# 
_pdbx_initial_refinement_model.id               1 
_pdbx_initial_refinement_model.entity_id_list   ? 
_pdbx_initial_refinement_model.type             'experimental model' 
_pdbx_initial_refinement_model.source_name      PDB 
_pdbx_initial_refinement_model.accession_code   3MCG 
_pdbx_initial_refinement_model.details          'PDB ENTRY 3MCG' 
# 
_atom_sites.entry_id                    4UNV 
_atom_sites.fract_transf_matrix[1][1]   -0.01804501 
_atom_sites.fract_transf_matrix[1][2]   0.00125803 
_atom_sites.fract_transf_matrix[1][3]   0.01967420 
_atom_sites.fract_transf_matrix[2][1]   0.00499538 
_atom_sites.fract_transf_matrix[2][2]   0.01542547 
_atom_sites.fract_transf_matrix[2][3]   0.00359536 
_atom_sites.fract_transf_matrix[3][1]   -0.00848121 
_atom_sites.fract_transf_matrix[3][2]   0.00462864 
_atom_sites.fract_transf_matrix[3][3]   -0.00807486 
_atom_sites.fract_transf_vector[1]      -0.176107 
_atom_sites.fract_transf_vector[2]      -0.090921 
_atom_sites.fract_transf_vector[3]      0.111355 
# 
loop_
_atom_type.symbol 
C 
N 
O 
S 
# 
loop_
_atom_site.group_PDB 
_atom_site.id 
_atom_site.type_symbol 
_atom_site.label_atom_id 
_atom_site.label_alt_id 
_atom_site.label_comp_id 
_atom_site.label_asym_id 
_atom_site.label_entity_id 
_atom_site.label_seq_id 
_atom_site.pdbx_PDB_ins_code 
_atom_site.Cartn_x 
_atom_site.Cartn_y 
_atom_site.Cartn_z 
_atom_site.occupancy 
_atom_site.B_iso_or_equiv 
_atom_site.pdbx_formal_charge 
_atom_site.auth_seq_id 
_atom_site.auth_comp_id 
_atom_site.auth_asym_id 
_atom_site.auth_atom_id 
_atom_site.pdbx_PDB_model_num 
ATOM   1   N N   . ALA A 1 4   ? -8.448  3.375   11.857  1.00 32.77 ? 3    ALA A N   1 
ATOM   2   C CA  . ALA A 1 4   ? -7.733  2.312   12.579  1.00 29.56 ? 3    ALA A CA  1 
ATOM   3   C C   . ALA A 1 4   ? -6.344  2.019   11.960  1.00 26.04 ? 3    ALA A C   1 
ATOM   4   O O   . ALA A 1 4   ? -5.466  1.532   12.724  1.00 32.70 ? 3    ALA A O   1 
ATOM   5   C CB  . ALA A 1 4   ? -8.548  1.039   12.629  1.00 33.61 ? 3    ALA A CB  1 
ATOM   6   N N   . LEU A 1 5   ? -6.162  2.190   10.633  1.00 22.66 ? 4    LEU A N   1 
ATOM   7   C CA  . LEU A 1 5   ? -4.811  1.924   10.037  1.00 17.86 ? 4    LEU A CA  1 
ATOM   8   C C   . LEU A 1 5   ? -4.044  3.229   9.904   1.00 17.89 ? 4    LEU A C   1 
ATOM   9   O O   . LEU A 1 5   ? -4.600  4.212   9.444   1.00 19.39 ? 4    LEU A O   1 
ATOM   10  C CB  . LEU A 1 5   ? -4.820  1.183   8.701   1.00 16.37 ? 4    LEU A CB  1 
ATOM   11  C CG  . LEU A 1 5   ? -5.587  -0.147  8.671   1.00 16.59 ? 4    LEU A CG  1 
ATOM   12  C CD1 . LEU A 1 5   ? -5.558  -0.854  7.357   1.00 16.22 ? 4    LEU A CD1 1 
ATOM   13  C CD2 . LEU A 1 5   ? -5.130  -1.119  9.739   1.00 18.64 ? 4    LEU A CD2 1 
ATOM   14  N N   . THR A 1 6   ? -2.815  3.246   10.380  1.00 14.51 ? 5    THR A N   1 
ATOM   15  C CA  . THR A 1 6   ? -1.971  4.423   10.346  1.00 15.11 ? 5    THR A CA  1 
ATOM   16  C C   . THR A 1 6   ? -0.990  4.366   9.152   1.00 14.83 ? 5    THR A C   1 
ATOM   17  O O   . THR A 1 6   ? -0.159  3.453   9.055   1.00 16.47 ? 5    THR A O   1 
ATOM   18  C CB  . THR A 1 6   ? -1.174  4.599   11.644  1.00 16.89 ? 5    THR A CB  1 
ATOM   19  O OG1 . THR A 1 6   ? -2.121  4.723   12.725  1.00 21.60 ? 5    THR A OG1 1 
ATOM   20  C CG2 . THR A 1 6   ? -0.282  5.886   11.568  1.00 17.79 ? 5    THR A CG2 1 
ATOM   21  N N   . GLN A 1 7   ? -1.076  5.380   8.302   1.00 14.12 ? 6    GLN A N   1 
ATOM   22  C CA  . GLN A 1 7   ? -0.119  5.558   7.197   1.00 14.73 ? 6    GLN A CA  1 
ATOM   23  C C   . GLN A 1 7   ? 0.459   6.955   7.305   1.00 14.99 ? 6    GLN A C   1 
ATOM   24  O O   . GLN A 1 7   ? -0.260  7.886   7.691   1.00 16.42 ? 6    GLN A O   1 
ATOM   25  C CB  . GLN A 1 7   ? -0.846  5.446   5.856   1.00 15.12 ? 6    GLN A CB  1 
ATOM   26  C CG  . GLN A 1 7   ? -1.449  4.089   5.466   1.00 14.83 ? 6    GLN A CG  1 
ATOM   27  C CD  . GLN A 1 7   ? -2.105  4.130   4.095   1.00 16.81 ? 6    GLN A CD  1 
ATOM   28  O OE1 . GLN A 1 7   ? -3.305  4.300   3.922   1.00 14.93 ? 6    GLN A OE1 1 
ATOM   29  N NE2 . GLN A 1 7   ? -1.255  4.063   3.089   1.00 17.20 ? 6    GLN A NE2 1 
ATOM   30  N N   . PRO A 1 8   ? 1.722   7.109   6.968   1.00 14.18 ? 7    PRO A N   1 
ATOM   31  C CA  . PRO A 1 8   ? 2.261   8.454   6.913   1.00 15.50 ? 7    PRO A CA  1 
ATOM   32  C C   . PRO A 1 8   ? 1.542   9.272   5.844   1.00 15.37 ? 7    PRO A C   1 
ATOM   33  O O   . PRO A 1 8   ? 1.313   8.783   4.738   1.00 15.22 ? 7    PRO A O   1 
ATOM   34  C CB  . PRO A 1 8   ? 3.734   8.223   6.434   1.00 15.19 ? 7    PRO A CB  1 
ATOM   35  C CG  . PRO A 1 8   ? 3.662   6.952   5.698   1.00 16.42 ? 7    PRO A CG  1 
ATOM   36  C CD  . PRO A 1 8   ? 2.652   6.099   6.432   1.00 14.95 ? 7    PRO A CD  1 
ATOM   37  N N   . PRO A 1 9   ? 1.217   10.557  6.159   1.00 14.93 ? 8    PRO A N   1 
ATOM   38  C CA  . PRO A 1 9   ? 0.487   11.279  5.101   1.00 14.80 ? 8    PRO A CA  1 
ATOM   39  C C   . PRO A 1 9   ? 1.307   11.508  3.829   1.00 13.25 ? 8    PRO A C   1 
ATOM   40  O O   . PRO A 1 9   ? 0.746   11.654  2.710   1.00 14.02 ? 8    PRO A O   1 
ATOM   41  C CB  . PRO A 1 9   ? 0.087   12.592  5.761   1.00 16.76 ? 8    PRO A CB  1 
ATOM   42  C CG  . PRO A 1 9   ? 0.443   12.448  7.193   1.00 17.63 ? 8    PRO A CG  1 
ATOM   43  C CD  . PRO A 1 9   ? 1.174   11.224  7.464   1.00 15.56 ? 8    PRO A CD  1 
ATOM   44  N N   . SER A 1 10  ? 2.640   11.489  3.987   1.00 15.49 ? 9    SER A N   1 
ATOM   45  C CA  . SER A 1 10  ? 3.486   11.810  2.825   1.00 15.46 ? 9    SER A CA  1 
ATOM   46  C C   . SER A 1 10  ? 4.696   10.895  2.809   1.00 16.08 ? 9    SER A C   1 
ATOM   47  O O   . SER A 1 10  ? 5.177   10.511  3.854   1.00 15.98 ? 9    SER A O   1 
ATOM   48  C CB  . SER A 1 10  ? 3.939   13.239  3.002   1.00 20.86 ? 9    SER A CB  1 
ATOM   49  O OG  . SER A 1 10  ? 4.972   13.599  2.128   1.00 26.87 ? 9    SER A OG  1 
ATOM   50  N N   . ALA A 1 11  ? 5.193   10.616  1.605   1.00 16.18 ? 10   ALA A N   1 
ATOM   51  C CA  . ALA A 1 11  ? 6.469   9.921   1.453   1.00 17.39 ? 10   ALA A CA  1 
ATOM   52  C C   . ALA A 1 11  ? 7.030   10.387  0.116   1.00 16.62 ? 10   ALA A C   1 
ATOM   53  O O   . ALA A 1 11  ? 6.310   10.916  -0.722  1.00 18.28 ? 10   ALA A O   1 
ATOM   54  C CB  . ALA A 1 11  ? 6.337   8.424   1.522   1.00 17.26 ? 10   ALA A CB  1 
ATOM   55  N N   . SER A 1 12  ? 8.340   10.212  -0.016  1.00 17.76 ? 11   SER A N   1 
ATOM   56  C CA  A SER A 1 12  ? 9.073   10.686  -1.191  0.50 17.61 ? 11   SER A CA  1 
ATOM   57  C CA  B SER A 1 12  ? 9.018   10.632  -1.222  0.50 19.15 ? 11   SER A CA  1 
ATOM   58  C C   . SER A 1 12  ? 10.065  9.656   -1.649  1.00 18.13 ? 11   SER A C   1 
ATOM   59  O O   . SER A 1 12  ? 10.562  8.882   -0.826  1.00 19.66 ? 11   SER A O   1 
ATOM   60  C CB  A SER A 1 12  ? 9.839   11.995  -0.863  0.50 17.94 ? 11   SER A CB  1 
ATOM   61  C CB  B SER A 1 12  ? 9.672   11.998  -1.019  0.50 21.70 ? 11   SER A CB  1 
ATOM   62  O OG  A SER A 1 12  ? 10.844  11.762  0.100   0.50 16.32 ? 11   SER A OG  1 
ATOM   63  O OG  B SER A 1 12  ? 9.628   12.675  -2.242  0.50 24.32 ? 11   SER A OG  1 
ATOM   64  N N   . GLY A 1 13  ? 10.396  9.721   -2.935  1.00 17.63 ? 12   GLY A N   1 
ATOM   65  C CA  . GLY A 1 13  ? 11.517  8.977   -3.489  1.00 20.53 ? 12   GLY A CA  1 
ATOM   66  C C   . GLY A 1 13  ? 12.015  9.651   -4.742  1.00 19.99 ? 12   GLY A C   1 
ATOM   67  O O   . GLY A 1 13  ? 11.418  10.563  -5.259  1.00 20.12 ? 12   GLY A O   1 
ATOM   68  N N   . SER A 1 14  ? 13.171  9.188   -5.192  1.00 26.86 ? 13   SER A N   1 
ATOM   69  C CA  . SER A 1 14  ? 13.861  9.726   -6.323  1.00 25.94 ? 13   SER A CA  1 
ATOM   70  C C   . SER A 1 14  ? 13.606  8.859   -7.525  1.00 23.13 ? 13   SER A C   1 
ATOM   71  O O   . SER A 1 14  ? 13.564  7.617   -7.458  1.00 23.59 ? 13   SER A O   1 
ATOM   72  C CB  . SER A 1 14  ? 15.382  9.754   -6.051  1.00 26.88 ? 13   SER A CB  1 
ATOM   73  O OG  . SER A 1 14  ? 15.739  11.036  -5.559  1.00 36.89 ? 13   SER A OG  1 
ATOM   74  N N   . LEU A 1 15  ? 13.540  9.528   -8.651  1.00 28.94 ? 14   LEU A N   1 
ATOM   75  C CA  . LEU A 1 15  ? 13.421  8.845   -9.916  1.00 24.91 ? 14   LEU A CA  1 
ATOM   76  C C   . LEU A 1 15  ? 14.440  7.734   -10.042 1.00 26.94 ? 14   LEU A C   1 
ATOM   77  O O   . LEU A 1 15  ? 15.641  7.972   -9.822  1.00 24.32 ? 14   LEU A O   1 
ATOM   78  C CB  . LEU A 1 15  ? 13.639  9.867   -11.024 1.00 28.23 ? 14   LEU A CB  1 
ATOM   79  C CG  . LEU A 1 15  ? 12.430  10.718  -11.329 1.00 31.83 ? 14   LEU A CG  1 
ATOM   80  C CD1 . LEU A 1 15  ? 12.829  11.922  -12.173 1.00 35.05 ? 14   LEU A CD1 1 
ATOM   81  C CD2 . LEU A 1 15  ? 11.369  9.833   -11.987 1.00 31.86 ? 14   LEU A CD2 1 
ATOM   82  N N   . GLY A 1 16  ? 13.983  6.544   -10.428 1.00 23.03 ? 15   GLY A N   1 
ATOM   83  C CA  . GLY A 1 16  ? 14.771  5.335   -10.494 1.00 25.00 ? 15   GLY A CA  1 
ATOM   84  C C   . GLY A 1 16  ? 15.081  4.570   -9.248  1.00 24.88 ? 15   GLY A C   1 
ATOM   85  O O   . GLY A 1 16  ? 15.602  3.460   -9.320  1.00 26.56 ? 15   GLY A O   1 
ATOM   86  N N   . GLN A 1 17  ? 14.740  5.139   -8.082  1.00 24.98 ? 16   GLN A N   1 
ATOM   87  C CA  . GLN A 1 17  ? 15.097  4.591   -6.808  1.00 26.64 ? 16   GLN A CA  1 
ATOM   88  C C   . GLN A 1 17  ? 13.863  3.930   -6.151  1.00 26.63 ? 16   GLN A C   1 
ATOM   89  O O   . GLN A 1 17  ? 12.882  3.691   -6.830  1.00 24.63 ? 16   GLN A O   1 
ATOM   90  C CB  . GLN A 1 17  ? 15.676  5.709   -5.934  1.00 27.99 ? 16   GLN A CB  1 
ATOM   91  C CG  . GLN A 1 17  ? 16.945  6.355   -6.519  1.00 32.78 ? 16   GLN A CG  1 
ATOM   92  N N   . SER A 1 18  ? 13.945  3.590   -4.879  1.00 28.87 ? 17   SER A N   1 
ATOM   93  C CA  . SER A 1 18  ? 12.843  2.864   -4.218  1.00 30.34 ? 17   SER A CA  1 
ATOM   94  C C   . SER A 1 18  ? 12.200  3.727   -3.159  1.00 30.12 ? 17   SER A C   1 
ATOM   95  O O   . SER A 1 18  ? 12.731  4.753   -2.727  1.00 27.36 ? 17   SER A O   1 
ATOM   96  C CB  . SER A 1 18  ? 13.328  1.553   -3.602  1.00 32.08 ? 17   SER A CB  1 
ATOM   97  O OG  . SER A 1 18  ? 13.660  0.581   -4.603  1.00 37.54 ? 17   SER A OG  1 
ATOM   98  N N   . VAL A 1 19  ? 11.008  3.315   -2.753  1.00 24.89 ? 18   VAL A N   1 
ATOM   99  C CA  . VAL A 1 19  ? 10.335  3.950   -1.621  1.00 21.48 ? 18   VAL A CA  1 
ATOM   100 C C   . VAL A 1 19  ? 9.604   2.809   -0.934  1.00 21.15 ? 18   VAL A C   1 
ATOM   101 O O   . VAL A 1 19  ? 9.120   1.916   -1.592  1.00 19.29 ? 18   VAL A O   1 
ATOM   102 C CB  . VAL A 1 19  ? 9.436   5.143   -1.999  1.00 22.15 ? 18   VAL A CB  1 
ATOM   103 C CG1 . VAL A 1 19  ? 8.227   4.767   -2.848  1.00 23.69 ? 18   VAL A CG1 1 
ATOM   104 C CG2 . VAL A 1 19  ? 8.958   5.945   -0.758  1.00 23.88 ? 18   VAL A CG2 1 
ATOM   105 N N   . THR A 1 20  ? 9.664   2.763   0.388   1.00 19.29 ? 19   THR A N   1 
ATOM   106 C CA  . THR A 1 20  ? 8.844   1.841   1.121   1.00 19.01 ? 19   THR A CA  1 
ATOM   107 C C   . THR A 1 20  ? 7.952   2.655   2.039   1.00 18.58 ? 19   THR A C   1 
ATOM   108 O O   . THR A 1 20  ? 8.451   3.484   2.788   1.00 20.31 ? 19   THR A O   1 
ATOM   109 C CB  . THR A 1 20  ? 9.699   0.830   1.946   1.00 19.78 ? 19   THR A CB  1 
ATOM   110 O OG1 . THR A 1 20  ? 10.461  -0.027  1.077   1.00 22.90 ? 19   THR A OG1 1 
ATOM   111 C CG2 . THR A 1 20  ? 8.849   -0.035  2.836   1.00 20.97 ? 19   THR A CG2 1 
ATOM   112 N N   . ILE A 1 21  ? 6.656   2.384   2.035   1.00 15.68 ? 20   ILE A N   1 
ATOM   113 C CA  . ILE A 1 21  ? 5.686   3.026   2.917   1.00 15.03 ? 20   ILE A CA  1 
ATOM   114 C C   . ILE A 1 21  ? 4.958   2.001   3.772   1.00 14.36 ? 20   ILE A C   1 
ATOM   115 O O   . ILE A 1 21  ? 4.849   0.832   3.426   1.00 14.16 ? 20   ILE A O   1 
ATOM   116 C CB  . ILE A 1 21  ? 4.687   3.847   2.101   1.00 14.74 ? 20   ILE A CB  1 
ATOM   117 C CG1 . ILE A 1 21  ? 3.877   3.017   1.106   1.00 15.35 ? 20   ILE A CG1 1 
ATOM   118 C CG2 . ILE A 1 21  ? 5.390   4.958   1.310   1.00 16.80 ? 20   ILE A CG2 1 
ATOM   119 C CD1 . ILE A 1 21  ? 2.811   3.775   0.333   1.00 16.79 ? 20   ILE A CD1 1 
ATOM   120 N N   . SER A 1 22  ? 4.525   2.462   4.922   1.00 14.44 ? 21   SER A N   1 
ATOM   121 C CA  . SER A 1 22  ? 4.061   1.565   5.936   1.00 14.05 ? 21   SER A CA  1 
ATOM   122 C C   . SER A 1 22  ? 2.576   1.789   6.260   1.00 13.16 ? 21   SER A C   1 
ATOM   123 O O   . SER A 1 22  ? 1.999   2.835   5.993   1.00 13.14 ? 21   SER A O   1 
ATOM   124 C CB  . SER A 1 22  ? 4.888   1.765   7.223   1.00 13.51 ? 21   SER A CB  1 
ATOM   125 O OG  . SER A 1 22  ? 4.706   3.072   7.753   1.00 15.69 ? 21   SER A OG  1 
ATOM   126 N N   . CYS A 1 23  ? 1.955   0.775   6.865   1.00 14.06 ? 22   CYS A N   1 
ATOM   127 C CA  . CYS A 1 23  ? 0.551   0.765   7.186   1.00 15.44 ? 22   CYS A CA  1 
ATOM   128 C C   . CYS A 1 23  ? 0.451   -0.059  8.497   1.00 14.58 ? 22   CYS A C   1 
ATOM   129 O O   . CYS A 1 23  ? 0.622   -1.260  8.461   1.00 14.27 ? 22   CYS A O   1 
ATOM   130 C CB  . CYS A 1 23  ? -0.198  0.148   6.039   1.00 15.69 ? 22   CYS A CB  1 
ATOM   131 S SG  . CYS A 1 23  ? -1.900  -0.349  6.397   1.00 19.58 ? 22   CYS A SG  1 
ATOM   132 N N   . THR A 1 24  ? 0.224   0.621   9.609   1.00 14.20 ? 23   THR A N   1 
ATOM   133 C CA  . THR A 1 24  ? 0.219   -0.054  10.902  1.00 15.94 ? 23   THR A CA  1 
ATOM   134 C C   . THR A 1 24  ? -1.181  -0.173  11.471  1.00 15.26 ? 23   THR A C   1 
ATOM   135 O O   . THR A 1 24  ? -1.898  0.799   11.518  1.00 16.10 ? 23   THR A O   1 
ATOM   136 C CB  . THR A 1 24  ? 1.093   0.690   11.897  1.00 19.35 ? 23   THR A CB  1 
ATOM   137 O OG1 . THR A 1 24  ? 2.425   0.756   11.393  1.00 22.25 ? 23   THR A OG1 1 
ATOM   138 C CG2 . THR A 1 24  ? 1.149   0.000   13.185  1.00 22.95 ? 23   THR A CG2 1 
ATOM   139 N N   . GLY A 1 25  ? -1.539  -1.406  11.892  1.00 16.33 ? 24   GLY A N   1 
ATOM   140 C CA  . GLY A 1 25  ? -2.845  -1.660  12.515  1.00 17.60 ? 24   GLY A CA  1 
ATOM   141 C C   . GLY A 1 25  ? -2.658  -2.362  13.839  1.00 18.84 ? 24   GLY A C   1 
ATOM   142 O O   . GLY A 1 25  ? -1.750  -2.050  14.582  1.00 19.19 ? 24   GLY A O   1 
ATOM   143 N N   . THR A 1 26  ? -3.602  -3.248  14.124  1.00 21.92 ? 25   THR A N   1 
ATOM   144 C CA  . THR A 1 26  ? -3.611  -4.020  15.393  1.00 23.50 ? 25   THR A CA  1 
ATOM   145 C C   . THR A 1 26  ? -3.653  -5.523  15.138  1.00 23.62 ? 25   THR A C   1 
ATOM   146 O O   . THR A 1 26  ? -3.714  -6.005  14.015  1.00 20.12 ? 25   THR A O   1 
ATOM   147 C CB  . THR A 1 26  ? -4.865  -3.688  16.201  1.00 28.73 ? 25   THR A CB  1 
ATOM   148 O OG1 . THR A 1 26  ? -5.971  -4.365  15.592  1.00 31.88 ? 25   THR A OG1 1 
ATOM   149 C CG2 . THR A 1 26  ? -5.133  -2.184  16.250  1.00 30.91 ? 25   THR A CG2 1 
ATOM   150 N N   . SER A 1 27  ? -3.624  -6.316  16.222  1.00 23.93 ? 26   SER A N   1 
ATOM   151 C CA  . SER A 1 27  ? -3.600  -7.794  16.072  1.00 25.89 ? 26   SER A CA  1 
ATOM   152 C C   . SER A 1 27  ? -4.909  -8.405  15.513  1.00 28.05 ? 26   SER A C   1 
ATOM   153 O O   . SER A 1 27  ? -4.918  -9.566  15.056  1.00 30.46 ? 26   SER A O   1 
ATOM   154 C CB  . SER A 1 27  ? -3.292  -8.445  17.418  1.00 25.35 ? 26   SER A CB  1 
ATOM   155 O OG  . SER A 1 27  ? -4.332  -8.122  18.275  1.00 30.97 ? 26   SER A OG  1 
ATOM   156 N N   . SER A 1 28  ? -5.949  -7.612  15.562  1.00 25.08 ? 27   SER A N   1 
ATOM   157 C CA  . SER A 1 28  ? -7.276  -7.939  14.981  1.00 25.75 ? 27   SER A CA  1 
ATOM   158 C C   . SER A 1 28  ? -7.555  -7.514  13.556  1.00 26.76 ? 27   SER A C   1 
ATOM   159 O O   . SER A 1 28  ? -8.661  -7.729  13.036  1.00 24.33 ? 27   SER A O   1 
ATOM   160 C CB  . SER A 1 28  ? -8.310  -7.343  15.866  1.00 29.56 ? 27   SER A CB  1 
ATOM   161 O OG  . SER A 1 28  ? -8.104  -7.940  17.141  1.00 29.88 ? 27   SER A OG  1 
ATOM   162 N N   . ASP A 1 29  ? -6.582  -6.852  12.946  1.00 23.58 ? 28   ASP A N   1 
ATOM   163 C CA  . ASP A 1 29  ? -6.644  -6.563  11.496  1.00 22.72 ? 28   ASP A CA  1 
ATOM   164 C C   . ASP A 1 29  ? -5.324  -6.966  10.828  1.00 20.82 ? 28   ASP A C   1 
ATOM   165 O O   . ASP A 1 29  ? -5.122  -8.095  10.400  1.00 21.20 ? 28   ASP A O   1 
ATOM   166 C CB  . ASP A 1 29  ? -7.148  -5.114  11.240  1.00 22.74 ? 28   ASP A CB  1 
ATOM   167 C CG  . ASP A 1 29  ? -6.516  -4.068  12.166  1.00 22.58 ? 28   ASP A CG  1 
ATOM   168 O OD1 . ASP A 1 29  ? -5.300  -3.846  12.030  1.00 22.02 ? 28   ASP A OD1 1 
ATOM   169 O OD2 . ASP A 1 29  ? -7.205  -3.451  13.014  1.00 26.00 ? 28   ASP A OD2 1 
ATOM   170 N N   . VAL A 1 30  ? -4.382  -6.033  10.663  1.00 18.69 ? 29   VAL A N   1 
ATOM   171 C CA  . VAL A 1 30  ? -3.188  -6.339  10.024  1.00 18.19 ? 29   VAL A CA  1 
ATOM   172 C C   . VAL A 1 30  ? -2.435  -7.537  10.635  1.00 19.34 ? 29   VAL A C   1 
ATOM   173 O O   . VAL A 1 30  ? -1.957  -8.347  9.934   1.00 21.83 ? 29   VAL A O   1 
ATOM   174 C CB  . VAL A 1 30  ? -2.263  -5.086  9.990   1.00 17.90 ? 29   VAL A CB  1 
ATOM   175 C CG1 . VAL A 1 30  ? -0.924  -5.426  9.393   1.00 17.56 ? 29   VAL A CG1 1 
ATOM   176 C CG2 . VAL A 1 30  ? -2.920  -3.945  9.222   1.00 19.31 ? 29   VAL A CG2 1 
ATOM   177 N N   . GLY A 1 31  ? -2.345  -7.577  11.946  1.00 23.27 ? 30   GLY A N   1 
ATOM   178 C CA  . GLY A 1 31  ? -1.698  -8.735  12.643  1.00 22.41 ? 30   GLY A CA  1 
ATOM   179 C C   . GLY A 1 31  ? -2.538  -10.006 12.637  1.00 28.88 ? 30   GLY A C   1 
ATOM   180 O O   . GLY A 1 31  ? -1.975  -11.152 12.735  1.00 29.93 ? 30   GLY A O   1 
ATOM   181 N N   . GLY A 1 32  ? -3.850  -9.792  12.472  1.00 28.01 ? 31   GLY A N   1 
ATOM   182 C CA  . GLY A 1 32  ? -4.872  -10.823 12.611  1.00 30.43 ? 31   GLY A CA  1 
ATOM   183 C C   . GLY A 1 32  ? -5.008  -11.803 11.457  1.00 31.85 ? 31   GLY A C   1 
ATOM   184 O O   . GLY A 1 32  ? -5.368  -12.991 11.692  1.00 29.40 ? 31   GLY A O   1 
ATOM   185 N N   . TYR A 1 33  ? -4.718  -11.338 10.238  1.00 24.40 ? 32   TYR A N   1 
ATOM   186 C CA  . TYR A 1 33  ? -5.008  -12.017 8.999   1.00 24.39 ? 32   TYR A CA  1 
ATOM   187 C C   . TYR A 1 33  ? -3.947  -11.732 7.977   1.00 26.29 ? 32   TYR A C   1 
ATOM   188 O O   . TYR A 1 33  ? -3.153  -10.783 8.130   1.00 27.33 ? 32   TYR A O   1 
ATOM   189 C CB  . TYR A 1 33  ? -6.370  -11.567 8.447   1.00 25.49 ? 32   TYR A CB  1 
ATOM   190 C CG  . TYR A 1 33  ? -7.555  -11.644 9.418   1.00 24.28 ? 32   TYR A CG  1 
ATOM   191 C CD1 . TYR A 1 33  ? -8.349  -12.816 9.537   1.00 23.11 ? 32   TYR A CD1 1 
ATOM   192 C CD2 . TYR A 1 33  ? -7.895  -10.576 10.212  1.00 22.06 ? 32   TYR A CD2 1 
ATOM   193 C CE1 . TYR A 1 33  ? -9.397  -12.860 10.428  1.00 22.90 ? 32   TYR A CE1 1 
ATOM   194 C CE2 . TYR A 1 33  ? -8.956  -10.613 11.088  1.00 23.32 ? 32   TYR A CE2 1 
ATOM   195 C CZ  . TYR A 1 33  ? -9.717  -11.795 11.199  1.00 21.74 ? 32   TYR A CZ  1 
ATOM   196 O OH  . TYR A 1 33  ? -10.798 -11.857 12.057  1.00 28.78 ? 32   TYR A OH  1 
ATOM   197 N N   . ASN A 1 34  ? -3.932  -12.506 6.914   1.00 24.17 ? 33   ASN A N   1 
ATOM   198 C CA  . ASN A 1 34  ? -3.050  -12.205 5.801   1.00 24.63 ? 33   ASN A CA  1 
ATOM   199 C C   . ASN A 1 34  ? -3.846  -11.566 4.633   1.00 21.38 ? 33   ASN A C   1 
ATOM   200 O O   . ASN A 1 34  ? -3.760  -12.012 3.510   1.00 24.07 ? 33   ASN A O   1 
ATOM   201 C CB  . ASN A 1 34  ? -2.257  -13.421 5.407   1.00 31.13 ? 33   ASN A CB  1 
ATOM   202 C CG  . ASN A 1 34  ? -1.160  -13.758 6.411   1.00 34.21 ? 33   ASN A CG  1 
ATOM   203 O OD1 . ASN A 1 34  ? -0.659  -12.902 7.164   1.00 34.91 ? 33   ASN A OD1 1 
ATOM   204 N ND2 . ASN A 1 34  ? -0.788  -15.007 6.435   1.00 39.55 ? 33   ASN A ND2 1 
ATOM   205 N N   . TYR A 1 35  ? -4.687  -10.574 4.960   1.00 20.13 ? 34   TYR A N   1 
ATOM   206 C CA  . TYR A 1 35  ? -5.595  -9.972  3.978   1.00 18.39 ? 34   TYR A CA  1 
ATOM   207 C C   . TYR A 1 35  ? -5.390  -8.461  3.936   1.00 17.69 ? 34   TYR A C   1 
ATOM   208 O O   . TYR A 1 35  ? -6.314  -7.680  4.241   1.00 21.25 ? 34   TYR A O   1 
ATOM   209 C CB  . TYR A 1 35  ? -7.041  -10.284 4.331   1.00 22.18 ? 34   TYR A CB  1 
ATOM   210 C CG  . TYR A 1 35  ? -7.354  -11.780 4.431   1.00 23.54 ? 34   TYR A CG  1 
ATOM   211 C CD1 . TYR A 1 35  ? -6.823  -12.614 3.515   1.00 23.68 ? 34   TYR A CD1 1 
ATOM   212 C CD2 . TYR A 1 35  ? -8.144  -12.310 5.416   1.00 24.72 ? 34   TYR A CD2 1 
ATOM   213 C CE1 . TYR A 1 35  ? -7.055  -13.949 3.524   1.00 26.74 ? 34   TYR A CE1 1 
ATOM   214 C CE2 . TYR A 1 35  ? -8.402  -13.695 5.439   1.00 24.91 ? 34   TYR A CE2 1 
ATOM   215 C CZ  . TYR A 1 35  ? -7.808  -14.485 4.463   1.00 25.76 ? 34   TYR A CZ  1 
ATOM   216 O OH  . TYR A 1 35  ? -7.908  -15.864 4.304   1.00 28.71 ? 34   TYR A OH  1 
ATOM   217 N N   . VAL A 1 36  ? -4.148  -8.047  3.752   1.00 16.43 ? 35   VAL A N   1 
ATOM   218 C CA  . VAL A 1 36  ? -3.836  -6.655  3.480   1.00 15.67 ? 35   VAL A CA  1 
ATOM   219 C C   . VAL A 1 36  ? -3.755  -6.415  1.978   1.00 15.83 ? 35   VAL A C   1 
ATOM   220 O O   . VAL A 1 36  ? -3.074  -7.144  1.230   1.00 16.22 ? 35   VAL A O   1 
ATOM   221 C CB  . VAL A 1 36  ? -2.485  -6.266  4.100   1.00 15.97 ? 35   VAL A CB  1 
ATOM   222 C CG1 . VAL A 1 36  ? -2.089  -4.817  3.789   1.00 15.56 ? 35   VAL A CG1 1 
ATOM   223 C CG2 . VAL A 1 36  ? -2.488  -6.463  5.574   1.00 17.51 ? 35   VAL A CG2 1 
ATOM   224 N N   . SER A 1 37  ? -4.454  -5.365  1.538   1.00 15.28 ? 36   SER A N   1 
ATOM   225 C CA  . SER A 1 37  ? -4.450  -4.891  0.182   1.00 15.51 ? 36   SER A CA  1 
ATOM   226 C C   . SER A 1 37  ? -3.918  -3.470  0.117   1.00 13.22 ? 36   SER A C   1 
ATOM   227 O O   . SER A 1 37  ? -4.029  -2.709  1.058   1.00 13.77 ? 36   SER A O   1 
ATOM   228 C CB  . SER A 1 37  ? -5.861  -4.895  -0.366  1.00 16.70 ? 36   SER A CB  1 
ATOM   229 O OG  . SER A 1 37  ? -6.316  -6.219  -0.517  1.00 22.10 ? 36   SER A OG  1 
ATOM   230 N N   . TRP A 1 38  ? -3.334  -3.148  -1.017  1.00 12.78 ? 37   TRP A N   1 
ATOM   231 C CA  . TRP A 1 38  ? -2.875  -1.838  -1.353  1.00 12.24 ? 37   TRP A CA  1 
ATOM   232 C C   . TRP A 1 38  ? -3.474  -1.343  -2.647  1.00 13.73 ? 37   TRP A C   1 
ATOM   233 O O   . TRP A 1 38  ? -3.630  -2.095  -3.616  1.00 14.81 ? 37   TRP A O   1 
ATOM   234 C CB  . TRP A 1 38  ? -1.315  -1.742  -1.466  1.00 13.19 ? 37   TRP A CB  1 
ATOM   235 C CG  . TRP A 1 38  ? -0.567  -2.040  -0.230  1.00 13.34 ? 37   TRP A CG  1 
ATOM   236 C CD1 . TRP A 1 38  ? -0.243  -3.239  0.251   1.00 13.06 ? 37   TRP A CD1 1 
ATOM   237 C CD2 . TRP A 1 38  ? -0.077  -1.075  0.706   1.00 13.34 ? 37   TRP A CD2 1 
ATOM   238 N NE1 . TRP A 1 38  ? 0.474   -3.094  1.413   1.00 13.46 ? 37   TRP A NE1 1 
ATOM   239 C CE2 . TRP A 1 38  ? 0.571   -1.777  1.714   1.00 12.82 ? 37   TRP A CE2 1 
ATOM   240 C CE3 . TRP A 1 38  ? -0.087  0.320   0.754   1.00 13.51 ? 37   TRP A CE3 1 
ATOM   241 C CZ2 . TRP A 1 38  ? 1.240   -1.108  2.777   1.00 13.21 ? 37   TRP A CZ2 1 
ATOM   242 C CZ3 . TRP A 1 38  ? 0.561   0.977   1.794   1.00 14.40 ? 37   TRP A CZ3 1 
ATOM   243 C CH2 . TRP A 1 38  ? 1.197   0.245   2.776   1.00 13.18 ? 37   TRP A CH2 1 
ATOM   244 N N   . TYR A 1 39  ? -3.797  -0.054  -2.658  1.00 13.49 ? 38   TYR A N   1 
ATOM   245 C CA  . TYR A 1 39  ? -4.523  0.658   -3.753  1.00 14.25 ? 38   TYR A CA  1 
ATOM   246 C C   . TYR A 1 39  ? -3.712  1.889   -4.158  1.00 15.89 ? 38   TYR A C   1 
ATOM   247 O O   . TYR A 1 39  ? -3.263  2.678   -3.337  1.00 15.14 ? 38   TYR A O   1 
ATOM   248 C CB  . TYR A 1 39  ? -5.949  1.099   -3.329  1.00 14.71 ? 38   TYR A CB  1 
ATOM   249 C CG  . TYR A 1 39  ? -6.766  0.022   -2.744  1.00 15.57 ? 38   TYR A CG  1 
ATOM   250 C CD1 . TYR A 1 39  ? -6.579  -0.310  -1.423  1.00 18.72 ? 38   TYR A CD1 1 
ATOM   251 C CD2 . TYR A 1 39  ? -7.708  -0.695  -3.470  1.00 18.16 ? 38   TYR A CD2 1 
ATOM   252 C CE1 . TYR A 1 39  ? -7.266  -1.327  -0.812  1.00 21.30 ? 38   TYR A CE1 1 
ATOM   253 C CE2 . TYR A 1 39  ? -8.436  -1.714  -2.839  1.00 19.36 ? 38   TYR A CE2 1 
ATOM   254 C CZ  . TYR A 1 39  ? -8.176  -2.016  -1.525  1.00 21.61 ? 38   TYR A CZ  1 
ATOM   255 O OH  . TYR A 1 39  ? -8.846  -2.995  -0.817  1.00 27.15 ? 38   TYR A OH  1 
ATOM   256 N N   . GLN A 1 40  ? -3.597  2.067   -5.462  1.00 15.81 ? 39   GLN A N   1 
ATOM   257 C CA  . GLN A 1 40  ? -2.988  3.228   -6.060  1.00 15.09 ? 39   GLN A CA  1 
ATOM   258 C C   . GLN A 1 40  ? -4.115  4.080   -6.635  1.00 16.44 ? 39   GLN A C   1 
ATOM   259 O O   . GLN A 1 40  ? -4.957  3.602   -7.372  1.00 19.85 ? 39   GLN A O   1 
ATOM   260 C CB  . GLN A 1 40  ? -2.055  2.810   -7.174  1.00 17.41 ? 39   GLN A CB  1 
ATOM   261 C CG  . GLN A 1 40  ? -1.384  3.985   -7.840  1.00 18.93 ? 39   GLN A CG  1 
ATOM   262 C CD  . GLN A 1 40  ? -0.663  3.547   -9.114  1.00 22.18 ? 39   GLN A CD  1 
ATOM   263 O OE1 . GLN A 1 40  ? -1.281  3.127   -10.067 1.00 24.95 ? 39   GLN A OE1 1 
ATOM   264 N NE2 . GLN A 1 40  ? 0.655   3.599   -9.091  1.00 23.72 ? 39   GLN A NE2 1 
ATOM   265 N N   . GLN A 1 41  ? -4.156  5.301   -6.215  1.00 16.74 ? 40   GLN A N   1 
ATOM   266 C CA  . GLN A 1 41  ? -5.123  6.220   -6.776  1.00 19.46 ? 40   GLN A CA  1 
ATOM   267 C C   . GLN A 1 41  ? -4.464  7.425   -7.419  1.00 20.22 ? 40   GLN A C   1 
ATOM   268 O O   . GLN A 1 41  ? -4.012  8.335   -6.730  1.00 18.17 ? 40   GLN A O   1 
ATOM   269 C CB  . GLN A 1 41  ? -6.082  6.651   -5.726  1.00 21.24 ? 40   GLN A CB  1 
ATOM   270 C CG  . GLN A 1 41  ? -7.278  7.344   -6.333  1.00 25.17 ? 40   GLN A CG  1 
ATOM   271 C CD  . GLN A 1 41  ? -8.058  8.090   -5.324  1.00 28.87 ? 40   GLN A CD  1 
ATOM   272 O OE1 . GLN A 1 41  ? -7.510  8.598   -4.359  1.00 33.03 ? 40   GLN A OE1 1 
ATOM   273 N NE2 . GLN A 1 41  ? -9.344  8.245   -5.595  1.00 32.76 ? 40   GLN A NE2 1 
ATOM   274 N N   . HIS A 1 42  ? -4.448  7.391   -8.734  1.00 22.18 ? 41   HIS A N   1 
ATOM   275 C CA  . HIS A 1 42  ? -4.118  8.586   -9.486  1.00 26.73 ? 41   HIS A CA  1 
ATOM   276 C C   . HIS A 1 42  ? -5.275  9.599   -9.364  1.00 27.09 ? 41   HIS A C   1 
ATOM   277 O O   . HIS A 1 42  ? -6.477  9.302   -9.091  1.00 27.59 ? 41   HIS A O   1 
ATOM   278 C CB  . HIS A 1 42  ? -3.797  8.286   -10.952 1.00 29.32 ? 41   HIS A CB  1 
ATOM   279 C CG  . HIS A 1 42  ? -2.575  7.433   -11.184 1.00 28.67 ? 41   HIS A CG  1 
ATOM   280 N ND1 . HIS A 1 42  ? -1.300  7.830   -10.833 1.00 31.35 ? 41   HIS A ND1 1 
ATOM   281 C CD2 . HIS A 1 42  ? -2.427  6.257   -11.847 1.00 32.97 ? 41   HIS A CD2 1 
ATOM   282 C CE1 . HIS A 1 42  ? -0.433  6.906   -11.216 1.00 34.52 ? 41   HIS A CE1 1 
ATOM   283 N NE2 . HIS A 1 42  ? -1.091  5.941   -11.832 1.00 34.45 ? 41   HIS A NE2 1 
ATOM   284 N N   . ALA A 1 43  ? -4.941  10.840  -9.623  1.00 30.35 ? 42   ALA A N   1 
ATOM   285 C CA  . ALA A 1 43  ? -5.900  11.915  -9.481  1.00 29.26 ? 42   ALA A CA  1 
ATOM   286 C C   . ALA A 1 43  ? -7.146  11.702  -10.355 1.00 31.08 ? 42   ALA A C   1 
ATOM   287 O O   . ALA A 1 43  ? -6.995  11.457  -11.548 1.00 30.35 ? 42   ALA A O   1 
ATOM   288 C CB  . ALA A 1 43  ? -5.230  13.213  -9.859  1.00 30.10 ? 42   ALA A CB  1 
ATOM   289 N N   . GLY A 1 44  ? -8.338  11.737  -9.728  1.00 27.46 ? 43   GLY A N   1 
ATOM   290 C CA  . GLY A 1 44  ? -9.629  11.506  -10.366 1.00 26.82 ? 43   GLY A CA  1 
ATOM   291 C C   . GLY A 1 44  ? -10.017 10.095  -10.843 1.00 25.54 ? 43   GLY A C   1 
ATOM   292 O O   . GLY A 1 44  ? -11.019 9.920   -11.533 1.00 30.95 ? 43   GLY A O   1 
ATOM   293 N N   . LYS A 1 45  ? -9.213  9.088   -10.482 1.00 24.50 ? 44   LYS A N   1 
ATOM   294 C CA  . LYS A 1 45  ? -9.398  7.750   -10.962 1.00 23.43 ? 44   LYS A CA  1 
ATOM   295 C C   . LYS A 1 45  ? -9.882  6.967   -9.778  1.00 24.47 ? 44   LYS A C   1 
ATOM   296 O O   . LYS A 1 45  ? -9.807  7.433   -8.653  1.00 25.77 ? 44   LYS A O   1 
ATOM   297 C CB  . LYS A 1 45  ? -8.103  7.199   -11.493 1.00 24.31 ? 44   LYS A CB  1 
ATOM   298 C CG  . LYS A 1 45  ? -7.480  8.071   -12.591 1.00 23.79 ? 44   LYS A CG  1 
ATOM   299 C CD  . LYS A 1 45  ? -8.397  8.381   -13.775 1.00 28.61 ? 44   LYS A CD  1 
ATOM   300 N N   . CYS A 1 46  ? -10.436 5.789   -10.045 1.00 26.14 ? 45   CYS A N   1 
ATOM   301 C CA  . CYS A 1 46  ? -10.824 4.881   -8.968  1.00 22.98 ? 45   CYS A CA  1 
ATOM   302 C C   . CYS A 1 46  ? -9.561  4.318   -8.349  1.00 22.59 ? 45   CYS A C   1 
ATOM   303 O O   . CYS A 1 46  ? -8.547  4.151   -9.078  1.00 22.57 ? 45   CYS A O   1 
ATOM   304 C CB  . CYS A 1 46  ? -11.611 3.708   -9.491  1.00 24.17 ? 45   CYS A CB  1 
ATOM   305 S SG  . CYS A 1 46  ? -13.237 4.092   -10.155 1.00 26.53 ? 45   CYS A SG  1 
ATOM   306 N N   . PRO A 1 47  ? -9.595  3.992   -7.049  1.00 22.68 ? 46   PRO A N   1 
ATOM   307 C CA  . PRO A 1 47  ? -8.486  3.282   -6.470  1.00 22.26 ? 46   PRO A CA  1 
ATOM   308 C C   . PRO A 1 47  ? -8.301  1.973   -7.114  1.00 23.91 ? 46   PRO A C   1 
ATOM   309 O O   . PRO A 1 47  ? -9.289  1.264   -7.300  1.00 27.41 ? 46   PRO A O   1 
ATOM   310 C CB  . PRO A 1 47  ? -8.927  3.100   -5.022  1.00 24.57 ? 46   PRO A CB  1 
ATOM   311 C CG  . PRO A 1 47  ? -9.671  4.346   -4.748  1.00 25.62 ? 46   PRO A CG  1 
ATOM   312 C CD  . PRO A 1 47  ? -10.493 4.507   -5.987  1.00 23.95 ? 46   PRO A CD  1 
ATOM   313 N N   . LYS A 1 48  ? -7.084  1.681   -7.569  1.00 20.98 ? 47   LYS A N   1 
ATOM   314 C CA  . LYS A 1 48  ? -6.777  0.438   -8.236  1.00 22.08 ? 47   LYS A CA  1 
ATOM   315 C C   . LYS A 1 48  ? -6.022  -0.515  -7.324  1.00 18.32 ? 47   LYS A C   1 
ATOM   316 O O   . LYS A 1 48  ? -5.032  -0.081  -6.743  1.00 18.31 ? 47   LYS A O   1 
ATOM   317 C CB  . LYS A 1 48  ? -5.869  0.782   -9.416  1.00 25.45 ? 47   LYS A CB  1 
ATOM   318 C CG  . LYS A 1 48  ? -5.340  -0.403  -10.183 1.00 30.77 ? 47   LYS A CG  1 
ATOM   319 C CD  . LYS A 1 48  ? -4.625  0.090   -11.420 1.00 34.76 ? 47   LYS A CD  1 
ATOM   320 C CE  . LYS A 1 48  ? -3.194  0.454   -11.118 1.00 36.42 ? 47   LYS A CE  1 
ATOM   321 N N   . VAL A 1 49  ? -6.464  -1.749  -7.183  1.00 18.25 ? 48   VAL A N   1 
ATOM   322 C CA  . VAL A 1 49  ? -5.737  -2.779  -6.417  1.00 17.31 ? 48   VAL A CA  1 
ATOM   323 C C   . VAL A 1 49  ? -4.409  -3.030  -7.089  1.00 17.42 ? 48   VAL A C   1 
ATOM   324 O O   . VAL A 1 49  ? -4.325  -3.414  -8.270  1.00 22.64 ? 48   VAL A O   1 
ATOM   325 C CB  . VAL A 1 49  ? -6.487  -4.071  -6.275  1.00 19.04 ? 48   VAL A CB  1 
ATOM   326 C CG1 . VAL A 1 49  ? -5.635  -5.066  -5.522  1.00 19.95 ? 48   VAL A CG1 1 
ATOM   327 C CG2 . VAL A 1 49  ? -7.758  -3.813  -5.537  1.00 19.27 ? 48   VAL A CG2 1 
ATOM   328 N N   . ILE A 1 50  ? -3.332  -2.767  -6.343  1.00 16.76 ? 49   ILE A N   1 
ATOM   329 C CA  . ILE A 1 50  ? -1.986  -3.161  -6.823  1.00 17.03 ? 49   ILE A CA  1 
ATOM   330 C C   . ILE A 1 50  ? -1.382  -4.345  -6.033  1.00 19.17 ? 49   ILE A C   1 
ATOM   331 O O   . ILE A 1 50  ? -0.462  -5.044  -6.550  1.00 18.05 ? 49   ILE A O   1 
ATOM   332 C CB  . ILE A 1 50  ? -1.016  -1.966  -6.869  1.00 18.85 ? 49   ILE A CB  1 
ATOM   333 C CG1 . ILE A 1 50  ? -0.855  -1.304  -5.488  1.00 17.98 ? 49   ILE A CG1 1 
ATOM   334 C CG2 . ILE A 1 50  ? -1.398  -0.909  -7.900  1.00 19.37 ? 49   ILE A CG2 1 
ATOM   335 C CD1 . ILE A 1 50  ? 0.234   -0.231  -5.406  1.00 20.32 ? 49   ILE A CD1 1 
ATOM   336 N N   . ILE A 1 51  ? -1.853  -4.592  -4.799  1.00 15.22 ? 50   ILE A N   1 
ATOM   337 C CA  . ILE A 1 51  ? -1.425  -5.726  -3.978  1.00 15.79 ? 50   ILE A CA  1 
ATOM   338 C C   . ILE A 1 51  ? -2.642  -6.238  -3.247  1.00 16.90 ? 50   ILE A C   1 
ATOM   339 O O   . ILE A 1 51  ? -3.441  -5.452  -2.731  1.00 16.77 ? 50   ILE A O   1 
ATOM   340 C CB  . ILE A 1 51  ? -0.316  -5.344  -2.928  1.00 15.98 ? 50   ILE A CB  1 
ATOM   341 C CG1 . ILE A 1 51  ? 0.985   -4.817  -3.582  1.00 17.22 ? 50   ILE A CG1 1 
ATOM   342 C CG2 . ILE A 1 51  ? -0.075  -6.422  -1.880  1.00 16.94 ? 50   ILE A CG2 1 
ATOM   343 C CD1 . ILE A 1 51  ? 1.773   -5.871  -4.304  1.00 17.23 ? 50   ILE A CD1 1 
ATOM   344 N N   . TYR A 1 52  ? -2.750  -7.552  -3.117  1.00 18.33 ? 51   TYR A N   1 
ATOM   345 C CA  . TYR A 1 52  ? -3.746  -8.166  -2.263  1.00 17.06 ? 51   TYR A CA  1 
ATOM   346 C C   . TYR A 1 52  ? -3.121  -9.376  -1.521  1.00 17.02 ? 51   TYR A C   1 
ATOM   347 O O   . TYR A 1 52  ? -2.041  -9.856  -1.905  1.00 19.40 ? 51   TYR A O   1 
ATOM   348 C CB  . TYR A 1 52  ? -4.990  -8.513  -3.107  1.00 18.23 ? 51   TYR A CB  1 
ATOM   349 C CG  . TYR A 1 52  ? -4.803  -9.699  -4.051  1.00 18.48 ? 51   TYR A CG  1 
ATOM   350 C CD1 . TYR A 1 52  ? -4.225  -9.513  -5.277  1.00 21.41 ? 51   TYR A CD1 1 
ATOM   351 C CD2 . TYR A 1 52  ? -5.194  -10.993 -3.698  1.00 20.21 ? 51   TYR A CD2 1 
ATOM   352 C CE1 . TYR A 1 52  ? -4.024  -10.572 -6.123  1.00 22.64 ? 51   TYR A CE1 1 
ATOM   353 C CE2 . TYR A 1 52  ? -4.971  -12.052 -4.559  1.00 21.70 ? 51   TYR A CE2 1 
ATOM   354 C CZ  . TYR A 1 52  ? -4.368  -11.809 -5.761  1.00 22.85 ? 51   TYR A CZ  1 
ATOM   355 O OH  . TYR A 1 52  ? -4.154  -12.831 -6.664  1.00 25.90 ? 51   TYR A OH  1 
ATOM   356 N N   . GLU A 1 53  ? -3.777  -9.846  -0.494  1.00 16.29 ? 52   GLU A N   1 
ATOM   357 C CA  . GLU A 1 53  ? -3.299  -10.952 0.373   1.00 17.91 ? 52   GLU A CA  1 
ATOM   358 C C   . GLU A 1 53  ? -1.835  -10.739 0.776   1.00 19.95 ? 52   GLU A C   1 
ATOM   359 O O   . GLU A 1 53  ? -1.028  -11.660 0.727   1.00 22.06 ? 52   GLU A O   1 
ATOM   360 C CB  . GLU A 1 53  ? -3.455  -12.297 -0.359  1.00 20.95 ? 52   GLU A CB  1 
ATOM   361 C CG  . GLU A 1 53  ? -4.901  -12.744 -0.470  1.00 23.96 ? 52   GLU A CG  1 
ATOM   362 C CD  . GLU A 1 53  ? -5.077  -14.004 -1.339  1.00 27.11 ? 52   GLU A CD  1 
ATOM   363 O OE1 . GLU A 1 53  ? -4.192  -14.863 -1.329  1.00 31.05 ? 52   GLU A OE1 1 
ATOM   364 O OE2 . GLU A 1 53  ? -6.118  -14.154 -2.022  1.00 29.60 ? 52   GLU A OE2 1 
ATOM   365 N N   . VAL A 1 54  ? -1.550  -9.505  1.209   1.00 18.10 ? 53   VAL A N   1 
ATOM   366 C CA  . VAL A 1 54  ? -0.228  -9.013  1.662   1.00 18.05 ? 53   VAL A CA  1 
ATOM   367 C C   . VAL A 1 54  ? 0.787   -8.817  0.582   1.00 17.47 ? 53   VAL A C   1 
ATOM   368 O O   . VAL A 1 54  ? 1.480   -7.806  0.543   1.00 18.29 ? 53   VAL A O   1 
ATOM   369 C CB  . VAL A 1 54  ? 0.388   -9.927  2.752   1.00 18.16 ? 53   VAL A CB  1 
ATOM   370 C CG1 . VAL A 1 54  ? 1.809   -9.516  3.111   1.00 19.89 ? 53   VAL A CG1 1 
ATOM   371 C CG2 . VAL A 1 54  ? -0.574  -10.174 3.905   1.00 20.94 ? 53   VAL A CG2 1 
ATOM   372 N N   . ASN A 1 55  ? 0.942   -9.773  -0.335  1.00 18.82 ? 54   ASN A N   1 
ATOM   373 C CA  . ASN A 1 55  ? 2.025   -9.764  -1.272  1.00 20.66 ? 54   ASN A CA  1 
ATOM   374 C C   . ASN A 1 55  ? 1.713   -10.266 -2.667  1.00 22.26 ? 54   ASN A C   1 
ATOM   375 O O   . ASN A 1 55  ? 2.652   -10.498 -3.468  1.00 25.04 ? 54   ASN A O   1 
ATOM   376 C CB  . ASN A 1 55  ? 3.171   -10.645 -0.674  1.00 24.48 ? 54   ASN A CB  1 
ATOM   377 C CG  . ASN A 1 55  ? 2.696   -12.008 -0.219  1.00 27.50 ? 54   ASN A CG  1 
ATOM   378 O OD1 . ASN A 1 55  ? 1.742   -12.536 -0.775  1.00 25.09 ? 54   ASN A OD1 1 
ATOM   379 N ND2 . ASN A 1 55  ? 3.295   -12.558 0.867   1.00 30.39 ? 54   ASN A ND2 1 
ATOM   380 N N   . LYS A 1 56  ? 0.446   -10.450 -3.010  1.00 20.17 ? 55   LYS A N   1 
ATOM   381 C CA  . LYS A 1 56  ? 0.101   -10.822 -4.386  1.00 22.37 ? 55   LYS A CA  1 
ATOM   382 C C   . LYS A 1 56  ? -0.235  -9.653  -5.288  1.00 21.54 ? 55   LYS A C   1 
ATOM   383 O O   . LYS A 1 56  ? -0.940  -8.739  -4.868  1.00 20.02 ? 55   LYS A O   1 
ATOM   384 C CB  . LYS A 1 56  ? -1.034  -11.814 -4.367  1.00 22.10 ? 55   LYS A CB  1 
ATOM   385 C CG  . LYS A 1 56  ? -0.790  -13.033 -3.512  1.00 24.53 ? 55   LYS A CG  1 
ATOM   386 C CD  . LYS A 1 56  ? -1.733  -14.155 -3.853  1.00 26.38 ? 55   LYS A CD  1 
ATOM   387 C CE  . LYS A 1 56  ? -1.685  -15.220 -2.797  1.00 31.40 ? 55   LYS A CE  1 
ATOM   388 N NZ  . LYS A 1 56  ? -2.266  -16.454 -3.363  1.00 37.75 ? 55   LYS A NZ  1 
ATOM   389 N N   . ARG A 1 57  ? 0.218   -9.696  -6.532  1.00 20.36 ? 56   ARG A N   1 
ATOM   390 C CA  A ARG A 1 57  ? -0.074  -8.683  -7.516  0.50 21.35 ? 56   ARG A CA  1 
ATOM   391 C CA  B ARG A 1 57  ? -0.097  -8.687  -7.492  0.50 21.34 ? 56   ARG A CA  1 
ATOM   392 C C   . ARG A 1 57  ? -1.163  -9.181  -8.438  1.00 22.60 ? 56   ARG A C   1 
ATOM   393 O O   . ARG A 1 57  ? -1.073  -10.293 -8.936  1.00 25.44 ? 56   ARG A O   1 
ATOM   394 C CB  A ARG A 1 57  ? 1.151   -8.344  -8.379  0.50 21.89 ? 56   ARG A CB  1 
ATOM   395 C CB  B ARG A 1 57  ? 1.146   -8.258  -8.269  0.50 21.70 ? 56   ARG A CB  1 
ATOM   396 C CG  A ARG A 1 57  ? 2.224   -7.535  -7.715  0.50 22.29 ? 56   ARG A CG  1 
ATOM   397 C CG  B ARG A 1 57  ? 2.141   -7.540  -7.406  0.50 22.46 ? 56   ARG A CG  1 
ATOM   398 C CD  A ARG A 1 57  ? 3.404   -7.378  -8.651  0.50 24.54 ? 56   ARG A CD  1 
ATOM   399 C CD  B ARG A 1 57  ? 3.379   -7.251  -8.201  0.50 23.71 ? 56   ARG A CD  1 
ATOM   400 N NE  A ARG A 1 57  ? 4.188   -8.596  -8.716  0.50 28.09 ? 56   ARG A NE  1 
ATOM   401 N NE  B ARG A 1 57  ? 4.038   -8.493  -8.525  0.50 26.41 ? 56   ARG A NE  1 
ATOM   402 C CZ  A ARG A 1 57  ? 4.416   -9.307  -9.813  0.50 28.38 ? 56   ARG A CZ  1 
ATOM   403 C CZ  B ARG A 1 57  ? 4.952   -9.070  -7.754  0.50 25.70 ? 56   ARG A CZ  1 
ATOM   404 N NH1 A ARG A 1 57  ? 3.918   -8.940  -10.993 0.50 28.26 ? 56   ARG A NH1 1 
ATOM   405 N NH1 B ARG A 1 57  ? 5.352   -8.499  -6.606  0.50 25.93 ? 56   ARG A NH1 1 
ATOM   406 N NH2 A ARG A 1 57  ? 5.141   -10.406 -9.711  0.50 29.58 ? 56   ARG A NH2 1 
ATOM   407 N NH2 B ARG A 1 57  ? 5.473   -10.222 -8.140  0.50 29.39 ? 56   ARG A NH2 1 
ATOM   408 N N   . PRO A 1 58  ? -2.166  -8.339  -8.728  1.00 23.95 ? 57   PRO A N   1 
ATOM   409 C CA  . PRO A 1 58  ? -3.144  -8.642  -9.777  1.00 26.36 ? 57   PRO A CA  1 
ATOM   410 C C   . PRO A 1 58  ? -2.535  -8.629  -11.157 1.00 27.92 ? 57   PRO A C   1 
ATOM   411 O O   . PRO A 1 58  ? -1.490  -8.030  -11.377 1.00 26.62 ? 57   PRO A O   1 
ATOM   412 C CB  . PRO A 1 58  ? -4.105  -7.462  -9.732  1.00 25.97 ? 57   PRO A CB  1 
ATOM   413 C CG  . PRO A 1 58  ? -3.907  -6.849  -8.403  1.00 25.53 ? 57   PRO A CG  1 
ATOM   414 C CD  . PRO A 1 58  ? -2.500  -7.125  -7.987  1.00 24.87 ? 57   PRO A CD  1 
ATOM   415 N N   . SER A 1 59  ? -3.234  -9.230  -12.118 1.00 35.03 ? 58   SER A N   1 
ATOM   416 C CA  . SER A 1 59  ? -2.773  -9.141  -13.494 1.00 34.07 ? 58   SER A CA  1 
ATOM   417 C C   . SER A 1 59  ? -2.564  -7.739  -13.949 1.00 32.08 ? 58   SER A C   1 
ATOM   418 O O   . SER A 1 59  ? -3.417  -6.866  -13.736 1.00 36.29 ? 58   SER A O   1 
ATOM   419 C CB  . SER A 1 59  ? -3.696  -9.869  -14.461 1.00 40.31 ? 58   SER A CB  1 
ATOM   420 O OG  . SER A 1 59  ? -3.317  -11.239 -14.540 1.00 49.81 ? 58   SER A OG  1 
ATOM   421 N N   . GLY A 1 60  ? -1.406  -7.514  -14.574 1.00 33.27 ? 59   GLY A N   1 
ATOM   422 C CA  . GLY A 1 60  ? -1.055  -6.234  -15.158 1.00 31.98 ? 59   GLY A CA  1 
ATOM   423 C C   . GLY A 1 60  ? -0.401  -5.236  -14.219 1.00 29.84 ? 59   GLY A C   1 
ATOM   424 O O   . GLY A 1 60  ? -0.172  -4.066  -14.579 1.00 34.90 ? 59   GLY A O   1 
ATOM   425 N N   . VAL A 1 61  ? -0.074  -5.703  -13.022 1.00 26.58 ? 60   VAL A N   1 
ATOM   426 C CA  . VAL A 1 61  ? 0.638   -4.873  -12.092 1.00 28.10 ? 60   VAL A CA  1 
ATOM   427 C C   . VAL A 1 61  ? 2.116   -5.296  -12.134 1.00 23.95 ? 60   VAL A C   1 
ATOM   428 O O   . VAL A 1 61  ? 2.400   -6.464  -11.947 1.00 24.63 ? 60   VAL A O   1 
ATOM   429 C CB  . VAL A 1 61  ? 0.072   -5.047  -10.667 1.00 25.15 ? 60   VAL A CB  1 
ATOM   430 C CG1 . VAL A 1 61  ? 0.949   -4.278  -9.671  1.00 25.20 ? 60   VAL A CG1 1 
ATOM   431 C CG2 . VAL A 1 61  ? -1.366  -4.563  -10.643 1.00 29.62 ? 60   VAL A CG2 1 
ATOM   432 N N   . PRO A 1 62  ? 3.040   -4.350  -12.404 1.00 27.63 ? 61   PRO A N   1 
ATOM   433 C CA  . PRO A 1 62  ? 4.446   -4.810  -12.490 1.00 29.00 ? 61   PRO A CA  1 
ATOM   434 C C   . PRO A 1 62  ? 5.070   -5.299  -11.210 1.00 28.65 ? 61   PRO A C   1 
ATOM   435 O O   . PRO A 1 62  ? 4.644   -4.917  -10.125 1.00 25.24 ? 61   PRO A O   1 
ATOM   436 C CB  . PRO A 1 62  ? 5.204   -3.578  -12.986 1.00 31.39 ? 61   PRO A CB  1 
ATOM   437 C CG  . PRO A 1 62  ? 4.289   -2.438  -12.896 1.00 29.19 ? 61   PRO A CG  1 
ATOM   438 C CD  . PRO A 1 62  ? 2.878   -2.945  -12.803 1.00 26.79 ? 61   PRO A CD  1 
ATOM   439 N N   . ASP A 1 63  ? 6.131   -6.076  -11.317 1.00 30.50 ? 62   ASP A N   1 
ATOM   440 C CA  . ASP A 1 63  ? 6.764   -6.686  -10.141 1.00 30.63 ? 62   ASP A CA  1 
ATOM   441 C C   . ASP A 1 63  ? 7.648   -5.704  -9.360  1.00 28.55 ? 62   ASP A C   1 
ATOM   442 O O   . ASP A 1 63  ? 8.230   -6.047  -8.326  1.00 29.68 ? 62   ASP A O   1 
ATOM   443 C CB  . ASP A 1 63  ? 7.516   -7.971  -10.510 1.00 34.04 ? 62   ASP A CB  1 
ATOM   444 C CG  . ASP A 1 63  ? 8.690   -7.735  -11.461 1.00 38.58 ? 62   ASP A CG  1 
ATOM   445 O OD1 . ASP A 1 63  ? 8.950   -6.577  -11.861 1.00 42.39 ? 62   ASP A OD1 1 
ATOM   446 O OD2 . ASP A 1 63  ? 9.401   -8.729  -11.770 1.00 40.76 ? 62   ASP A OD2 1 
ATOM   447 N N   . ARG A 1 64  ? 7.696   -4.459  -9.817  1.00 24.57 ? 63   ARG A N   1 
ATOM   448 C CA  . ARG A 1 64  ? 8.404   -3.460  -9.042  1.00 23.68 ? 63   ARG A CA  1 
ATOM   449 C C   . ARG A 1 64  ? 7.564   -2.967  -7.835  1.00 22.85 ? 63   ARG A C   1 
ATOM   450 O O   . ARG A 1 64  ? 8.062   -2.252  -6.969  1.00 25.49 ? 63   ARG A O   1 
ATOM   451 C CB  . ARG A 1 64  ? 8.842   -2.339  -9.939  1.00 24.24 ? 63   ARG A CB  1 
ATOM   452 C CG  . ARG A 1 64  ? 7.796   -1.444  -10.475 1.00 24.33 ? 63   ARG A CG  1 
ATOM   453 C CD  . ARG A 1 64  ? 8.455   -0.691  -11.641 1.00 29.12 ? 63   ARG A CD  1 
ATOM   454 N NE  . ARG A 1 64  ? 7.455   0.107   -12.298 1.00 29.18 ? 63   ARG A NE  1 
ATOM   455 C CZ  . ARG A 1 64  ? 6.998   1.233   -11.818 1.00 29.10 ? 63   ARG A CZ  1 
ATOM   456 N NH1 . ARG A 1 64  ? 7.491   1.721   -10.686 1.00 31.63 ? 63   ARG A NH1 1 
ATOM   457 N NH2 . ARG A 1 64  ? 6.062   1.863   -12.476 1.00 28.96 ? 63   ARG A NH2 1 
ATOM   458 N N   . PHE A 1 65  ? 6.294   -3.370  -7.815  1.00 21.36 ? 64   PHE A N   1 
ATOM   459 C CA  . PHE A 1 65  ? 5.423   -3.199  -6.659  1.00 20.70 ? 64   PHE A CA  1 
ATOM   460 C C   . PHE A 1 65  ? 5.469   -4.473  -5.835  1.00 22.14 ? 64   PHE A C   1 
ATOM   461 O O   . PHE A 1 65  ? 5.222   -5.598  -6.326  1.00 23.04 ? 64   PHE A O   1 
ATOM   462 C CB  . PHE A 1 65  ? 3.992   -2.865  -7.098  1.00 20.72 ? 64   PHE A CB  1 
ATOM   463 C CG  . PHE A 1 65  ? 3.854   -1.543  -7.739  1.00 20.10 ? 64   PHE A CG  1 
ATOM   464 C CD1 . PHE A 1 65  ? 3.672   -0.404  -6.984  1.00 23.30 ? 64   PHE A CD1 1 
ATOM   465 C CD2 . PHE A 1 65  ? 3.918   -1.410  -9.122  1.00 26.14 ? 64   PHE A CD2 1 
ATOM   466 C CE1 . PHE A 1 65  ? 3.559   0.832   -7.577  1.00 22.47 ? 64   PHE A CE1 1 
ATOM   467 C CE2 . PHE A 1 65  ? 3.808   -0.156  -9.729  1.00 26.55 ? 64   PHE A CE2 1 
ATOM   468 C CZ  . PHE A 1 65  ? 3.615   0.971   -8.950  1.00 26.46 ? 64   PHE A CZ  1 
ATOM   469 N N   . SER A 1 66  ? 5.805   -4.344  -4.548  1.00 20.43 ? 65   SER A N   1 
ATOM   470 C CA  . SER A 1 66  ? 5.767   -5.499  -3.668  1.00 21.42 ? 65   SER A CA  1 
ATOM   471 C C   . SER A 1 66  ? 5.246   -5.152  -2.309  1.00 20.09 ? 65   SER A C   1 
ATOM   472 O O   . SER A 1 66  ? 5.331   -3.998  -1.899  1.00 20.42 ? 65   SER A O   1 
ATOM   473 C CB  . SER A 1 66  ? 7.147   -6.189  -3.528  1.00 23.75 ? 65   SER A CB  1 
ATOM   474 O OG  . SER A 1 66  ? 8.095   -5.262  -3.175  1.00 25.43 ? 65   SER A OG  1 
ATOM   475 N N   . GLY A 1 67  ? 4.700   -6.156  -1.665  1.00 18.31 ? 66   GLY A N   1 
ATOM   476 C CA  . GLY A 1 67  ? 4.150   -6.032  -0.339  1.00 18.17 ? 66   GLY A CA  1 
ATOM   477 C C   . GLY A 1 67  ? 4.711   -7.030  0.659   1.00 19.04 ? 66   GLY A C   1 
ATOM   478 O O   . GLY A 1 67  ? 5.068   -8.154  0.318   1.00 22.92 ? 66   GLY A O   1 
ATOM   479 N N   . SER A 1 68  ? 4.670   -6.664  1.918   1.00 17.44 ? 67   SER A N   1 
ATOM   480 C CA  . SER A 1 68  ? 4.992   -7.533  2.975   1.00 17.23 ? 67   SER A CA  1 
ATOM   481 C C   . SER A 1 68  ? 4.275   -7.101  4.248   1.00 18.28 ? 67   SER A C   1 
ATOM   482 O O   . SER A 1 68  ? 3.611   -6.065  4.282   1.00 16.14 ? 67   SER A O   1 
ATOM   483 C CB  . SER A 1 68  ? 6.511   -7.509  3.149   1.00 22.64 ? 67   SER A CB  1 
ATOM   484 O OG  . SER A 1 68  ? 6.923   -6.267  3.704   1.00 25.01 ? 67   SER A OG  1 
ATOM   485 N N   . LYS A 1 69  ? 4.413   -7.911  5.277   1.00 19.02 ? 68   LYS A N   1 
ATOM   486 C CA  . LYS A 1 69  ? 3.908   -7.637  6.588   1.00 20.74 ? 68   LYS A CA  1 
ATOM   487 C C   . LYS A 1 69  ? 4.697   -8.340  7.649   1.00 21.37 ? 68   LYS A C   1 
ATOM   488 O O   . LYS A 1 69  ? 5.185   -9.454  7.459   1.00 20.85 ? 68   LYS A O   1 
ATOM   489 C CB  . LYS A 1 69  ? 2.419   -7.890  6.665   1.00 23.66 ? 68   LYS A CB  1 
ATOM   490 C CG  . LYS A 1 69  ? 1.908   -8.591  7.851   1.00 29.20 ? 68   LYS A CG  1 
ATOM   491 C CD  . LYS A 1 69  ? 0.382   -8.629  7.766   1.00 31.98 ? 68   LYS A CD  1 
ATOM   492 C CE  . LYS A 1 69  ? -0.171  -10.026 7.780   1.00 31.00 ? 68   LYS A CE  1 
ATOM   493 N NZ  . LYS A 1 69  ? -0.510  -10.531 9.124   1.00 32.96 ? 68   LYS A NZ  1 
ATOM   494 N N   . SER A 1 70  ? 4.803   -7.681  8.785   1.00 18.49 ? 69   SER A N   1 
ATOM   495 C CA  . SER A 1 70  ? 5.484   -8.201  9.959   1.00 16.62 ? 69   SER A CA  1 
ATOM   496 C C   . SER A 1 70  ? 4.763   -7.630  11.162  1.00 16.72 ? 69   SER A C   1 
ATOM   497 O O   . SER A 1 70  ? 4.615   -6.411  11.304  1.00 17.26 ? 69   SER A O   1 
ATOM   498 C CB  . SER A 1 70  ? 6.950   -7.820  9.979   1.00 17.87 ? 69   SER A CB  1 
ATOM   499 O OG  . SER A 1 70  ? 7.617   -8.386  11.132  1.00 20.26 ? 69   SER A OG  1 
ATOM   500 N N   . GLY A 1 71  ? 4.339   -8.495  12.067  1.00 17.37 ? 70   GLY A N   1 
ATOM   501 C CA  . GLY A 1 71  ? 3.527   -8.089  13.220  1.00 18.50 ? 70   GLY A CA  1 
ATOM   502 C C   . GLY A 1 71  ? 2.281   -7.295  12.774  1.00 16.06 ? 70   GLY A C   1 
ATOM   503 O O   . GLY A 1 71  ? 1.470   -7.765  11.990  1.00 19.82 ? 70   GLY A O   1 
ATOM   504 N N   . ASN A 1 72  ? 2.156   -6.099  13.293  1.00 17.11 ? 71   ASN A N   1 
ATOM   505 C CA  . ASN A 1 72  ? 0.965   -5.278  13.041  1.00 16.72 ? 71   ASN A CA  1 
ATOM   506 C C   . ASN A 1 72  ? 1.256   -4.282  11.911  1.00 15.81 ? 71   ASN A C   1 
ATOM   507 O O   . ASN A 1 72  ? 0.475   -3.350  11.727  1.00 16.31 ? 71   ASN A O   1 
ATOM   508 C CB  . ASN A 1 72  ? 0.516   -4.554  14.281  1.00 18.80 ? 71   ASN A CB  1 
ATOM   509 C CG  . ASN A 1 72  ? -0.106  -5.482  15.282  1.00 21.77 ? 71   ASN A CG  1 
ATOM   510 O OD1 . ASN A 1 72  ? -0.452  -6.620  14.935  1.00 22.88 ? 71   ASN A OD1 1 
ATOM   511 N ND2 . ASN A 1 72  ? -0.079  -5.069  16.536  1.00 25.87 ? 71   ASN A ND2 1 
ATOM   512 N N   . THR A 1 73  ? 2.355   -4.462  11.190  1.00 14.31 ? 72   THR A N   1 
ATOM   513 C CA  . THR A 1 73  ? 2.828   -3.485  10.189  1.00 15.64 ? 72   THR A CA  1 
ATOM   514 C C   . THR A 1 73  ? 2.921   -4.080  8.817   1.00 14.98 ? 72   THR A C   1 
ATOM   515 O O   . THR A 1 73  ? 3.682   -5.010  8.607   1.00 17.56 ? 72   THR A O   1 
ATOM   516 C CB  . THR A 1 73  ? 4.200   -2.907  10.574  1.00 15.89 ? 72   THR A CB  1 
ATOM   517 O OG1 . THR A 1 73  ? 4.066   -2.233  11.870  1.00 20.44 ? 72   THR A OG1 1 
ATOM   518 C CG2 . THR A 1 73  ? 4.651   -1.862  9.561   1.00 18.29 ? 72   THR A CG2 1 
ATOM   519 N N   . ALA A 1 74  ? 2.209   -3.517  7.855   1.00 13.42 ? 73   ALA A N   1 
ATOM   520 C CA  . ALA A 1 74  ? 2.377   -3.911  6.434   1.00 13.03 ? 73   ALA A CA  1 
ATOM   521 C C   . ALA A 1 74  ? 3.187   -2.848  5.717   1.00 13.12 ? 73   ALA A C   1 
ATOM   522 O O   . ALA A 1 74  ? 3.209   -1.717  6.137   1.00 13.19 ? 73   ALA A O   1 
ATOM   523 C CB  . ALA A 1 74  ? 1.020   -4.082  5.812   1.00 13.80 ? 73   ALA A CB  1 
ATOM   524 N N   . SER A 1 75  ? 3.842   -3.221  4.639   1.00 13.63 ? 74   SER A N   1 
ATOM   525 C CA  . SER A 1 75  ? 4.741   -2.316  3.895   1.00 15.04 ? 74   SER A CA  1 
ATOM   526 C C   . SER A 1 75  ? 4.549   -2.537  2.403   1.00 15.80 ? 74   SER A C   1 
ATOM   527 O O   . SER A 1 75  ? 4.389   -3.695  1.931   1.00 17.44 ? 74   SER A O   1 
ATOM   528 C CB  . SER A 1 75  ? 6.200   -2.577  4.329   1.00 19.52 ? 74   SER A CB  1 
ATOM   529 O OG  . SER A 1 75  ? 6.281   -2.448  5.762   1.00 22.94 ? 74   SER A OG  1 
ATOM   530 N N   . LEU A 1 76  ? 4.566   -1.460  1.663   1.00 15.10 ? 75   LEU A N   1 
ATOM   531 C CA  . LEU A 1 76  ? 4.551   -1.507  0.238   1.00 15.86 ? 75   LEU A CA  1 
ATOM   532 C C   . LEU A 1 76  ? 5.859   -0.864  -0.239  1.00 14.72 ? 75   LEU A C   1 
ATOM   533 O O   . LEU A 1 76  ? 6.259   0.220   0.158   1.00 14.39 ? 75   LEU A O   1 
ATOM   534 C CB  . LEU A 1 76  ? 3.343   -0.680  -0.308  1.00 15.68 ? 75   LEU A CB  1 
ATOM   535 C CG  . LEU A 1 76  ? 3.297   -0.451  -1.842  1.00 16.39 ? 75   LEU A CG  1 
ATOM   536 C CD1 . LEU A 1 76  ? 2.924   -1.771  -2.459  1.00 16.80 ? 75   LEU A CD1 1 
ATOM   537 C CD2 . LEU A 1 76  ? 2.307   0.632   -2.232  1.00 16.39 ? 75   LEU A CD2 1 
ATOM   538 N N   . THR A 1 77  ? 6.541   -1.587  -1.125  1.00 16.11 ? 76   THR A N   1 
ATOM   539 C CA  . THR A 1 77  ? 7.716   -1.053  -1.732  1.00 19.47 ? 76   THR A CA  1 
ATOM   540 C C   . THR A 1 77  ? 7.510   -0.872  -3.193  1.00 17.94 ? 76   THR A C   1 
ATOM   541 O O   . THR A 1 77  ? 6.957   -1.735  -3.827  1.00 18.67 ? 76   THR A O   1 
ATOM   542 C CB  . THR A 1 77  ? 8.897   -2.010  -1.529  1.00 20.03 ? 76   THR A CB  1 
ATOM   543 O OG1 . THR A 1 77  ? 9.113   -2.157  -0.118  1.00 22.42 ? 76   THR A OG1 1 
ATOM   544 C CG2 . THR A 1 77  ? 10.154  -1.454  -2.126  1.00 22.73 ? 76   THR A CG2 1 
ATOM   545 N N   . VAL A 1 78  ? 7.934   0.268   -3.671  1.00 18.71 ? 77   VAL A N   1 
ATOM   546 C CA  . VAL A 1 78  ? 7.943   0.567   -5.114  1.00 22.14 ? 77   VAL A CA  1 
ATOM   547 C C   . VAL A 1 78  ? 9.371   0.862   -5.541  1.00 26.57 ? 77   VAL A C   1 
ATOM   548 O O   . VAL A 1 78  ? 9.955   1.895   -5.162  1.00 23.91 ? 77   VAL A O   1 
ATOM   549 C CB  . VAL A 1 78  ? 7.092   1.760   -5.485  1.00 22.57 ? 77   VAL A CB  1 
ATOM   550 C CG1 . VAL A 1 78  ? 6.980   1.837   -7.021  1.00 23.71 ? 77   VAL A CG1 1 
ATOM   551 C CG2 . VAL A 1 78  ? 5.713   1.663   -4.808  1.00 24.35 ? 77   VAL A CG2 1 
ATOM   552 N N   . SER A 1 79  ? 9.864   0.041   -6.446  1.00 26.15 ? 78   SER A N   1 
ATOM   553 C CA  . SER A 1 79  ? 11.193  0.267   -6.993  1.00 26.59 ? 78   SER A CA  1 
ATOM   554 C C   . SER A 1 79  ? 11.146  0.912   -8.397  1.00 27.00 ? 78   SER A C   1 
ATOM   555 O O   . SER A 1 79  ? 10.082  1.062   -8.999  1.00 26.49 ? 78   SER A O   1 
ATOM   556 C CB  . SER A 1 79  ? 11.912  -1.055  -6.988  1.00 28.10 ? 78   SER A CB  1 
ATOM   557 O OG  . SER A 1 79  ? 11.527  -1.848  -8.080  1.00 36.05 ? 78   SER A OG  1 
ATOM   558 N N   . GLY A 1 80  ? 12.298  1.357   -8.901  1.00 25.73 ? 79   GLY A N   1 
ATOM   559 C CA  . GLY A 1 80  ? 12.349  2.000   -10.199 1.00 27.06 ? 79   GLY A CA  1 
ATOM   560 C C   . GLY A 1 80  ? 11.327  3.104   -10.329 1.00 27.21 ? 79   GLY A C   1 
ATOM   561 O O   . GLY A 1 80  ? 10.645  3.218   -11.352 1.00 26.89 ? 79   GLY A O   1 
ATOM   562 N N   . LEU A 1 81  ? 11.216  3.922   -9.293  1.00 23.59 ? 80   LEU A N   1 
ATOM   563 C CA  . LEU A 1 81  ? 10.216  4.956   -9.254  1.00 24.70 ? 80   LEU A CA  1 
ATOM   564 C C   . LEU A 1 81  ? 10.180  5.760   -10.560 1.00 26.78 ? 80   LEU A C   1 
ATOM   565 O O   . LEU A 1 81  ? 11.219  6.182   -11.094 1.00 27.75 ? 80   LEU A O   1 
ATOM   566 C CB  . LEU A 1 81  ? 10.504  5.921   -8.111  1.00 24.15 ? 80   LEU A CB  1 
ATOM   567 C CG  . LEU A 1 81  ? 9.545   6.327   -6.998  1.00 27.03 ? 80   LEU A CG  1 
ATOM   568 C CD1 . LEU A 1 81  ? 8.338   5.459   -6.801  1.00 23.43 ? 80   LEU A CD1 1 
ATOM   569 C CD2 . LEU A 1 81  ? 10.382  6.509   -5.746  1.00 23.57 ? 80   LEU A CD2 1 
ATOM   570 N N   . GLN A 1 82  ? 8.984   5.886   -11.113 1.00 27.60 ? 81   GLN A N   1 
ATOM   571 C CA  . GLN A 1 82  ? 8.689   6.726   -12.263 1.00 30.43 ? 81   GLN A CA  1 
ATOM   572 C C   . GLN A 1 82  ? 7.792   7.835   -11.879 1.00 31.12 ? 81   GLN A C   1 
ATOM   573 O O   . GLN A 1 82  ? 7.082   7.729   -10.876 1.00 26.30 ? 81   GLN A O   1 
ATOM   574 C CB  . GLN A 1 82  ? 7.949   5.923   -13.315 1.00 32.53 ? 81   GLN A CB  1 
ATOM   575 C CG  . GLN A 1 82  ? 8.651   4.642   -13.712 1.00 36.06 ? 81   GLN A CG  1 
ATOM   576 C CD  . GLN A 1 82  ? 7.994   3.990   -14.911 1.00 38.92 ? 81   GLN A CD  1 
ATOM   577 O OE1 . GLN A 1 82  ? 7.266   4.638   -15.659 1.00 42.67 ? 81   GLN A OE1 1 
ATOM   578 N NE2 . GLN A 1 82  ? 8.230   2.712   -15.082 1.00 39.85 ? 81   GLN A NE2 1 
ATOM   579 N N   . ALA A 1 83  ? 7.768   8.890   -12.683 1.00 27.37 ? 82   ALA A N   1 
ATOM   580 C CA  . ALA A 1 83  ? 6.994   10.076  -12.353 1.00 30.68 ? 82   ALA A CA  1 
ATOM   581 C C   . ALA A 1 83  ? 5.508   9.680   -12.228 1.00 31.84 ? 82   ALA A C   1 
ATOM   582 O O   . ALA A 1 83  ? 4.778   10.281  -11.414 1.00 32.62 ? 82   ALA A O   1 
ATOM   583 C CB  . ALA A 1 83  ? 7.174   11.169  -13.404 1.00 34.47 ? 82   ALA A CB  1 
ATOM   584 N N   . GLU A 1 84  ? 5.123   8.677   -13.027 1.00 30.50 ? 83   GLU A N   1 
ATOM   585 C CA  . GLU A 1 84  ? 3.771   8.129   -13.052 1.00 33.65 ? 83   GLU A CA  1 
ATOM   586 C C   . GLU A 1 84  ? 3.379   7.504   -11.717 1.00 31.57 ? 83   GLU A C   1 
ATOM   587 O O   . GLU A 1 84  ? 2.185   7.296   -11.456 1.00 31.78 ? 83   GLU A O   1 
ATOM   588 C CB  . GLU A 1 84  ? 3.608   7.077   -14.153 1.00 35.72 ? 83   GLU A CB  1 
ATOM   589 C CG  . GLU A 1 84  ? 4.377   5.788   -13.944 1.00 38.23 ? 83   GLU A CG  1 
ATOM   590 C CD  . GLU A 1 84  ? 3.936   4.690   -14.881 1.00 42.51 ? 83   GLU A CD  1 
ATOM   591 O OE1 . GLU A 1 84  ? 2.917   4.854   -15.593 1.00 46.84 ? 83   GLU A OE1 1 
ATOM   592 O OE2 . GLU A 1 84  ? 4.616   3.660   -14.931 1.00 51.32 ? 83   GLU A OE2 1 
ATOM   593 N N   . ASP A 1 85  ? 4.363   7.187   -10.893 1.00 24.86 ? 84   ASP A N   1 
ATOM   594 C CA  . ASP A 1 85  ? 4.077   6.547   -9.611  1.00 23.36 ? 84   ASP A CA  1 
ATOM   595 C C   . ASP A 1 85  ? 3.642   7.526   -8.585  1.00 23.17 ? 84   ASP A C   1 
ATOM   596 O O   . ASP A 1 85  ? 3.296   7.094   -7.476  1.00 21.89 ? 84   ASP A O   1 
ATOM   597 C CB  . ASP A 1 85  ? 5.291   5.788   -9.112  1.00 24.79 ? 84   ASP A CB  1 
ATOM   598 C CG  . ASP A 1 85  ? 5.668   4.640   -10.005 1.00 25.94 ? 84   ASP A CG  1 
ATOM   599 O OD1 . ASP A 1 85  ? 4.789   4.098   -10.698 1.00 25.84 ? 84   ASP A OD1 1 
ATOM   600 O OD2 . ASP A 1 85  ? 6.857   4.245   -10.010 1.00 26.03 ? 84   ASP A OD2 1 
ATOM   601 N N   . GLU A 1 86  ? 3.656   8.818   -8.866  1.00 22.32 ? 85   GLU A N   1 
ATOM   602 C CA  . GLU A 1 86  ? 3.201   9.867   -7.949  1.00 22.67 ? 85   GLU A CA  1 
ATOM   603 C C   . GLU A 1 86  ? 1.693   9.706   -7.902  1.00 23.54 ? 85   GLU A C   1 
ATOM   604 O O   . GLU A 1 86  ? 1.023   9.824   -8.909  1.00 25.76 ? 85   GLU A O   1 
ATOM   605 C CB  . GLU A 1 86  ? 3.629   11.280  -8.448  1.00 25.55 ? 85   GLU A CB  1 
ATOM   606 C CG  . GLU A 1 86  ? 3.112   12.461  -7.662  1.00 29.19 ? 85   GLU A CG  1 
ATOM   607 C CD  . GLU A 1 86  ? 4.082   13.631  -7.546  1.00 34.63 ? 85   GLU A CD  1 
ATOM   608 O OE1 . GLU A 1 86  ? 5.283   13.465  -7.863  1.00 34.00 ? 85   GLU A OE1 1 
ATOM   609 O OE2 . GLU A 1 86  ? 3.657   14.725  -7.096  1.00 42.10 ? 85   GLU A OE2 1 
ATOM   610 N N   . ALA A 1 87  ? 1.196   9.322   -6.735  1.00 18.75 ? 86   ALA A N   1 
ATOM   611 C CA  . ALA A 1 87  ? -0.218  9.000   -6.516  1.00 18.88 ? 86   ALA A CA  1 
ATOM   612 C C   . ALA A 1 87  ? -0.425  8.924   -5.016  1.00 17.54 ? 86   ALA A C   1 
ATOM   613 O O   . ALA A 1 87  ? 0.517   8.974   -4.264  1.00 18.25 ? 86   ALA A O   1 
ATOM   614 C CB  . ALA A 1 87  ? -0.565  7.686   -7.109  1.00 19.62 ? 86   ALA A CB  1 
ATOM   615 N N   . ASP A 1 88  ? -1.689  8.743   -4.613  1.00 17.33 ? 87   ASP A N   1 
ATOM   616 C CA  . ASP A 1 88  ? -2.048  8.468   -3.230  1.00 17.79 ? 87   ASP A CA  1 
ATOM   617 C C   . ASP A 1 88  ? -2.148  6.939   -3.097  1.00 16.05 ? 87   ASP A C   1 
ATOM   618 O O   . ASP A 1 88  ? -2.701  6.256   -3.937  1.00 17.59 ? 87   ASP A O   1 
ATOM   619 C CB  . ASP A 1 88  ? -3.404  9.109   -2.882  1.00 19.66 ? 87   ASP A CB  1 
ATOM   620 C CG  . ASP A 1 88  ? -3.352  10.612  -2.751  1.00 27.57 ? 87   ASP A CG  1 
ATOM   621 O OD1 . ASP A 1 88  ? -2.356  11.164  -2.280  1.00 32.59 ? 87   ASP A OD1 1 
ATOM   622 O OD2 . ASP A 1 88  ? -4.366  11.290  -3.096  1.00 33.74 ? 87   ASP A OD2 1 
ATOM   623 N N   . TYR A 1 89  ? -1.521  6.360   -2.099  1.00 14.31 ? 88   TYR A N   1 
ATOM   624 C CA  . TYR A 1 89  ? -1.560  4.932   -1.925  1.00 13.74 ? 88   TYR A CA  1 
ATOM   625 C C   . TYR A 1 89  ? -2.304  4.641   -0.581  1.00 12.86 ? 88   TYR A C   1 
ATOM   626 O O   . TYR A 1 89  ? -1.907  5.168   0.457   1.00 13.97 ? 88   TYR A O   1 
ATOM   627 C CB  . TYR A 1 89  ? -0.150  4.385   -1.855  1.00 13.40 ? 88   TYR A CB  1 
ATOM   628 C CG  . TYR A 1 89  ? 0.534   4.456   -3.172  1.00 13.39 ? 88   TYR A CG  1 
ATOM   629 C CD1 . TYR A 1 89  ? 1.119   5.653   -3.540  1.00 14.14 ? 88   TYR A CD1 1 
ATOM   630 C CD2 . TYR A 1 89  ? 0.631   3.349   -3.970  1.00 15.24 ? 88   TYR A CD2 1 
ATOM   631 C CE1 . TYR A 1 89  ? 1.832   5.701   -4.749  1.00 14.85 ? 88   TYR A CE1 1 
ATOM   632 C CE2 . TYR A 1 89  ? 1.214   3.408   -5.229  1.00 16.58 ? 88   TYR A CE2 1 
ATOM   633 C CZ  . TYR A 1 89  ? 1.815   4.574   -5.569  1.00 15.99 ? 88   TYR A CZ  1 
ATOM   634 O OH  . TYR A 1 89  ? 2.436   4.584   -6.825  1.00 20.59 ? 88   TYR A OH  1 
ATOM   635 N N   . TYR A 1 90  ? -3.287  3.734   -0.616  1.00 12.49 ? 89   TYR A N   1 
ATOM   636 C CA  . TYR A 1 90  ? -4.079  3.363   0.533   1.00 14.05 ? 89   TYR A CA  1 
ATOM   637 C C   . TYR A 1 90  ? -3.856  1.933   0.860   1.00 14.66 ? 89   TYR A C   1 
ATOM   638 O O   . TYR A 1 90  ? -3.679  1.104   -0.034  1.00 14.03 ? 89   TYR A O   1 
ATOM   639 C CB  . TYR A 1 90  ? -5.561  3.572   0.242   1.00 14.27 ? 89   TYR A CB  1 
ATOM   640 C CG  . TYR A 1 90  ? -5.956  5.053   0.105   1.00 14.26 ? 89   TYR A CG  1 
ATOM   641 C CD1 . TYR A 1 90  ? -6.328  5.777   1.187   1.00 17.35 ? 89   TYR A CD1 1 
ATOM   642 C CD2 . TYR A 1 90  ? -5.965  5.650   -1.148  1.00 17.46 ? 89   TYR A CD2 1 
ATOM   643 C CE1 . TYR A 1 90  ? -6.690  7.083   1.062   1.00 17.84 ? 89   TYR A CE1 1 
ATOM   644 C CE2 . TYR A 1 90  ? -6.309  6.980   -1.285  1.00 18.66 ? 89   TYR A CE2 1 
ATOM   645 C CZ  . TYR A 1 90  ? -6.673  7.674   -0.153  1.00 19.45 ? 89   TYR A CZ  1 
ATOM   646 O OH  . TYR A 1 90  ? -7.040  9.033   -0.205  1.00 25.95 ? 89   TYR A OH  1 
ATOM   647 N N   . CYS A 1 91  ? -3.866  1.610   2.151   1.00 12.70 ? 90   CYS A N   1 
ATOM   648 C CA  . CYS A 1 91  ? -3.908  0.212   2.548   1.00 13.33 ? 90   CYS A CA  1 
ATOM   649 C C   . CYS A 1 91  ? -5.250  -0.129  3.154   1.00 13.06 ? 90   CYS A C   1 
ATOM   650 O O   . CYS A 1 91  ? -5.911  0.736   3.680   1.00 14.64 ? 90   CYS A O   1 
ATOM   651 C CB  . CYS A 1 91  ? -2.799  -0.080  3.496   1.00 14.75 ? 90   CYS A CB  1 
ATOM   652 S SG  . CYS A 1 91  ? -2.952  0.776   5.066   1.00 18.51 ? 90   CYS A SG  1 
ATOM   653 N N   . SER A 1 92  ? -5.608  -1.368  3.077   1.00 13.24 ? 91   SER A N   1 
ATOM   654 C CA  . SER A 1 92  ? -6.797  -1.904  3.777   1.00 13.90 ? 91   SER A CA  1 
ATOM   655 C C   . SER A 1 92  ? -6.465  -3.249  4.372   1.00 14.78 ? 91   SER A C   1 
ATOM   656 O O   . SER A 1 92  ? -5.567  -3.951  3.909   1.00 14.05 ? 91   SER A O   1 
ATOM   657 C CB  . SER A 1 92  ? -7.994  -2.008  2.817   1.00 16.75 ? 91   SER A CB  1 
ATOM   658 O OG  . SER A 1 92  ? -7.898  -3.106  1.909   1.00 19.32 ? 91   SER A OG  1 
ATOM   659 N N   . SER A 1 93  ? -7.217  -3.644  5.401   1.00 13.70 ? 92   SER A N   1 
ATOM   660 C CA  . SER A 1 93  ? -7.100  -4.958  5.968   1.00 14.52 ? 92   SER A CA  1 
ATOM   661 C C   . SER A 1 93  ? -8.494  -5.447  6.323   1.00 14.62 ? 92   SER A C   1 
ATOM   662 O O   . SER A 1 93  ? -9.280  -4.673  6.839   1.00 15.43 ? 92   SER A O   1 
ATOM   663 C CB  . SER A 1 93  ? -6.314  -4.944  7.276   1.00 15.57 ? 92   SER A CB  1 
ATOM   664 O OG  . SER A 1 93  ? -6.170  -6.275  7.835   1.00 17.06 ? 92   SER A OG  1 
ATOM   665 N N   . TYR A 1 94  ? -8.716  -6.750  6.164   1.00 16.55 ? 93   TYR A N   1 
ATOM   666 C CA  . TYR A 1 94  ? -9.838  -7.414  6.851   1.00 17.91 ? 93   TYR A CA  1 
ATOM   667 C C   . TYR A 1 94  ? -9.740  -7.217  8.343   1.00 17.59 ? 93   TYR A C   1 
ATOM   668 O O   . TYR A 1 94  ? -8.627  -7.154  8.911   1.00 18.06 ? 93   TYR A O   1 
ATOM   669 C CB  . TYR A 1 94  ? -9.727  -8.886  6.541   1.00 17.36 ? 93   TYR A CB  1 
ATOM   670 C CG  . TYR A 1 94  ? -10.983 -9.703  6.879   1.00 18.89 ? 93   TYR A CG  1 
ATOM   671 C CD1 . TYR A 1 94  ? -12.209 -9.329  6.386   1.00 21.47 ? 93   TYR A CD1 1 
ATOM   672 C CD2 . TYR A 1 94  ? -10.881 -10.855 7.632   1.00 20.09 ? 93   TYR A CD2 1 
ATOM   673 C CE1 . TYR A 1 94  ? -13.344 -10.101 6.625   1.00 20.73 ? 93   TYR A CE1 1 
ATOM   674 C CE2 . TYR A 1 94  ? -12.026 -11.627 7.925   1.00 19.94 ? 93   TYR A CE2 1 
ATOM   675 C CZ  . TYR A 1 94  ? -13.233 -11.227 7.424   1.00 24.50 ? 93   TYR A CZ  1 
ATOM   676 O OH  . TYR A 1 94  ? -14.394 -11.953 7.687   1.00 23.91 ? 93   TYR A OH  1 
ATOM   677 N N   . GLU A 1 95  ? -10.869 -7.262  9.025   1.00 18.47 ? 94   GLU A N   1 
ATOM   678 C CA  . GLU A 1 95  ? -10.858 -7.118  10.473  1.00 19.91 ? 94   GLU A CA  1 
ATOM   679 C C   . GLU A 1 95  ? -11.824 -8.110  11.111  1.00 20.73 ? 94   GLU A C   1 
ATOM   680 O O   . GLU A 1 95  ? -12.258 -7.869  12.241  1.00 23.73 ? 94   GLU A O   1 
ATOM   681 C CB  . GLU A 1 95  ? -11.102 -5.686  10.930  1.00 22.44 ? 94   GLU A CB  1 
ATOM   682 C CG  . GLU A 1 95  ? -12.481 -5.097  10.651  1.00 24.81 ? 94   GLU A CG  1 
ATOM   683 C CD  . GLU A 1 95  ? -12.998 -4.036  11.659  1.00 28.76 ? 94   GLU A CD  1 
ATOM   684 O OE1 . GLU A 1 95  ? -12.339 -3.694  12.691  1.00 35.15 ? 94   GLU A OE1 1 
ATOM   685 O OE2 . GLU A 1 95  ? -14.094 -3.504  11.401  1.00 31.90 ? 94   GLU A OE2 1 
ATOM   686 N N   . GLY A 1 96  ? -12.131 -9.162  10.358  1.00 21.71 ? 95   GLY A N   1 
ATOM   687 C CA  . GLY A 1 96  ? -13.202 -10.093 10.731  1.00 22.40 ? 95   GLY A CA  1 
ATOM   688 C C   . GLY A 1 96  ? -14.586 -9.555  10.415  1.00 21.87 ? 95   GLY A C   1 
ATOM   689 O O   . GLY A 1 96  ? -14.842 -8.391  10.038  1.00 21.94 ? 95   GLY A O   1 
ATOM   690 N N   . SER A 1 97  ? -15.563 -10.438 10.583  1.00 24.28 ? 96   SER A N   1 
ATOM   691 C CA  . SER A 1 97  ? -16.975 -10.099 10.409  1.00 25.39 ? 96   SER A CA  1 
ATOM   692 C C   . SER A 1 97  ? -17.358 -9.526  9.077   1.00 24.22 ? 96   SER A C   1 
ATOM   693 O O   . SER A 1 97  ? -18.249 -8.685  8.980   1.00 26.60 ? 96   SER A O   1 
ATOM   694 C CB  . SER A 1 97  ? -17.423 -9.199  11.546  1.00 26.67 ? 96   SER A CB  1 
ATOM   695 O OG  . SER A 1 97  ? -16.858 -9.636  12.746  1.00 31.27 ? 96   SER A OG  1 
ATOM   696 N N   . ASP A 1 98  ? -16.678 -10.003 8.045   1.00 24.62 ? 97   ASP A N   1 
ATOM   697 C CA  . ASP A 1 98  ? -16.904 -9.521  6.706   1.00 25.63 ? 97   ASP A CA  1 
ATOM   698 C C   . ASP A 1 98  ? -16.636 -8.009  6.538   1.00 25.90 ? 97   ASP A C   1 
ATOM   699 O O   . ASP A 1 98  ? -17.201 -7.353  5.629   1.00 26.12 ? 97   ASP A O   1 
ATOM   700 C CB  . ASP A 1 98  ? -18.364 -9.814  6.312   1.00 29.18 ? 97   ASP A CB  1 
ATOM   701 C CG  . ASP A 1 98  ? -18.551 -9.809  4.853   1.00 35.44 ? 97   ASP A CG  1 
ATOM   702 O OD1 . ASP A 1 98  ? -17.620 -10.214 4.137   1.00 36.74 ? 97   ASP A OD1 1 
ATOM   703 O OD2 . ASP A 1 98  ? -19.644 -9.421  4.417   1.00 43.23 ? 97   ASP A OD2 1 
ATOM   704 N N   . ASN A 1 99  ? -15.748 -7.469  7.354   1.00 23.51 ? 98   ASN A N   1 
ATOM   705 C CA  . ASN A 1 99  ? -15.552 -6.044  7.453   1.00 22.97 ? 98   ASN A CA  1 
ATOM   706 C C   . ASN A 1 99  ? -14.102 -5.704  7.284   1.00 20.63 ? 98   ASN A C   1 
ATOM   707 O O   . ASN A 1 99  ? -13.222 -6.541  7.491   1.00 20.41 ? 98   ASN A O   1 
ATOM   708 C CB  . ASN A 1 99  ? -15.943 -5.506  8.809   1.00 21.24 ? 98   ASN A CB  1 
ATOM   709 C CG  . ASN A 1 99  ? -17.485 -5.454  9.014   1.00 27.67 ? 98   ASN A CG  1 
ATOM   710 O OD1 . ASN A 1 99  ? -18.269 -5.346  8.044   1.00 29.29 ? 98   ASN A OD1 1 
ATOM   711 N ND2 . ASN A 1 99  ? -17.908 -5.486  10.277  1.00 28.37 ? 98   ASN A ND2 1 
ATOM   712 N N   . PHE A 1 100 ? -13.912 -4.448  6.893   1.00 21.23 ? 99   PHE A N   1 
ATOM   713 C CA  . PHE A 1 100 ? -12.567 -3.940  6.562   1.00 18.86 ? 99   PHE A CA  1 
ATOM   714 C C   . PHE A 1 100 ? -12.243 -2.632  7.244   1.00 19.63 ? 99   PHE A C   1 
ATOM   715 O O   . PHE A 1 100 ? -13.127 -1.859  7.591   1.00 18.28 ? 99   PHE A O   1 
ATOM   716 C CB  . PHE A 1 100 ? -12.482 -3.798  5.069   1.00 20.77 ? 99   PHE A CB  1 
ATOM   717 C CG  . PHE A 1 100 ? -12.598 -5.103  4.334   1.00 22.37 ? 99   PHE A CG  1 
ATOM   718 C CD1 . PHE A 1 100 ? -13.839 -5.616  4.042   1.00 23.07 ? 99   PHE A CD1 1 
ATOM   719 C CD2 . PHE A 1 100 ? -11.479 -5.837  3.944   1.00 22.30 ? 99   PHE A CD2 1 
ATOM   720 C CE1 . PHE A 1 100 ? -13.971 -6.856  3.384   1.00 23.80 ? 99   PHE A CE1 1 
ATOM   721 C CE2 . PHE A 1 100 ? -11.622 -7.078  3.288   1.00 22.34 ? 99   PHE A CE2 1 
ATOM   722 C CZ  . PHE A 1 100 ? -12.884 -7.567  2.995   1.00 21.86 ? 99   PHE A CZ  1 
ATOM   723 N N   . VAL A 1 101 ? -10.937 -2.383  7.417   1.00 16.26 ? 100  VAL A N   1 
ATOM   724 C CA  . VAL A 1 101 ? -10.420 -1.113  7.887   1.00 16.80 ? 100  VAL A CA  1 
ATOM   725 C C   . VAL A 1 101 ? -9.430  -0.608  6.810   1.00 16.30 ? 100  VAL A C   1 
ATOM   726 O O   . VAL A 1 101 ? -8.876  -1.389  6.056   1.00 17.11 ? 100  VAL A O   1 
ATOM   727 C CB  . VAL A 1 101 ? -9.708  -1.208  9.241   1.00 18.07 ? 100  VAL A CB  1 
ATOM   728 C CG1 . VAL A 1 101 ? -10.681 -1.527  10.353  1.00 24.28 ? 100  VAL A CG1 1 
ATOM   729 C CG2 . VAL A 1 101 ? -8.627  -2.228  9.249   1.00 18.10 ? 100  VAL A CG2 1 
ATOM   730 N N   . CYS A 1 102 ? -9.317  0.707   6.764   1.00 17.51 ? 101  CYS A N   1 
ATOM   731 C CA  . CYS A 1 102 ? -8.536  1.429   5.768   1.00 17.06 ? 101  CYS A CA  1 
ATOM   732 C C   . CYS A 1 102 ? -7.607  2.435   6.406   1.00 19.50 ? 101  CYS A C   1 
ATOM   733 O O   . CYS A 1 102 ? -7.875  3.025   7.441   1.00 21.20 ? 101  CYS A O   1 
ATOM   734 C CB  . CYS A 1 102 ? -9.422  2.136   4.751   1.00 19.28 ? 101  CYS A CB  1 
ATOM   735 S SG  . CYS A 1 102 ? -10.310 0.944   3.706   1.00 24.35 ? 101  CYS A SG  1 
ATOM   736 N N   . GLY A 1 103 ? -6.493  2.685   5.763   1.00 15.94 ? 102  GLY A N   1 
ATOM   737 C CA  . GLY A 1 103 ? -5.704  3.841   6.121   1.00 18.27 ? 102  GLY A CA  1 
ATOM   738 C C   . GLY A 1 103 ? -6.186  5.114   5.450   1.00 16.58 ? 102  GLY A C   1 
ATOM   739 O O   . GLY A 1 103 ? -7.048  5.064   4.585   1.00 16.18 ? 102  GLY A O   1 
ATOM   740 N N   . THR A 1 104 ? -5.641  6.297   5.832   1.00 19.32 ? 103  THR A N   1 
ATOM   741 C CA  . THR A 1 104 ? -6.052  7.541   5.227   1.00 20.74 ? 103  THR A CA  1 
ATOM   742 C C   . THR A 1 104 ? -5.141  7.975   4.080   1.00 18.96 ? 103  THR A C   1 
ATOM   743 O O   . THR A 1 104 ? -5.303  9.069   3.522   1.00 20.98 ? 103  THR A O   1 
ATOM   744 C CB  . THR A 1 104 ? -6.104  8.704   6.266   1.00 23.34 ? 103  THR A CB  1 
ATOM   745 O OG1 . THR A 1 104 ? -4.907  8.688   6.989   1.00 25.92 ? 103  THR A OG1 1 
ATOM   746 C CG2 . THR A 1 104 ? -7.256  8.473   7.275   1.00 27.65 ? 103  THR A CG2 1 
ATOM   747 N N   . GLY A 1 105 ? -4.219  7.089   3.699   1.00 15.42 ? 104  GLY A N   1 
ATOM   748 C CA  . GLY A 1 105 ? -3.429  7.261   2.477   1.00 16.03 ? 104  GLY A CA  1 
ATOM   749 C C   . GLY A 1 105 ? -2.102  7.999   2.645   1.00 15.83 ? 104  GLY A C   1 
ATOM   750 O O   . GLY A 1 105 ? -1.922  8.831   3.551   1.00 14.96 ? 104  GLY A O   1 
ATOM   751 N N   . THR A 1 106 ? -1.191  7.638   1.747   1.00 14.73 ? 105  THR A N   1 
ATOM   752 C CA  . THR A 1 106 ? 0.101   8.267   1.693   1.00 14.72 ? 105  THR A CA  1 
ATOM   753 C C   . THR A 1 106 ? 0.215   8.867   0.296   1.00 15.18 ? 105  THR A C   1 
ATOM   754 O O   . THR A 1 106 ? 0.152   8.103   -0.645  1.00 15.92 ? 105  THR A O   1 
ATOM   755 C CB  . THR A 1 106 ? 1.199   7.213   1.879   1.00 14.52 ? 105  THR A CB  1 
ATOM   756 O OG1 . THR A 1 106 ? 1.121   6.664   3.203   1.00 13.19 ? 105  THR A OG1 1 
ATOM   757 C CG2 . THR A 1 106 ? 2.540   7.820   1.708   1.00 14.23 ? 105  THR A CG2 1 
ATOM   758 N N   . LYS A 1 107 ? 0.518   10.164  0.230   1.00 15.36 ? 106  LYS A N   1 
ATOM   759 C CA  . LYS A 1 107 ? 0.771   10.817  -1.037  1.00 17.26 ? 106  LYS A CA  1 
ATOM   760 C C   . LYS A 1 107 ? 2.266   10.602  -1.269  1.00 16.97 ? 106  LYS A C   1 
ATOM   761 O O   . LYS A 1 107 ? 3.089   11.118  -0.512  1.00 18.16 ? 106  LYS A O   1 
ATOM   762 C CB  . LYS A 1 107 ? 0.522   12.308  -0.968  1.00 21.63 ? 106  LYS A CB  1 
ATOM   763 C CG  . LYS A 1 107 ? 0.704   12.915  -2.374  1.00 24.99 ? 106  LYS A CG  1 
ATOM   764 C CD  . LYS A 1 107 ? 0.313   14.359  -2.497  1.00 30.46 ? 106  LYS A CD  1 
ATOM   765 N N   . VAL A 1 108 ? 2.616   9.900   -2.343  1.00 16.46 ? 107  VAL A N   1 
ATOM   766 C CA  . VAL A 1 108 ? 4.062   9.661   -2.711  1.00 17.59 ? 107  VAL A CA  1 
ATOM   767 C C   . VAL A 1 108 ? 4.470   10.700  -3.731  1.00 17.78 ? 107  VAL A C   1 
ATOM   768 O O   . VAL A 1 108 ? 3.842   10.803  -4.753  1.00 21.94 ? 107  VAL A O   1 
ATOM   769 C CB  . VAL A 1 108 ? 4.327   8.221   -3.222  1.00 18.66 ? 107  VAL A CB  1 
ATOM   770 C CG1 . VAL A 1 108 ? 5.790   8.043   -3.673  1.00 19.51 ? 107  VAL A CG1 1 
ATOM   771 C CG2 . VAL A 1 108 ? 4.019   7.183   -2.170  1.00 18.46 ? 107  VAL A CG2 1 
ATOM   772 N N   . THR A 1 109 ? 5.434   11.548  -3.373  1.00 19.76 ? 108  THR A N   1 
ATOM   773 C CA  . THR A 1 109 ? 5.989   12.615  -4.236  1.00 21.93 ? 108  THR A CA  1 
ATOM   774 C C   . THR A 1 109 ? 7.273   12.045  -4.877  1.00 21.19 ? 108  THR A C   1 
ATOM   775 O O   . THR A 1 109 ? 8.095   11.472  -4.211  1.00 22.54 ? 108  THR A O   1 
ATOM   776 C CB  . THR A 1 109 ? 6.328   13.867  -3.442  1.00 22.31 ? 108  THR A CB  1 
ATOM   777 O OG1 . THR A 1 109 ? 5.193   14.387  -2.729  1.00 24.53 ? 108  THR A OG1 1 
ATOM   778 C CG2 . THR A 1 109 ? 6.879   14.993  -4.380  1.00 22.46 ? 108  THR A CG2 1 
ATOM   779 N N   . VAL A 1 110 ? 7.406   12.147  -6.190  1.00 22.81 ? 109  VAL A N   1 
ATOM   780 C CA  . VAL A 1 110 ? 8.578   11.607  -6.888  1.00 22.51 ? 109  VAL A CA  1 
ATOM   781 C C   . VAL A 1 110 ? 9.422   12.802  -7.320  1.00 21.48 ? 109  VAL A C   1 
ATOM   782 O O   . VAL A 1 110 ? 8.957   13.661  -8.031  1.00 23.77 ? 109  VAL A O   1 
ATOM   783 C CB  . VAL A 1 110 ? 8.160   10.785  -8.117  1.00 24.75 ? 109  VAL A CB  1 
ATOM   784 C CG1 . VAL A 1 110 ? 9.395   10.431  -8.942  1.00 25.43 ? 109  VAL A CG1 1 
ATOM   785 C CG2 . VAL A 1 110 ? 7.353   9.566   -7.689  1.00 26.82 ? 109  VAL A CG2 1 
ATOM   786 N N   . LEU A 1 111 ? 10.644  12.863  -6.842  1.00 20.39 ? 110  LEU A N   1 
ATOM   787 C CA  . LEU A 1 111 ? 11.514  13.952  -7.185  1.00 24.74 ? 110  LEU A CA  1 
ATOM   788 C C   . LEU A 1 111 ? 12.699  13.362  -7.883  1.00 26.35 ? 110  LEU A C   1 
ATOM   789 O O   . LEU A 1 111 ? 12.755  12.194  -8.183  1.00 31.33 ? 110  LEU A O   1 
ATOM   790 C CB  . LEU A 1 111 ? 11.926  14.701  -5.948  1.00 26.12 ? 110  LEU A CB  1 
ATOM   791 C CG  . LEU A 1 111 ? 10.650  15.247  -5.352  1.00 27.92 ? 110  LEU A CG  1 
ATOM   792 C CD1 . LEU A 1 111 ? 10.802  15.774  -3.942  1.00 28.27 ? 110  LEU A CD1 1 
ATOM   793 C CD2 . LEU A 1 111 ? 10.029  16.295  -6.241  1.00 29.62 ? 110  LEU A CD2 1 
ATOM   794 O OXT . LEU A 1 111 ? 13.605  14.107  -8.187  1.00 31.68 ? 110  LEU A OXT 1 
HETATM 795 S S   . SO4 B 2 .   ? 10.241  10.521  3.195   1.00 36.19 ? 1111 SO4 A S   1 
HETATM 796 O O1  . SO4 B 2 .   ? 9.974   11.786  2.460   1.00 33.23 ? 1111 SO4 A O1  1 
HETATM 797 O O2  . SO4 B 2 .   ? 9.611   10.571  4.585   1.00 32.33 ? 1111 SO4 A O2  1 
HETATM 798 O O3  . SO4 B 2 .   ? 11.726  10.355  3.337   1.00 35.55 ? 1111 SO4 A O3  1 
HETATM 799 O O4  . SO4 B 2 .   ? 9.656   9.330   2.416   1.00 29.95 ? 1111 SO4 A O4  1 
HETATM 800 S S   . SO4 C 2 .   ? 0.018   -18.860 -2.484  1.00 43.26 ? 1112 SO4 A S   1 
HETATM 801 O O1  . SO4 C 2 .   ? -1.273  -18.420 -2.991  1.00 39.24 ? 1112 SO4 A O1  1 
HETATM 802 O O2  . SO4 C 2 .   ? 0.066   -18.476 -1.055  1.00 45.29 ? 1112 SO4 A O2  1 
HETATM 803 O O3  . SO4 C 2 .   ? 1.047   -18.171 -3.286  1.00 43.61 ? 1112 SO4 A O3  1 
HETATM 804 O O4  . SO4 C 2 .   ? 0.186   -20.346 -2.490  1.00 49.71 ? 1112 SO4 A O4  1 
HETATM 805 O O   . HOH D 3 .   ? -11.180 2.111   11.520  1.00 31.79 ? 2001 HOH A O   1 
HETATM 806 O O   . HOH D 3 .   ? -2.737  2.492   13.950  1.00 35.34 ? 2002 HOH A O   1 
HETATM 807 O O   . HOH D 3 .   ? -3.765  6.462   8.091   1.00 26.05 ? 2003 HOH A O   1 
HETATM 808 O O   . HOH D 3 .   ? -11.329 0.018   13.380  1.00 42.23 ? 2004 HOH A O   1 
HETATM 809 O O   . HOH D 3 .   ? 2.734   3.582   9.554   1.00 23.14 ? 2005 HOH A O   1 
HETATM 810 O O   . HOH D 3 .   ? -4.547  6.352   12.665  1.00 37.00 ? 2006 HOH A O   1 
HETATM 811 O O   . HOH D 3 .   ? -2.463  9.280   6.090   1.00 22.39 ? 2007 HOH A O   1 
HETATM 812 O O   . HOH D 3 .   ? 1.581   3.902   3.543   1.00 16.85 ? 2008 HOH A O   1 
HETATM 813 O O   . HOH D 3 .   ? -1.949  12.202  2.365   1.00 23.67 ? 2009 HOH A O   1 
HETATM 814 O O   . HOH D 3 .   ? 3.762   13.793  -0.282  1.00 26.32 ? 2010 HOH A O   1 
HETATM 815 O O   . HOH D 3 .   ? 7.183   9.167   5.273   1.00 23.93 ? 2011 HOH A O   1 
HETATM 816 O O   . HOH D 3 .   ? 12.502  6.777   -0.387  1.00 36.83 ? 2012 HOH A O   1 
HETATM 817 O O   . HOH D 3 .   ? 13.207  10.559  0.088   1.00 38.28 ? 2013 HOH A O   1 
HETATM 818 O O   . HOH D 3 .   ? 14.361  7.243   -3.337  1.00 30.45 ? 2014 HOH A O   1 
HETATM 819 O O   . HOH D 3 .   ? 19.036  7.806   -4.932  1.00 51.67 ? 2015 HOH A O   1 
HETATM 820 O O   . HOH D 3 .   ? 18.148  5.776   -9.366  1.00 40.50 ? 2016 HOH A O   1 
HETATM 821 O O   . HOH D 3 .   ? 17.997  7.374   -10.595 1.00 43.32 ? 2017 HOH A O   1 
HETATM 822 O O   . HOH D 3 .   ? 16.656  10.812  -10.958 1.00 38.63 ? 2018 HOH A O   1 
HETATM 823 O O   . HOH D 3 .   ? 12.327  6.396   -13.566 1.00 31.06 ? 2019 HOH A O   1 
HETATM 824 O O   . HOH D 3 .   ? 14.873  0.956   -7.792  1.00 34.00 ? 2020 HOH A O   1 
HETATM 825 O O   . HOH D 3 .   ? 14.725  4.455   -0.320  1.00 32.18 ? 2021 HOH A O   1 
HETATM 826 O O   . HOH D 3 .   ? 12.534  1.058   -0.362  1.00 32.06 ? 2022 HOH A O   1 
HETATM 827 O O   . HOH D 3 .   ? -5.280  4.515   -13.840 1.00 43.54 ? 2023 HOH A O   1 
HETATM 828 O O   . HOH D 3 .   ? 2.259   0.549   -12.976 1.00 45.94 ? 2024 HOH A O   1 
HETATM 829 O O   . HOH D 3 .   ? 11.651  4.230   1.422   1.00 28.68 ? 2025 HOH A O   1 
HETATM 830 O O   . HOH D 3 .   ? 11.333  5.288   1.660   1.00 29.81 ? 2026 HOH A O   1 
HETATM 831 O O   . HOH D 3 .   ? 9.552   6.289   3.272   1.00 28.33 ? 2027 HOH A O   1 
HETATM 832 O O   . HOH D 3 .   ? 8.290   2.433   5.394   1.00 29.04 ? 2028 HOH A O   1 
HETATM 833 O O   . HOH D 3 .   ? 7.237   6.412   4.492   1.00 27.69 ? 2029 HOH A O   1 
HETATM 834 O O   . HOH D 3 .   ? 6.696   4.533   6.590   1.00 25.12 ? 2030 HOH A O   1 
HETATM 835 O O   . HOH D 3 .   ? 0.079   -2.150  16.719  1.00 36.21 ? 2031 HOH A O   1 
HETATM 836 O O   . HOH D 3 .   ? -1.708  0.718   15.329  1.00 39.73 ? 2032 HOH A O   1 
HETATM 837 O O   . HOH D 3 .   ? -7.935  -4.490  17.156  1.00 39.43 ? 2033 HOH A O   1 
HETATM 838 O O   . HOH D 3 .   ? -6.223  -9.229  20.113  1.00 37.58 ? 2034 HOH A O   1 
HETATM 839 O O   . HOH D 3 .   ? -10.152 -9.715  13.712  1.00 29.65 ? 2035 HOH A O   1 
HETATM 840 O O   . HOH D 3 .   ? -11.365 -6.298  14.743  1.00 50.00 ? 2036 HOH A O   1 
HETATM 841 O O   . HOH D 3 .   ? -4.881  -8.647  7.185   1.00 25.16 ? 2037 HOH A O   1 
HETATM 842 O O   . HOH D 3 .   ? -9.830  -3.202  13.687  1.00 36.12 ? 2038 HOH A O   1 
HETATM 843 O O   . HOH D 3 .   ? -12.242 -13.687 12.723  1.00 32.34 ? 2039 HOH A O   1 
HETATM 844 O O   . HOH D 3 .   ? -5.379  -14.812 7.310   1.00 40.63 ? 2040 HOH A O   1 
HETATM 845 O O   . HOH D 3 .   ? -3.967  -14.615 2.381   1.00 37.78 ? 2041 HOH A O   1 
HETATM 846 O O   . HOH D 3 .   ? -0.854  -13.206 9.687   1.00 38.29 ? 2042 HOH A O   1 
HETATM 847 O O   . HOH D 3 .   ? -6.285  -8.686  0.742   1.00 23.31 ? 2043 HOH A O   1 
HETATM 848 O O   . HOH D 3 .   ? -7.978  -5.772  2.538   1.00 22.97 ? 2044 HOH A O   1 
HETATM 849 O O   . HOH D 3 .   ? 0.959   14.055  -10.954 1.00 54.62 ? 2045 HOH A O   1 
HETATM 850 O O   . HOH D 3 .   ? -8.933  -5.985  -1.807  1.00 48.27 ? 2046 HOH A O   1 
HETATM 851 O O   . HOH D 3 .   ? 0.759   -6.198  2.977   1.00 41.45 ? 2047 HOH A O   1 
HETATM 852 O O   . HOH D 3 .   ? 1.447   -5.660  2.422   1.00 17.08 ? 2048 HOH A O   1 
HETATM 853 O O   . HOH D 3 .   ? -20.268 -11.450 11.636  1.00 37.57 ? 2049 HOH A O   1 
HETATM 854 O O   . HOH D 3 .   ? -10.178 1.840   -0.715  1.00 40.09 ? 2050 HOH A O   1 
HETATM 855 O O   . HOH D 3 .   ? -3.852  3.574   -10.780 1.00 35.71 ? 2051 HOH A O   1 
HETATM 856 O O   . HOH D 3 .   ? -5.983  5.169   -9.899  1.00 25.30 ? 2052 HOH A O   1 
HETATM 857 O O   . HOH D 3 .   ? 2.374   2.847   -11.524 1.00 28.94 ? 2053 HOH A O   1 
HETATM 858 O O   . HOH D 3 .   ? 2.265   4.198   -11.469 1.00 33.39 ? 2054 HOH A O   1 
HETATM 859 O O   . HOH D 3 .   ? -0.019  -0.705  -11.413 1.00 50.25 ? 2055 HOH A O   1 
HETATM 860 O O   . HOH D 3 .   ? -5.230  10.773  -5.814  1.00 31.50 ? 2056 HOH A O   1 
HETATM 861 O O   . HOH D 3 .   ? -8.046  11.339  -6.674  1.00 43.24 ? 2057 HOH A O   1 
HETATM 862 O O   . HOH D 3 .   ? -11.724 9.797   -7.706  1.00 31.08 ? 2058 HOH A O   1 
HETATM 863 O O   . HOH D 3 .   ? -9.682  4.327   -0.148  1.00 39.73 ? 2059 HOH A O   1 
HETATM 864 O O   . HOH D 3 .   ? -11.003 7.020   -1.590  0.50 40.05 ? 2060 HOH A O   1 
HETATM 865 O O   . HOH D 3 .   ? -1.933  11.187  -9.647  1.00 36.26 ? 2061 HOH A O   1 
HETATM 866 O O   . HOH D 3 .   ? -8.418  3.028   -11.578 1.00 36.06 ? 2062 HOH A O   1 
HETATM 867 O O   . HOH D 3 .   ? -8.182  -2.502  -9.560  1.00 32.67 ? 2063 HOH A O   1 
HETATM 868 O O   . HOH D 3 .   ? -9.074  -3.065  -8.484  1.00 38.82 ? 2064 HOH A O   1 
HETATM 869 O O   . HOH D 3 .   ? -5.711  -3.920  -10.539 1.00 37.95 ? 2065 HOH A O   1 
HETATM 870 O O   . HOH D 3 .   ? -6.365  -10.586 0.934   1.00 67.33 ? 2066 HOH A O   1 
HETATM 871 O O   . HOH D 3 .   ? 4.940   -8.791  -3.038  1.00 26.24 ? 2067 HOH A O   1 
HETATM 872 O O   . HOH D 3 .   ? 4.756   -8.245  -4.146  1.00 38.80 ? 2068 HOH A O   1 
HETATM 873 O O   . HOH D 3 .   ? 5.596   -11.502 2.085   1.00 30.21 ? 2069 HOH A O   1 
HETATM 874 O O   . HOH D 3 .   ? -0.211  -17.224 -5.694  1.00 44.20 ? 2070 HOH A O   1 
HETATM 875 O O   . HOH D 3 .   ? 2.013   -11.966 -7.184  1.00 35.66 ? 2071 HOH A O   1 
HETATM 876 O O   . HOH D 3 .   ? 0.258   -10.918 -11.350 1.00 32.85 ? 2072 HOH A O   1 
HETATM 877 O O   . HOH D 3 .   ? -0.593  -13.624 -7.596  1.00 45.97 ? 2073 HOH A O   1 
HETATM 878 O O   . HOH D 3 .   ? 5.972   -13.167 -7.549  1.00 36.85 ? 2074 HOH A O   1 
HETATM 879 O O   . HOH D 3 .   ? 6.943   -13.229 -11.078 1.00 30.08 ? 2075 HOH A O   1 
HETATM 880 O O   . HOH D 3 .   ? 4.037   -12.867 -10.572 1.00 47.67 ? 2076 HOH A O   1 
HETATM 881 O O   . HOH D 3 .   ? -5.501  -10.935 -11.265 1.00 42.29 ? 2077 HOH A O   1 
HETATM 882 O O   . HOH D 3 .   ? -4.522  -4.447  -12.873 1.00 39.44 ? 2078 HOH A O   1 
HETATM 883 O O   . HOH D 3 .   ? 6.650   -7.421  -13.787 1.00 37.20 ? 2079 HOH A O   1 
HETATM 884 O O   . HOH D 3 .   ? 8.769   -3.996  -13.127 1.00 33.29 ? 2080 HOH A O   1 
HETATM 885 O O   . HOH D 3 .   ? 9.030   -7.701  -15.317 1.00 34.52 ? 2081 HOH A O   1 
HETATM 886 O O   . HOH D 3 .   ? 9.502   -3.692  -4.863  1.00 33.95 ? 2082 HOH A O   1 
HETATM 887 O O   . HOH D 3 .   ? 4.601   0.762   -14.477 1.00 50.85 ? 2083 HOH A O   1 
HETATM 888 O O   . HOH D 3 .   ? 8.448   -5.884  -0.458  1.00 33.93 ? 2084 HOH A O   1 
HETATM 889 O O   . HOH D 3 .   ? 6.532   -10.208 0.861   1.00 23.51 ? 2085 HOH A O   1 
HETATM 890 O O   . HOH D 3 .   ? 7.328   -4.207  1.195   1.00 27.73 ? 2086 HOH A O   1 
HETATM 891 O O   . HOH D 3 .   ? 5.409   -10.492 4.513   1.00 27.83 ? 2087 HOH A O   1 
HETATM 892 O O   . HOH D 3 .   ? 1.522   -10.281 11.033  1.00 33.27 ? 2088 HOH A O   1 
HETATM 893 O O   . HOH D 3 .   ? 4.300   -4.315  14.052  1.00 24.91 ? 2089 HOH A O   1 
HETATM 894 O O   . HOH D 3 .   ? 6.141   -4.624  7.180   1.00 25.06 ? 2090 HOH A O   1 
HETATM 895 O O   . HOH D 3 .   ? 11.102  -4.725  0.104   1.00 37.78 ? 2091 HOH A O   1 
HETATM 896 O O   . HOH D 3 .   ? 10.845  1.783   -13.563 1.00 34.12 ? 2092 HOH A O   1 
HETATM 897 O O   . HOH D 3 .   ? 6.209   7.888   -15.726 1.00 37.75 ? 2093 HOH A O   1 
HETATM 898 O O   . HOH D 3 .   ? 9.503   6.827   -15.870 1.00 39.39 ? 2094 HOH A O   1 
HETATM 899 O O   . HOH D 3 .   ? 9.602   9.183   -15.006 1.00 37.26 ? 2095 HOH A O   1 
HETATM 900 O O   . HOH D 3 .   ? 4.501   2.276   -17.145 1.00 44.27 ? 2096 HOH A O   1 
HETATM 901 O O   . HOH D 3 .   ? 1.123   10.991  -11.250 1.00 39.77 ? 2097 HOH A O   1 
HETATM 902 O O   . HOH D 3 .   ? 7.010   15.584  -8.277  1.00 38.92 ? 2098 HOH A O   1 
HETATM 903 O O   . HOH D 3 .   ? -2.707  10.051  0.298   1.00 35.44 ? 2099 HOH A O   1 
HETATM 904 O O   . HOH D 3 .   ? -14.024 -13.935 9.447   1.00 28.07 ? 2100 HOH A O   1 
HETATM 905 O O   . HOH D 3 .   ? -14.875 -8.064  13.291  1.00 34.93 ? 2101 HOH A O   1 
HETATM 906 O O   . HOH D 3 .   ? -15.238 -1.683  9.303   1.00 38.92 ? 2102 HOH A O   1 
HETATM 907 O O   . HOH D 3 .   ? -14.975 -12.653 12.329  1.00 27.30 ? 2103 HOH A O   1 
HETATM 908 O O   . HOH D 3 .   ? -14.685 -11.322 14.644  1.00 31.08 ? 2104 HOH A O   1 
HETATM 909 O O   . HOH D 3 .   ? -17.940 -12.128 13.612  1.00 25.27 ? 2105 HOH A O   1 
HETATM 910 O O   . HOH D 3 .   ? -21.434 -9.271  6.568   1.00 46.52 ? 2106 HOH A O   1 
HETATM 911 O O   . HOH D 3 .   ? -16.253 -2.897  6.065   1.00 29.85 ? 2107 HOH A O   1 
HETATM 912 O O   . HOH D 3 .   ? -13.808 1.092   7.907   1.00 30.18 ? 2108 HOH A O   1 
HETATM 913 O O   . HOH D 3 .   ? -10.896 2.172   8.827   1.00 21.81 ? 2109 HOH A O   1 
HETATM 914 O O   . HOH D 3 .   ? -11.438 2.100   7.024   1.00 81.58 ? 2110 HOH A O   1 
HETATM 915 O O   . HOH D 3 .   ? -9.451  6.780   3.197   1.00 42.63 ? 2111 HOH A O   1 
HETATM 916 O O   . HOH D 3 .   ? 13.681  16.953  -8.292  1.00 28.81 ? 2112 HOH A O   1 
HETATM 917 O O   . HOH D 3 .   ? 1.172   -17.330 0.882   1.00 43.18 ? 2113 HOH A O   1 
# 
